data_9MTK
#
_entry.id   9MTK
#
_cell.length_a   1.00
_cell.length_b   1.00
_cell.length_c   1.00
_cell.angle_alpha   90.00
_cell.angle_beta   90.00
_cell.angle_gamma   90.00
#
_symmetry.space_group_name_H-M   'P 1'
#
loop_
_entity.id
_entity.type
_entity.pdbx_description
1 polymer Hemagglutinin
2 polymer 'Heavy chain of Fab from porcine antibody 24-1G17'
3 polymer 'Light chain of Fab from porcine antibody 24-1G17'
4 polymer Hemagglutinin
#
loop_
_entity_poly.entity_id
_entity_poly.type
_entity_poly.pdbx_seq_one_letter_code
_entity_poly.pdbx_strand_id
1 'polypeptide(L)'
;DTLCIGYHANNSTDTVDTVLEKNVTVTHSVNLLEDKHNGKLCKLRGVAPLHLGKCNIAGWILGNPECESLSTARSWSYIV
ETSNSDNGTCYPGDFINYEELREQLSSVSSFERFEIFPKTSSWPNHDSDKGVTAACPHAGAKSFYKNLIWLVKKGNSYPK
LNQTYINDKGKEVLVLWGIHHPPTIAAQESLYQNADAYVFVGTSRYSKKFKPEIATRPKVRDQEGRMNYYWTLVEPGDKI
TFEATGNLVVPRYAFTMERDAGSGIIISDTPVHDCNTTCQTPEGAINTSLPFQNVHPITIGKCPKYVKSTKLRLATGLRN
VPSIQSR
;
A,C,E
2 'polypeptide(L)'
;EEKLVESGGGLVQPGGSLRLSCVGSGFGFSYTYINWVRQAPGKGLEWLAAISSSGGDTYYAVSVKGRFTVSRDNSQNTAY
LQMNSLRTEDTARYYCATHAVRLAVASFFVDPMDLWGPGVEVVVSSASTKGPS
;
H,I,M
3 'polypeptide(L)'
;QTVIQEPAMSVSPGGTVTLTCAFSSGSVTTSNYPSWFQQTPGQPPRLLIYKTNGRPTGVPSRVSGAISGNKAALTITGAQ
AEDEADYFCALYKSIANIRFGAGTPLTVLGQPKAAP
;
J,L,N
4 'polypeptide(L)'
;GLFGAIAGFIEGGWTGMVDGWYGYHHQNEQGSGYAADLKSTQNAIDKITNKVNSVIEKMNTQFTAVGKEFNHLEKRIENL
NKKVDDGFLDIWTYNAELLVLLENERTLDYHDSNVKNLYEKVRNQLKNNAKEIGNGCFEFYHKCDNTCMESVKNGTYDYP
KYSEEAKLNREKID
;
B,D,F
#
# COMPACT_ATOMS: atom_id res chain seq x y z
N ASP A 1 12.45 -41.16 34.87
CA ASP A 1 11.68 -40.91 33.65
C ASP A 1 11.68 -39.43 33.32
N THR A 2 11.83 -39.11 32.04
CA THR A 2 11.90 -37.73 31.61
C THR A 2 11.08 -37.54 30.34
N LEU A 3 10.31 -36.45 30.26
CA LEU A 3 9.56 -36.07 29.03
C LEU A 3 10.00 -34.66 28.67
N CYS A 4 10.65 -34.50 27.53
CA CYS A 4 11.10 -33.16 27.09
C CYS A 4 10.18 -32.57 26.01
N ILE A 5 10.04 -31.26 25.95
CA ILE A 5 9.25 -30.60 24.87
C ILE A 5 10.27 -29.87 24.00
N GLY A 6 10.16 -29.99 22.68
CA GLY A 6 11.16 -29.44 21.79
C GLY A 6 10.60 -29.19 20.42
N TYR A 7 11.43 -28.58 19.58
CA TYR A 7 11.06 -28.23 18.22
C TYR A 7 12.06 -28.83 17.24
N HIS A 8 11.80 -28.58 15.96
CA HIS A 8 12.54 -29.19 14.87
C HIS A 8 13.76 -28.36 14.48
N ALA A 9 14.79 -29.05 14.00
CA ALA A 9 15.96 -28.40 13.42
C ALA A 9 16.48 -29.28 12.30
N ASN A 10 16.98 -28.66 11.23
CA ASN A 10 17.47 -29.40 10.08
C ASN A 10 18.63 -28.66 9.45
N ASN A 11 19.27 -29.32 8.48
CA ASN A 11 20.40 -28.75 7.75
C ASN A 11 19.88 -27.96 6.55
N SER A 12 19.23 -26.84 6.86
CA SER A 12 18.73 -25.93 5.86
C SER A 12 19.43 -24.59 5.98
N THR A 13 19.86 -24.04 4.84
CA THR A 13 20.52 -22.76 4.78
C THR A 13 19.59 -21.69 4.21
N ASP A 14 18.28 -21.94 4.26
CA ASP A 14 17.29 -21.00 3.77
C ASP A 14 17.21 -19.82 4.73
N THR A 15 17.32 -18.62 4.18
CA THR A 15 17.42 -17.39 4.96
C THR A 15 16.26 -16.47 4.62
N VAL A 16 15.60 -15.96 5.65
CA VAL A 16 14.53 -14.99 5.50
C VAL A 16 14.94 -13.69 6.17
N ASP A 17 14.41 -12.60 5.66
CA ASP A 17 14.64 -11.28 6.22
C ASP A 17 13.49 -10.89 7.12
N THR A 18 13.81 -10.29 8.26
CA THR A 18 12.84 -9.99 9.30
C THR A 18 12.99 -8.53 9.70
N VAL A 19 11.88 -7.93 10.13
CA VAL A 19 11.88 -6.49 10.41
C VAL A 19 12.81 -6.17 11.58
N LEU A 20 13.06 -7.14 12.45
CA LEU A 20 13.95 -6.94 13.59
C LEU A 20 15.31 -7.60 13.43
N GLU A 21 15.43 -8.62 12.59
CA GLU A 21 16.69 -9.34 12.42
C GLU A 21 16.93 -9.62 10.95
N LYS A 22 18.19 -9.49 10.53
CA LYS A 22 18.58 -9.80 9.16
C LYS A 22 19.21 -11.18 9.10
N ASN A 23 18.98 -11.87 7.98
CA ASN A 23 19.55 -13.20 7.72
C ASN A 23 19.18 -14.20 8.80
N VAL A 24 17.90 -14.51 8.94
CA VAL A 24 17.48 -15.52 9.90
C VAL A 24 17.30 -16.84 9.16
N THR A 25 18.05 -17.86 9.58
CA THR A 25 17.93 -19.18 8.98
C THR A 25 16.68 -19.86 9.51
N VAL A 26 15.86 -20.38 8.60
CA VAL A 26 14.60 -21.01 8.97
C VAL A 26 14.55 -22.40 8.36
N THR A 27 13.77 -23.28 8.99
CA THR A 27 13.71 -24.67 8.57
C THR A 27 12.98 -24.85 7.25
N HIS A 28 11.93 -24.06 7.01
CA HIS A 28 11.16 -24.18 5.77
C HIS A 28 10.84 -22.80 5.26
N SER A 29 10.76 -22.67 3.94
CA SER A 29 10.55 -21.38 3.29
C SER A 29 9.83 -21.59 1.98
N VAL A 30 9.16 -20.54 1.51
CA VAL A 30 8.60 -20.50 0.17
C VAL A 30 9.13 -19.24 -0.51
N ASN A 31 9.17 -19.29 -1.84
CA ASN A 31 9.64 -18.16 -2.63
C ASN A 31 8.45 -17.52 -3.32
N LEU A 32 8.22 -16.24 -3.02
CA LEU A 32 7.13 -15.48 -3.62
C LEU A 32 7.54 -14.73 -4.86
N LEU A 33 8.78 -14.90 -5.32
CA LEU A 33 9.32 -14.16 -6.45
C LEU A 33 9.77 -15.14 -7.52
N GLU A 34 9.50 -14.78 -8.78
CA GLU A 34 9.89 -15.58 -9.93
C GLU A 34 10.95 -14.82 -10.70
N ASP A 35 12.07 -15.50 -10.98
CA ASP A 35 13.16 -14.86 -11.70
C ASP A 35 13.67 -15.70 -12.86
N LYS A 36 12.85 -16.60 -13.40
CA LYS A 36 13.26 -17.49 -14.48
C LYS A 36 12.27 -17.41 -15.63
N HIS A 37 12.78 -17.64 -16.83
CA HIS A 37 11.94 -17.66 -18.03
C HIS A 37 12.54 -18.62 -19.04
N ASN A 38 11.68 -19.11 -19.94
CA ASN A 38 12.13 -20.07 -20.94
C ASN A 38 12.93 -19.41 -22.05
N GLY A 39 12.93 -18.09 -22.15
CA GLY A 39 13.75 -17.42 -23.14
C GLY A 39 13.31 -17.65 -24.57
N LYS A 40 12.05 -18.00 -24.78
CA LYS A 40 11.52 -18.19 -26.13
C LYS A 40 10.09 -17.68 -26.18
N LEU A 41 9.78 -16.91 -27.22
CA LEU A 41 8.43 -16.42 -27.44
C LEU A 41 7.54 -17.55 -27.95
N CYS A 42 6.38 -17.71 -27.32
CA CYS A 42 5.49 -18.80 -27.66
C CYS A 42 4.06 -18.29 -27.55
N LYS A 43 3.14 -19.05 -28.14
CA LYS A 43 1.78 -18.58 -28.37
C LYS A 43 1.01 -18.44 -27.07
N LEU A 44 0.11 -17.47 -27.03
CA LEU A 44 -0.85 -17.33 -25.95
C LEU A 44 -2.20 -17.90 -26.38
N ARG A 45 -2.77 -18.76 -25.56
CA ARG A 45 -4.12 -19.29 -25.77
C ARG A 45 -4.26 -20.00 -27.10
N GLY A 46 -3.21 -20.72 -27.52
CA GLY A 46 -3.29 -21.51 -28.73
C GLY A 46 -2.96 -20.75 -30.01
N VAL A 47 -3.37 -19.49 -30.07
CA VAL A 47 -3.13 -18.70 -31.27
C VAL A 47 -1.72 -18.12 -31.26
N ALA A 48 -0.99 -18.37 -32.34
CA ALA A 48 0.37 -17.90 -32.46
C ALA A 48 0.42 -16.38 -32.64
N PRO A 49 1.54 -15.75 -32.30
CA PRO A 49 1.66 -14.31 -32.52
C PRO A 49 2.05 -14.00 -33.96
N LEU A 50 1.92 -12.73 -34.31
CA LEU A 50 2.30 -12.23 -35.63
C LEU A 50 3.72 -11.70 -35.55
N HIS A 51 4.63 -12.31 -36.31
CA HIS A 51 6.04 -11.94 -36.26
C HIS A 51 6.39 -11.13 -37.50
N LEU A 52 6.67 -9.84 -37.30
CA LEU A 52 7.12 -8.95 -38.37
C LEU A 52 8.64 -8.92 -38.32
N GLY A 53 9.25 -9.83 -39.07
CA GLY A 53 10.68 -10.03 -38.99
C GLY A 53 11.52 -8.82 -39.31
N LYS A 54 11.53 -8.39 -40.56
CA LYS A 54 12.30 -7.23 -40.98
C LYS A 54 11.44 -6.01 -41.21
N CYS A 55 10.15 -6.08 -40.88
CA CYS A 55 9.23 -4.98 -41.10
C CYS A 55 8.68 -4.46 -39.78
N ASN A 56 8.20 -3.23 -39.81
CA ASN A 56 7.36 -2.70 -38.75
C ASN A 56 5.91 -2.77 -39.20
N ILE A 57 5.01 -2.22 -38.38
CA ILE A 57 3.59 -2.29 -38.69
C ILE A 57 3.29 -1.48 -39.95
N ALA A 58 4.01 -0.38 -40.15
CA ALA A 58 3.80 0.46 -41.33
C ALA A 58 4.08 -0.32 -42.61
N GLY A 59 5.23 -0.99 -42.68
CA GLY A 59 5.56 -1.73 -43.88
C GLY A 59 4.66 -2.93 -44.11
N TRP A 60 4.28 -3.61 -43.03
CA TRP A 60 3.39 -4.76 -43.15
C TRP A 60 2.01 -4.33 -43.63
N ILE A 61 1.51 -3.21 -43.13
CA ILE A 61 0.16 -2.77 -43.47
C ILE A 61 0.11 -2.07 -44.82
N LEU A 62 1.22 -1.49 -45.27
CA LEU A 62 1.24 -0.83 -46.57
C LEU A 62 1.60 -1.79 -47.70
N GLY A 63 2.24 -2.90 -47.39
CA GLY A 63 2.65 -3.84 -48.43
C GLY A 63 4.02 -3.56 -48.96
N ASN A 64 5.00 -3.44 -48.07
CA ASN A 64 6.37 -3.22 -48.47
C ASN A 64 6.85 -4.38 -49.33
N PRO A 65 7.59 -4.13 -50.40
CA PRO A 65 8.09 -5.23 -51.23
C PRO A 65 8.92 -6.24 -50.46
N GLU A 66 9.62 -5.82 -49.40
CA GLU A 66 10.41 -6.73 -48.58
C GLU A 66 9.60 -7.30 -47.41
N CYS A 67 8.28 -7.39 -47.58
CA CYS A 67 7.42 -7.95 -46.55
C CYS A 67 6.35 -8.87 -47.11
N GLU A 68 6.57 -9.46 -48.29
CA GLU A 68 5.52 -10.26 -48.91
C GLU A 68 5.24 -11.55 -48.13
N SER A 69 6.25 -12.13 -47.50
CA SER A 69 6.03 -13.33 -46.70
C SER A 69 5.10 -13.03 -45.53
N ALA A 73 -2.11 -13.79 -41.34
CA ALA A 73 -2.87 -14.72 -40.46
C ALA A 73 -4.16 -14.04 -40.01
N ARG A 74 -5.24 -14.80 -39.94
CA ARG A 74 -6.53 -14.18 -39.62
C ARG A 74 -6.52 -13.75 -38.15
N SER A 75 -5.68 -14.37 -37.31
CA SER A 75 -5.71 -14.04 -35.87
C SER A 75 -4.32 -14.12 -35.24
N TRP A 76 -4.07 -13.28 -34.25
CA TRP A 76 -2.83 -13.23 -33.49
C TRP A 76 -3.10 -12.70 -32.09
N SER A 77 -2.43 -13.26 -31.10
CA SER A 77 -2.58 -12.81 -29.72
C SER A 77 -1.82 -11.51 -29.48
N TYR A 78 -0.63 -11.39 -30.07
CA TYR A 78 0.19 -10.21 -29.92
C TYR A 78 1.12 -10.09 -31.10
N ILE A 79 1.66 -8.90 -31.31
CA ILE A 79 2.58 -8.60 -32.40
C ILE A 79 3.99 -8.54 -31.84
N VAL A 80 4.92 -9.18 -32.55
CA VAL A 80 6.33 -9.18 -32.19
C VAL A 80 7.09 -8.44 -33.27
N GLU A 81 7.77 -7.38 -32.88
CA GLU A 81 8.70 -6.68 -33.76
C GLU A 81 10.13 -6.95 -33.32
N THR A 82 11.08 -6.54 -34.16
CA THR A 82 12.48 -6.80 -33.92
C THR A 82 13.25 -5.49 -33.96
N SER A 83 14.39 -5.48 -33.27
CA SER A 83 15.19 -4.26 -33.18
C SER A 83 15.75 -3.83 -34.53
N ASN A 84 15.83 -4.74 -35.50
CA ASN A 84 16.33 -4.42 -36.83
C ASN A 84 15.19 -4.33 -37.85
N SER A 85 13.99 -3.96 -37.39
CA SER A 85 12.84 -3.78 -38.27
C SER A 85 12.86 -2.37 -38.85
N ASP A 86 13.70 -2.20 -39.87
CA ASP A 86 13.89 -0.90 -40.51
C ASP A 86 13.11 -0.75 -41.81
N ASN A 87 12.35 -1.75 -42.22
CA ASN A 87 11.64 -1.72 -43.49
C ASN A 87 10.20 -1.29 -43.24
N GLY A 88 9.95 0.01 -43.35
CA GLY A 88 8.62 0.55 -43.16
C GLY A 88 8.10 1.24 -44.40
N THR A 89 8.06 2.57 -44.37
CA THR A 89 7.62 3.36 -45.52
C THR A 89 8.83 3.56 -46.43
N CYS A 90 8.84 2.81 -47.54
CA CYS A 90 9.92 2.90 -48.49
C CYS A 90 10.00 4.28 -49.14
N TYR A 91 8.86 4.83 -49.52
CA TYR A 91 8.84 6.20 -50.03
C TYR A 91 8.71 7.17 -48.87
N PRO A 92 9.61 8.16 -48.77
CA PRO A 92 9.59 9.04 -47.59
C PRO A 92 8.31 9.83 -47.47
N GLY A 93 7.93 10.09 -46.22
CA GLY A 93 6.73 10.87 -45.95
C GLY A 93 6.37 10.75 -44.49
N ASP A 94 5.18 11.24 -44.18
CA ASP A 94 4.64 11.20 -42.82
C ASP A 94 3.44 10.28 -42.79
N PHE A 95 3.48 9.30 -41.90
CA PHE A 95 2.36 8.39 -41.66
C PHE A 95 1.51 9.01 -40.56
N ILE A 96 0.41 9.63 -40.95
CA ILE A 96 -0.39 10.42 -40.02
C ILE A 96 -1.17 9.49 -39.09
N ASN A 97 -1.08 9.78 -37.80
CA ASN A 97 -1.70 8.98 -36.74
C ASN A 97 -1.21 7.53 -36.80
N TYR A 98 0.10 7.38 -36.97
CA TYR A 98 0.70 6.05 -37.03
C TYR A 98 0.59 5.33 -35.70
N GLU A 99 0.80 6.05 -34.60
CA GLU A 99 0.76 5.41 -33.28
C GLU A 99 -0.64 4.98 -32.92
N GLU A 100 -1.65 5.73 -33.32
CA GLU A 100 -3.04 5.30 -33.13
C GLU A 100 -3.30 4.01 -33.88
N LEU A 101 -2.83 3.92 -35.12
CA LEU A 101 -3.00 2.69 -35.89
C LEU A 101 -2.28 1.53 -35.23
N ARG A 102 -1.10 1.78 -34.65
CA ARG A 102 -0.40 0.73 -33.93
C ARG A 102 -1.21 0.25 -32.73
N GLU A 103 -1.83 1.19 -32.01
CA GLU A 103 -2.65 0.84 -30.85
C GLU A 103 -3.91 0.07 -31.23
N GLN A 104 -4.54 0.39 -32.37
CA GLN A 104 -5.73 -0.35 -32.79
C GLN A 104 -5.42 -1.73 -33.32
N LEU A 105 -4.26 -1.94 -33.94
CA LEU A 105 -3.91 -3.23 -34.52
C LEU A 105 -3.21 -4.15 -33.53
N SER A 106 -3.10 -3.74 -32.26
CA SER A 106 -2.38 -4.55 -31.28
C SER A 106 -3.01 -5.92 -31.11
N SER A 107 -4.33 -5.96 -30.92
CA SER A 107 -5.06 -7.21 -30.81
C SER A 107 -6.28 -7.15 -31.72
N VAL A 108 -6.39 -8.12 -32.63
CA VAL A 108 -7.58 -8.27 -33.45
C VAL A 108 -8.03 -9.72 -33.38
N SER A 109 -9.33 -9.93 -33.57
CA SER A 109 -9.89 -11.28 -33.59
C SER A 109 -9.93 -11.78 -35.02
N SER A 110 -10.49 -11.00 -35.93
CA SER A 110 -10.48 -11.32 -37.34
C SER A 110 -9.65 -10.30 -38.11
N PHE A 111 -8.95 -10.76 -39.14
CA PHE A 111 -8.17 -9.89 -40.02
C PHE A 111 -8.16 -10.52 -41.40
N GLU A 112 -9.01 -10.02 -42.29
CA GLU A 112 -9.11 -10.51 -43.65
C GLU A 112 -8.73 -9.40 -44.62
N ARG A 113 -7.87 -9.74 -45.58
CA ARG A 113 -7.40 -8.79 -46.58
C ARG A 113 -8.18 -9.00 -47.86
N PHE A 114 -8.93 -7.98 -48.29
CA PHE A 114 -9.77 -8.11 -49.46
C PHE A 114 -9.54 -6.95 -50.41
N GLU A 115 -9.72 -7.22 -51.70
CA GLU A 115 -9.48 -6.24 -52.75
C GLU A 115 -10.63 -5.25 -52.77
N ILE A 116 -10.40 -4.05 -52.20
CA ILE A 116 -11.42 -3.02 -52.17
C ILE A 116 -11.67 -2.45 -53.55
N PHE A 117 -10.61 -2.27 -54.34
CA PHE A 117 -10.72 -1.75 -55.70
C PHE A 117 -9.94 -2.66 -56.63
N PRO A 118 -10.61 -3.48 -57.42
CA PRO A 118 -9.89 -4.34 -58.38
C PRO A 118 -9.06 -3.50 -59.35
N LYS A 119 -7.83 -3.95 -59.59
CA LYS A 119 -6.92 -3.17 -60.43
C LYS A 119 -7.39 -3.09 -61.87
N THR A 120 -7.97 -4.18 -62.37
CA THR A 120 -8.31 -4.29 -63.79
C THR A 120 -9.65 -3.68 -64.15
N SER A 121 -10.44 -3.22 -63.17
CA SER A 121 -11.77 -2.72 -63.45
C SER A 121 -12.10 -1.39 -62.79
N SER A 122 -11.27 -0.90 -61.87
CA SER A 122 -11.62 0.29 -61.11
C SER A 122 -11.06 1.58 -61.70
N TRP A 123 -9.96 1.52 -62.45
CA TRP A 123 -9.28 2.70 -62.96
C TRP A 123 -9.10 2.56 -64.46
N PRO A 124 -10.18 2.75 -65.23
CA PRO A 124 -10.05 2.58 -66.68
C PRO A 124 -9.48 3.82 -67.37
N ASN A 125 -9.76 4.99 -66.82
CA ASN A 125 -9.32 6.24 -67.43
C ASN A 125 -7.96 6.71 -66.94
N HIS A 126 -7.40 6.06 -65.92
CA HIS A 126 -6.11 6.41 -65.38
C HIS A 126 -5.16 5.23 -65.55
N ASP A 127 -3.86 5.54 -65.60
CA ASP A 127 -2.85 4.51 -65.84
C ASP A 127 -2.31 4.07 -64.49
N SER A 128 -2.30 2.76 -64.26
CA SER A 128 -1.88 2.17 -63.00
C SER A 128 -0.72 1.21 -63.20
N ASP A 129 0.19 1.54 -64.12
CA ASP A 129 1.31 0.67 -64.44
C ASP A 129 2.66 1.29 -64.10
N LYS A 130 2.95 2.49 -64.58
CA LYS A 130 4.23 3.12 -64.30
C LYS A 130 4.23 3.89 -62.98
N GLY A 131 3.32 3.57 -62.07
CA GLY A 131 3.38 4.13 -60.73
C GLY A 131 4.38 3.38 -59.88
N VAL A 132 5.64 3.34 -60.33
CA VAL A 132 6.70 2.61 -59.66
C VAL A 132 7.85 3.58 -59.39
N THR A 133 8.60 3.28 -58.34
CA THR A 133 9.68 4.15 -57.89
C THR A 133 10.90 3.31 -57.53
N ALA A 134 12.06 3.96 -57.57
CA ALA A 134 13.32 3.32 -57.20
C ALA A 134 13.55 3.30 -55.70
N ALA A 135 12.77 4.07 -54.93
CA ALA A 135 12.88 4.05 -53.48
C ALA A 135 12.28 2.80 -52.86
N CYS A 136 11.58 1.99 -53.64
CA CYS A 136 10.97 0.75 -53.17
C CYS A 136 11.40 -0.38 -54.09
N PRO A 137 12.67 -0.80 -54.01
CA PRO A 137 13.17 -1.80 -54.96
C PRO A 137 12.66 -3.19 -54.65
N HIS A 138 12.40 -3.96 -55.70
CA HIS A 138 12.01 -5.36 -55.59
C HIS A 138 12.90 -6.17 -56.51
N ALA A 139 13.84 -6.91 -55.93
CA ALA A 139 14.82 -7.68 -56.69
C ALA A 139 15.61 -6.79 -57.64
N GLY A 140 15.91 -5.57 -57.20
CA GLY A 140 16.67 -4.63 -57.98
C GLY A 140 15.88 -3.84 -59.00
N ALA A 141 14.59 -4.08 -59.13
CA ALA A 141 13.75 -3.39 -60.09
C ALA A 141 12.84 -2.41 -59.37
N LYS A 142 12.45 -1.35 -60.08
CA LYS A 142 11.56 -0.36 -59.51
C LYS A 142 10.19 -0.97 -59.25
N SER A 143 9.66 -0.73 -58.06
CA SER A 143 8.38 -1.29 -57.65
C SER A 143 7.70 -0.31 -56.71
N PHE A 144 6.65 -0.80 -56.04
CA PHE A 144 5.87 0.01 -55.12
C PHE A 144 5.18 -0.92 -54.13
N TYR A 145 4.33 -0.35 -53.28
CA TYR A 145 3.58 -1.15 -52.32
C TYR A 145 2.58 -2.05 -53.04
N LYS A 146 2.14 -3.09 -52.34
CA LYS A 146 1.14 -4.00 -52.88
C LYS A 146 -0.28 -3.63 -52.50
N ASN A 147 -0.48 -2.94 -51.39
CA ASN A 147 -1.82 -2.53 -50.97
C ASN A 147 -2.21 -1.15 -51.50
N LEU A 148 -1.36 -0.52 -52.30
CA LEU A 148 -1.61 0.81 -52.82
C LEU A 148 -1.27 0.86 -54.30
N ILE A 149 -1.98 1.69 -55.05
CA ILE A 149 -1.74 1.89 -56.47
C ILE A 149 -1.49 3.38 -56.72
N TRP A 150 -0.37 3.68 -57.36
CA TRP A 150 0.02 5.05 -57.67
C TRP A 150 -0.50 5.40 -59.07
N LEU A 151 -1.71 5.95 -59.12
CA LEU A 151 -2.31 6.33 -60.38
C LEU A 151 -1.59 7.52 -60.98
N VAL A 152 -1.43 7.51 -62.30
CA VAL A 152 -0.77 8.56 -63.04
C VAL A 152 -1.60 8.91 -64.26
N LYS A 153 -1.16 9.90 -65.02
CA LYS A 153 -1.84 10.30 -66.24
C LYS A 153 -1.75 9.20 -67.28
N LYS A 154 -2.72 9.18 -68.19
CA LYS A 154 -2.71 8.27 -69.33
C LYS A 154 -2.67 9.12 -70.60
N GLY A 155 -1.46 9.51 -70.99
CA GLY A 155 -1.28 10.27 -72.21
C GLY A 155 -1.82 11.68 -72.17
N ASN A 156 -1.18 12.54 -71.36
CA ASN A 156 -1.54 13.96 -71.27
C ASN A 156 -3.00 14.16 -70.95
N SER A 157 -3.54 13.31 -70.07
CA SER A 157 -4.93 13.41 -69.68
C SER A 157 -5.13 12.75 -68.33
N TYR A 158 -5.62 13.53 -67.37
CA TYR A 158 -5.92 13.02 -66.04
C TYR A 158 -7.34 13.45 -65.71
N PRO A 159 -8.33 12.66 -66.09
CA PRO A 159 -9.72 13.02 -65.81
C PRO A 159 -10.02 12.94 -64.32
N LYS A 160 -11.14 13.57 -63.94
CA LYS A 160 -11.59 13.56 -62.56
C LYS A 160 -11.79 12.13 -62.08
N LEU A 161 -11.36 11.88 -60.84
CA LEU A 161 -11.49 10.57 -60.20
C LEU A 161 -12.70 10.61 -59.27
N ASN A 162 -13.53 9.59 -59.34
CA ASN A 162 -14.76 9.50 -58.54
C ASN A 162 -15.07 8.03 -58.26
N GLN A 163 -14.69 7.57 -57.06
CA GLN A 163 -15.00 6.20 -56.67
C GLN A 163 -15.50 6.14 -55.24
N THR A 164 -16.29 5.10 -54.95
CA THR A 164 -16.90 4.95 -53.63
C THR A 164 -17.02 3.46 -53.34
N TYR A 165 -16.85 3.10 -52.06
CA TYR A 165 -16.96 1.72 -51.62
C TYR A 165 -17.95 1.67 -50.45
N ILE A 166 -18.93 0.78 -50.54
CA ILE A 166 -19.93 0.60 -49.49
C ILE A 166 -19.58 -0.64 -48.70
N ASN A 167 -19.52 -0.51 -47.38
CA ASN A 167 -19.08 -1.58 -46.49
C ASN A 167 -20.20 -2.61 -46.38
N ASP A 168 -20.12 -3.63 -47.24
CA ASP A 168 -21.06 -4.74 -47.20
C ASP A 168 -20.70 -5.79 -46.16
N LYS A 169 -19.50 -5.72 -45.58
CA LYS A 169 -19.11 -6.64 -44.53
C LYS A 169 -19.93 -6.36 -43.26
N GLY A 170 -19.80 -7.24 -42.29
CA GLY A 170 -20.45 -7.05 -41.01
C GLY A 170 -19.60 -6.38 -39.95
N LYS A 171 -18.42 -5.88 -40.30
CA LYS A 171 -17.50 -5.33 -39.31
C LYS A 171 -16.62 -4.29 -39.97
N GLU A 172 -15.79 -3.65 -39.15
CA GLU A 172 -15.04 -2.48 -39.58
C GLU A 172 -14.00 -2.83 -40.63
N VAL A 173 -13.77 -1.89 -41.54
CA VAL A 173 -12.82 -2.06 -42.63
C VAL A 173 -11.80 -0.92 -42.55
N LEU A 174 -10.54 -1.28 -42.36
CA LEU A 174 -9.45 -0.33 -42.40
C LEU A 174 -9.03 -0.09 -43.84
N VAL A 175 -9.00 1.19 -44.22
CA VAL A 175 -8.65 1.62 -45.57
C VAL A 175 -7.52 2.63 -45.49
N LEU A 176 -6.49 2.43 -46.31
CA LEU A 176 -5.32 3.30 -46.32
C LEU A 176 -5.14 3.91 -47.70
N TRP A 177 -4.60 5.13 -47.74
CA TRP A 177 -4.32 5.81 -48.99
C TRP A 177 -3.14 6.75 -48.79
N GLY A 178 -2.74 7.43 -49.86
CA GLY A 178 -1.58 8.28 -49.81
C GLY A 178 -1.74 9.49 -50.71
N ILE A 179 -1.07 10.57 -50.34
CA ILE A 179 -1.03 11.81 -51.11
C ILE A 179 0.42 12.12 -51.43
N HIS A 180 0.70 12.35 -52.70
CA HIS A 180 2.06 12.55 -53.18
C HIS A 180 2.33 14.04 -53.38
N HIS A 181 3.39 14.54 -52.76
CA HIS A 181 3.83 15.92 -52.91
C HIS A 181 5.08 15.93 -53.77
N PRO A 182 4.99 16.30 -55.04
CA PRO A 182 6.17 16.35 -55.91
C PRO A 182 7.07 17.50 -55.52
N PRO A 183 8.35 17.47 -55.93
CA PRO A 183 9.26 18.56 -55.56
C PRO A 183 9.13 19.80 -56.44
N THR A 184 8.78 19.67 -57.71
CA THR A 184 8.70 20.80 -58.62
C THR A 184 7.39 20.73 -59.40
N ILE A 185 6.98 21.88 -59.94
CA ILE A 185 5.76 21.94 -60.74
C ILE A 185 5.91 21.12 -62.01
N ALA A 186 7.16 20.96 -62.48
CA ALA A 186 7.40 20.12 -63.65
C ALA A 186 7.04 18.68 -63.38
N ALA A 187 7.39 18.17 -62.19
CA ALA A 187 7.02 16.81 -61.82
C ALA A 187 5.50 16.67 -61.71
N GLN A 188 4.84 17.68 -61.13
CA GLN A 188 3.39 17.65 -61.02
C GLN A 188 2.73 17.59 -62.40
N GLU A 189 3.23 18.36 -63.35
CA GLU A 189 2.67 18.33 -64.70
C GLU A 189 3.01 17.05 -65.45
N SER A 190 4.19 16.49 -65.20
CA SER A 190 4.63 15.25 -65.82
C SER A 190 3.94 14.05 -65.26
N LEU A 191 3.37 14.14 -64.07
CA LEU A 191 2.73 12.99 -63.44
C LEU A 191 1.22 13.05 -63.44
N TYR A 192 0.63 14.26 -63.38
CA TYR A 192 -0.81 14.42 -63.31
C TYR A 192 -1.38 15.47 -64.25
N GLN A 193 -0.55 16.27 -64.92
CA GLN A 193 -0.97 17.20 -65.96
C GLN A 193 -1.77 18.37 -65.40
N ASN A 194 -2.08 18.32 -64.11
CA ASN A 194 -2.90 19.34 -63.46
C ASN A 194 -2.09 20.01 -62.37
N ALA A 195 -1.66 21.25 -62.62
CA ALA A 195 -0.85 21.97 -61.63
C ALA A 195 -1.64 22.25 -60.36
N ASP A 196 -2.91 22.63 -60.52
CA ASP A 196 -3.79 22.91 -59.38
C ASP A 196 -4.69 21.70 -59.19
N ALA A 197 -4.19 20.73 -58.42
CA ALA A 197 -4.90 19.49 -58.16
C ALA A 197 -5.37 19.44 -56.72
N TYR A 198 -6.31 18.55 -56.45
CA TYR A 198 -6.84 18.38 -55.11
C TYR A 198 -7.31 16.96 -54.93
N VAL A 199 -7.42 16.55 -53.67
CA VAL A 199 -7.98 15.26 -53.29
C VAL A 199 -9.02 15.51 -52.23
N PHE A 200 -10.12 14.77 -52.29
CA PHE A 200 -11.13 14.77 -51.24
C PHE A 200 -11.44 13.34 -50.84
N VAL A 201 -11.34 13.06 -49.55
CA VAL A 201 -11.68 11.75 -49.01
C VAL A 201 -12.77 11.93 -47.97
N GLY A 202 -13.88 11.22 -48.15
CA GLY A 202 -15.02 11.45 -47.28
C GLY A 202 -15.81 10.22 -46.86
N THR A 203 -15.98 10.06 -45.56
CA THR A 203 -16.89 9.06 -45.01
C THR A 203 -17.97 9.77 -44.21
N SER A 204 -18.77 9.02 -43.46
CA SER A 204 -19.83 9.64 -42.67
C SER A 204 -19.27 10.55 -41.59
N ARG A 205 -18.19 10.15 -40.92
CA ARG A 205 -17.58 10.98 -39.89
C ARG A 205 -16.25 11.59 -40.28
N TYR A 206 -15.68 11.23 -41.43
CA TYR A 206 -14.38 11.74 -41.84
C TYR A 206 -14.53 12.42 -43.19
N SER A 207 -14.10 13.67 -43.28
CA SER A 207 -14.11 14.40 -44.53
C SER A 207 -12.91 15.34 -44.56
N LYS A 208 -12.04 15.19 -45.55
CA LYS A 208 -10.84 16.00 -45.60
C LYS A 208 -10.43 16.28 -47.03
N LYS A 209 -9.97 17.50 -47.27
CA LYS A 209 -9.46 17.93 -48.57
C LYS A 209 -7.96 18.13 -48.47
N PHE A 210 -7.23 17.43 -49.32
CA PHE A 210 -5.77 17.48 -49.37
C PHE A 210 -5.35 18.27 -50.59
N LYS A 211 -4.41 19.17 -50.40
CA LYS A 211 -3.78 19.93 -51.48
C LYS A 211 -2.30 19.61 -51.53
N PRO A 212 -1.73 19.41 -52.72
CA PRO A 212 -0.29 19.14 -52.80
C PRO A 212 0.54 20.32 -52.32
N GLU A 213 1.66 20.00 -51.69
CA GLU A 213 2.64 20.98 -51.23
C GLU A 213 3.89 20.78 -52.08
N ILE A 214 3.94 21.44 -53.22
CA ILE A 214 4.97 21.23 -54.22
C ILE A 214 6.18 22.10 -53.86
N ALA A 215 7.20 21.47 -53.30
CA ALA A 215 8.44 22.16 -52.96
C ALA A 215 9.55 21.11 -52.80
N THR A 216 10.78 21.54 -53.04
CA THR A 216 11.93 20.64 -52.94
C THR A 216 12.26 20.37 -51.48
N ARG A 217 12.41 19.10 -51.14
CA ARG A 217 12.73 18.63 -49.81
C ARG A 217 14.16 18.09 -49.76
N PRO A 218 14.77 18.05 -48.57
CA PRO A 218 16.06 17.35 -48.46
C PRO A 218 15.94 15.91 -48.92
N LYS A 219 16.94 15.46 -49.66
CA LYS A 219 16.87 14.19 -50.38
C LYS A 219 17.14 13.04 -49.42
N VAL A 220 16.14 12.20 -49.19
CA VAL A 220 16.31 10.95 -48.47
C VAL A 220 15.80 9.82 -49.36
N ARG A 221 16.58 8.74 -49.43
CA ARG A 221 16.30 7.62 -50.33
C ARG A 221 16.19 8.09 -51.78
N ASP A 222 17.03 9.06 -52.14
CA ASP A 222 17.11 9.60 -53.50
C ASP A 222 15.74 10.08 -53.97
N GLN A 223 14.99 10.72 -53.09
CA GLN A 223 13.69 11.28 -53.40
C GLN A 223 13.63 12.72 -52.94
N GLU A 224 13.19 13.60 -53.83
CA GLU A 224 13.02 15.02 -53.51
C GLU A 224 11.61 15.35 -53.05
N GLY A 225 10.62 14.54 -53.43
CA GLY A 225 9.25 14.73 -52.97
C GLY A 225 8.93 13.86 -51.77
N ARG A 226 7.66 13.86 -51.40
CA ARG A 226 7.21 13.13 -50.22
C ARG A 226 5.89 12.43 -50.53
N MET A 227 5.50 11.53 -49.64
CA MET A 227 4.23 10.80 -49.76
C MET A 227 3.65 10.62 -48.36
N ASN A 228 2.59 11.36 -48.06
CA ASN A 228 1.92 11.25 -46.77
C ASN A 228 0.91 10.12 -46.81
N TYR A 229 0.92 9.28 -45.79
CA TYR A 229 0.04 8.11 -45.72
C TYR A 229 -1.06 8.35 -44.69
N TYR A 230 -2.30 8.10 -45.09
CA TYR A 230 -3.46 8.30 -44.23
C TYR A 230 -4.24 7.00 -44.14
N TRP A 231 -4.93 6.82 -43.01
CA TRP A 231 -5.74 5.64 -42.77
C TRP A 231 -7.06 6.04 -42.12
N THR A 232 -8.08 5.22 -42.34
CA THR A 232 -9.37 5.45 -41.72
C THR A 232 -10.08 4.12 -41.53
N LEU A 233 -11.08 4.13 -40.66
CA LEU A 233 -11.91 2.97 -40.37
C LEU A 233 -13.33 3.26 -40.88
N VAL A 234 -13.88 2.32 -41.64
CA VAL A 234 -15.23 2.41 -42.18
C VAL A 234 -16.10 1.41 -41.45
N GLU A 235 -17.16 1.91 -40.82
CA GLU A 235 -18.13 1.15 -40.02
C GLU A 235 -19.06 0.37 -40.92
N PRO A 236 -19.75 -0.63 -40.38
CA PRO A 236 -20.75 -1.35 -41.18
C PRO A 236 -21.83 -0.42 -41.71
N GLY A 237 -22.21 -0.62 -42.96
CA GLY A 237 -23.21 0.21 -43.59
C GLY A 237 -22.74 1.59 -44.00
N ASP A 238 -21.44 1.86 -43.90
CA ASP A 238 -20.87 3.16 -44.21
C ASP A 238 -20.08 3.07 -45.51
N LYS A 239 -19.87 4.22 -46.13
CA LYS A 239 -19.21 4.29 -47.42
C LYS A 239 -18.05 5.27 -47.37
N ILE A 240 -17.00 4.98 -48.12
CA ILE A 240 -15.84 5.86 -48.27
C ILE A 240 -15.78 6.33 -49.71
N THR A 241 -15.61 7.64 -49.89
CA THR A 241 -15.66 8.27 -51.20
C THR A 241 -14.33 8.95 -51.49
N PHE A 242 -13.77 8.65 -52.66
CA PHE A 242 -12.52 9.23 -53.13
C PHE A 242 -12.77 10.12 -54.33
N GLU A 243 -12.15 11.29 -54.33
CA GLU A 243 -12.26 12.25 -55.41
C GLU A 243 -10.89 12.86 -55.63
N ALA A 244 -10.46 12.98 -56.88
CA ALA A 244 -9.11 13.48 -57.09
C ALA A 244 -8.94 14.00 -58.51
N THR A 245 -8.33 15.16 -58.63
CA THR A 245 -7.78 15.63 -59.90
C THR A 245 -6.32 15.23 -60.06
N GLY A 246 -5.73 14.63 -59.03
CA GLY A 246 -4.35 14.18 -59.09
C GLY A 246 -3.80 13.98 -57.70
N ASN A 247 -2.56 13.52 -57.67
CA ASN A 247 -1.79 13.34 -56.43
C ASN A 247 -2.46 12.37 -55.46
N LEU A 248 -3.06 11.30 -55.97
CA LEU A 248 -3.72 10.32 -55.12
C LEU A 248 -3.09 8.94 -55.31
N VAL A 249 -2.78 8.30 -54.20
CA VAL A 249 -2.32 6.91 -54.18
C VAL A 249 -3.49 6.10 -53.63
N VAL A 250 -4.22 5.45 -54.54
CA VAL A 250 -5.50 4.84 -54.21
C VAL A 250 -5.29 3.53 -53.47
N PRO A 251 -6.23 3.14 -52.60
CA PRO A 251 -6.16 1.81 -51.98
C PRO A 251 -6.43 0.72 -53.00
N ARG A 252 -5.80 -0.44 -52.77
CA ARG A 252 -6.08 -1.65 -53.52
C ARG A 252 -6.54 -2.80 -52.65
N TYR A 253 -6.04 -2.88 -51.43
CA TYR A 253 -6.44 -3.90 -50.47
C TYR A 253 -6.84 -3.22 -49.16
N ALA A 254 -8.01 -3.60 -48.64
CA ALA A 254 -8.50 -3.11 -47.37
C ALA A 254 -8.59 -4.28 -46.40
N PHE A 255 -8.65 -3.96 -45.12
CA PHE A 255 -8.52 -4.96 -44.07
C PHE A 255 -9.75 -4.99 -43.19
N THR A 256 -10.55 -6.04 -43.32
CA THR A 256 -11.69 -6.28 -42.45
C THR A 256 -11.20 -6.81 -41.11
N MET A 257 -11.53 -6.09 -40.04
CA MET A 257 -10.97 -6.40 -38.73
C MET A 257 -12.06 -6.37 -37.67
N GLU A 258 -11.86 -7.17 -36.63
CA GLU A 258 -12.73 -7.20 -35.44
C GLU A 258 -11.82 -7.02 -34.23
N ARG A 259 -11.86 -5.83 -33.66
CA ARG A 259 -10.88 -5.46 -32.64
C ARG A 259 -11.10 -6.22 -31.34
N ASP A 260 -10.00 -6.51 -30.65
CA ASP A 260 -10.01 -7.21 -29.38
C ASP A 260 -10.70 -8.57 -29.48
N SER A 263 -2.15 -8.99 -26.96
CA SER A 263 -2.90 -7.75 -26.97
C SER A 263 -1.96 -6.54 -26.87
N GLY A 264 -0.84 -6.63 -27.58
CA GLY A 264 0.11 -5.55 -27.57
C GLY A 264 1.19 -5.78 -28.62
N ILE A 265 2.18 -4.90 -28.60
CA ILE A 265 3.32 -4.98 -29.50
C ILE A 265 4.57 -5.05 -28.65
N ILE A 266 5.31 -6.15 -28.76
CA ILE A 266 6.55 -6.34 -28.01
C ILE A 266 7.71 -6.32 -28.98
N ILE A 267 8.73 -5.53 -28.66
CA ILE A 267 9.93 -5.46 -29.47
C ILE A 267 10.99 -6.36 -28.87
N SER A 268 11.24 -7.50 -29.49
CA SER A 268 12.22 -8.43 -28.95
C SER A 268 12.92 -9.20 -30.07
N ASP A 269 14.13 -9.67 -29.77
CA ASP A 269 14.90 -10.51 -30.66
C ASP A 269 14.72 -11.99 -30.37
N THR A 270 13.82 -12.33 -29.45
CA THR A 270 13.66 -13.70 -29.02
C THR A 270 12.99 -14.55 -30.11
N PRO A 271 13.48 -15.75 -30.37
CA PRO A 271 12.85 -16.61 -31.38
C PRO A 271 11.47 -17.06 -30.95
N VAL A 272 10.64 -17.37 -31.94
CA VAL A 272 9.26 -17.86 -31.65
C VAL A 272 9.29 -19.38 -31.76
N HIS A 273 8.71 -20.06 -30.77
CA HIS A 273 8.73 -21.54 -30.78
C HIS A 273 7.30 -22.04 -30.58
N ASP A 274 7.14 -23.36 -30.46
CA ASP A 274 5.77 -23.95 -30.36
C ASP A 274 5.49 -24.32 -28.91
N CYS A 275 4.90 -23.41 -28.14
CA CYS A 275 4.59 -23.66 -26.71
C CYS A 275 3.40 -22.80 -26.32
N ASN A 276 2.58 -23.23 -25.36
CA ASN A 276 1.36 -22.42 -25.08
C ASN A 276 1.50 -21.82 -23.69
N THR A 277 1.87 -20.56 -23.61
CA THR A 277 2.14 -19.99 -22.28
C THR A 277 0.91 -19.27 -21.81
N THR A 278 1.09 -18.33 -20.91
CA THR A 278 -0.05 -17.61 -20.35
C THR A 278 0.47 -16.26 -20.06
N CYS A 279 1.81 -16.13 -20.02
CA CYS A 279 2.36 -14.75 -19.92
C CYS A 279 3.65 -14.70 -20.74
N GLN A 280 3.84 -13.61 -21.49
CA GLN A 280 5.03 -13.49 -22.34
C GLN A 280 5.67 -12.15 -22.07
N THR A 281 6.95 -12.16 -21.76
CA THR A 281 7.69 -10.92 -21.61
C THR A 281 8.61 -10.89 -22.79
N PRO A 282 9.11 -9.72 -23.22
CA PRO A 282 10.06 -9.63 -24.33
C PRO A 282 11.14 -10.69 -24.22
N GLU A 283 11.73 -10.87 -23.04
CA GLU A 283 12.83 -11.81 -22.86
C GLU A 283 12.35 -13.26 -22.96
N GLY A 284 11.18 -13.57 -22.44
CA GLY A 284 10.67 -14.92 -22.50
C GLY A 284 9.43 -15.07 -21.65
N ALA A 285 8.81 -16.23 -21.80
CA ALA A 285 7.52 -16.48 -21.15
C ALA A 285 7.72 -16.90 -19.69
N ILE A 286 6.68 -16.67 -18.90
CA ILE A 286 6.66 -17.01 -17.48
C ILE A 286 5.59 -18.05 -17.24
N ASN A 287 5.95 -19.11 -16.52
CA ASN A 287 5.01 -20.17 -16.16
C ASN A 287 5.10 -20.38 -14.66
N THR A 288 4.31 -19.63 -13.90
CA THR A 288 4.33 -19.76 -12.45
C THR A 288 2.98 -19.32 -11.89
N SER A 289 2.68 -19.82 -10.68
CA SER A 289 1.53 -19.35 -9.92
C SER A 289 1.90 -18.28 -8.91
N LEU A 290 3.17 -17.90 -8.85
CA LEU A 290 3.65 -16.95 -7.86
C LEU A 290 3.12 -15.55 -8.17
N PRO A 291 2.96 -14.71 -7.16
CA PRO A 291 2.38 -13.38 -7.37
C PRO A 291 3.34 -12.30 -7.82
N PHE A 292 4.66 -12.54 -7.77
CA PHE A 292 5.63 -11.52 -8.13
C PHE A 292 6.66 -12.09 -9.08
N GLN A 293 7.23 -11.21 -9.90
CA GLN A 293 8.28 -11.55 -10.84
C GLN A 293 9.16 -10.33 -11.06
N ASN A 294 10.42 -10.58 -11.45
CA ASN A 294 11.37 -9.50 -11.65
C ASN A 294 12.20 -9.75 -12.91
N VAL A 295 11.57 -10.24 -13.97
CA VAL A 295 12.26 -10.45 -15.25
C VAL A 295 12.14 -9.24 -16.16
N HIS A 296 10.93 -8.75 -16.37
CA HIS A 296 10.73 -7.61 -17.25
C HIS A 296 9.43 -6.89 -16.91
N PRO A 297 9.42 -5.55 -16.89
CA PRO A 297 8.17 -4.85 -16.57
C PRO A 297 7.12 -4.94 -17.66
N ILE A 298 7.51 -5.15 -18.91
CA ILE A 298 6.54 -5.25 -20.00
C ILE A 298 6.03 -6.68 -20.06
N THR A 299 4.72 -6.84 -19.87
CA THR A 299 4.07 -8.14 -19.86
C THR A 299 2.78 -8.06 -20.66
N ILE A 300 2.48 -9.13 -21.37
CA ILE A 300 1.26 -9.19 -22.15
C ILE A 300 0.35 -10.28 -21.59
N CYS A 303 -0.81 -12.36 -15.38
CA CYS A 303 0.65 -12.35 -15.25
C CYS A 303 1.07 -11.76 -13.91
N PRO A 304 2.11 -12.31 -13.31
CA PRO A 304 2.58 -11.82 -12.00
C PRO A 304 3.01 -10.36 -12.07
N LYS A 305 2.81 -9.67 -10.96
CA LYS A 305 3.18 -8.27 -10.83
C LYS A 305 4.69 -8.13 -10.75
N TYR A 306 5.19 -7.02 -11.28
CA TYR A 306 6.63 -6.80 -11.38
C TYR A 306 7.12 -5.94 -10.24
N VAL A 307 8.21 -6.38 -9.61
CA VAL A 307 8.85 -5.66 -8.52
C VAL A 307 10.34 -5.59 -8.79
N LYS A 308 11.01 -4.64 -8.15
CA LYS A 308 12.45 -4.49 -8.28
C LYS A 308 13.23 -5.29 -7.25
N SER A 309 12.55 -5.97 -6.33
CA SER A 309 13.24 -6.74 -5.30
C SER A 309 13.98 -7.93 -5.91
N THR A 310 15.09 -8.30 -5.28
CA THR A 310 15.88 -9.44 -5.72
C THR A 310 15.58 -10.71 -4.94
N LYS A 311 14.84 -10.62 -3.84
CA LYS A 311 14.57 -11.80 -3.01
C LYS A 311 13.34 -11.52 -2.16
N LEU A 312 12.31 -12.34 -2.30
CA LEU A 312 11.11 -12.27 -1.48
C LEU A 312 10.81 -13.67 -0.97
N ARG A 313 11.41 -14.02 0.16
CA ARG A 313 11.28 -15.36 0.72
C ARG A 313 10.42 -15.30 1.98
N LEU A 314 9.34 -16.08 1.99
CA LEU A 314 8.37 -16.08 3.07
C LEU A 314 8.64 -17.29 3.95
N ALA A 315 8.88 -17.03 5.23
CA ALA A 315 9.16 -18.11 6.18
C ALA A 315 7.89 -18.89 6.48
N THR A 316 7.97 -20.20 6.37
CA THR A 316 6.88 -21.09 6.73
C THR A 316 7.20 -21.99 7.91
N GLY A 317 8.45 -22.03 8.36
CA GLY A 317 8.86 -22.88 9.45
C GLY A 317 9.45 -22.12 10.62
N LEU A 318 10.06 -22.85 11.54
CA LEU A 318 10.58 -22.24 12.75
C LEU A 318 11.91 -21.55 12.46
N ARG A 319 12.47 -20.94 13.50
CA ARG A 319 13.86 -20.52 13.46
C ARG A 319 14.76 -21.73 13.64
N ASN A 320 15.76 -21.88 12.76
CA ASN A 320 16.61 -23.05 12.76
C ASN A 320 17.73 -22.85 13.76
N VAL A 321 17.57 -23.41 14.96
CA VAL A 321 18.57 -23.32 16.02
C VAL A 321 19.13 -24.70 16.29
N PRO A 322 20.42 -24.94 16.02
CA PRO A 322 21.05 -26.23 16.29
C PRO A 322 21.23 -26.49 17.79
N ASP B 1 17.41 -9.24 51.73
CA ASP B 1 18.08 -9.18 50.43
C ASP B 1 17.06 -9.31 49.31
N THR B 2 17.00 -8.30 48.45
CA THR B 2 15.94 -8.20 47.45
C THR B 2 16.54 -7.91 46.08
N LEU B 3 15.99 -8.55 45.05
CA LEU B 3 16.33 -8.27 43.66
C LEU B 3 15.06 -7.98 42.90
N CYS B 4 15.03 -6.86 42.17
CA CYS B 4 13.84 -6.47 41.43
C CYS B 4 14.12 -6.15 39.98
N ILE B 5 13.23 -6.62 39.10
CA ILE B 5 13.27 -6.36 37.67
C ILE B 5 12.46 -5.11 37.40
N GLY B 6 12.98 -4.25 36.52
CA GLY B 6 12.26 -3.03 36.20
C GLY B 6 12.75 -2.45 34.89
N TYR B 7 12.09 -1.37 34.48
CA TYR B 7 12.39 -0.72 33.23
C TYR B 7 12.64 0.77 33.45
N HIS B 8 13.03 1.43 32.36
CA HIS B 8 13.51 2.80 32.39
C HIS B 8 12.39 3.80 32.17
N ALA B 9 12.47 4.93 32.88
CA ALA B 9 11.56 6.05 32.69
C ALA B 9 12.36 7.34 32.72
N ASN B 10 11.83 8.38 32.09
CA ASN B 10 12.55 9.64 31.99
C ASN B 10 11.56 10.79 31.84
N ASN B 11 12.09 12.01 31.81
CA ASN B 11 11.28 13.22 31.67
C ASN B 11 11.18 13.61 30.19
N SER B 12 10.74 12.66 29.38
CA SER B 12 10.54 12.87 27.96
C SER B 12 9.06 13.01 27.65
N THR B 13 8.73 14.01 26.83
CA THR B 13 7.35 14.29 26.47
C THR B 13 7.05 13.90 25.02
N ASP B 14 7.90 13.07 24.41
CA ASP B 14 7.67 12.62 23.06
C ASP B 14 6.43 11.74 23.01
N THR B 15 5.53 12.03 22.09
CA THR B 15 4.25 11.36 21.98
C THR B 15 4.16 10.64 20.64
N VAL B 16 3.69 9.39 20.67
CA VAL B 16 3.49 8.61 19.47
C VAL B 16 2.04 8.13 19.45
N ASP B 17 1.54 7.84 18.26
CA ASP B 17 0.18 7.38 18.07
C ASP B 17 0.18 5.90 17.74
N THR B 18 -0.68 5.16 18.43
CA THR B 18 -0.79 3.72 18.28
C THR B 18 -2.21 3.39 17.84
N VAL B 19 -2.37 2.23 17.24
CA VAL B 19 -3.65 1.87 16.63
C VAL B 19 -4.72 1.71 17.71
N LEU B 20 -4.34 1.28 18.91
CA LEU B 20 -5.32 1.16 19.99
C LEU B 20 -5.39 2.44 20.82
N GLU B 21 -4.26 3.09 21.06
CA GLU B 21 -4.21 4.21 21.98
C GLU B 21 -3.56 5.41 21.33
N LYS B 22 -4.09 6.58 21.62
CA LYS B 22 -3.54 7.83 21.12
C LYS B 22 -2.79 8.57 22.23
N ASN B 23 -1.79 9.34 21.83
CA ASN B 23 -0.98 10.16 22.74
C ASN B 23 -0.32 9.31 23.82
N VAL B 24 0.55 8.42 23.39
CA VAL B 24 1.30 7.55 24.28
C VAL B 24 2.71 8.13 24.41
N THR B 25 3.08 8.53 25.62
CA THR B 25 4.43 9.05 25.83
C THR B 25 5.42 7.89 25.88
N VAL B 26 6.49 8.02 25.12
CA VAL B 26 7.52 6.98 25.01
C VAL B 26 8.86 7.59 25.40
N THR B 27 9.75 6.74 25.91
CA THR B 27 11.06 7.21 26.37
C THR B 27 11.90 7.75 25.23
N HIS B 28 11.93 7.03 24.10
CA HIS B 28 12.73 7.45 22.97
C HIS B 28 11.88 7.34 21.70
N SER B 29 12.21 8.17 20.72
CA SER B 29 11.45 8.23 19.47
C SER B 29 12.35 8.75 18.37
N VAL B 30 11.94 8.52 17.13
CA VAL B 30 12.57 9.12 15.97
C VAL B 30 11.48 9.77 15.13
N ASN B 31 11.88 10.72 14.30
CA ASN B 31 10.97 11.40 13.40
C ASN B 31 11.24 10.96 11.98
N LEU B 32 10.24 10.40 11.32
CA LEU B 32 10.34 9.96 9.95
C LEU B 32 9.90 11.02 8.95
N LEU B 33 9.53 12.21 9.42
CA LEU B 33 8.99 13.25 8.57
C LEU B 33 9.87 14.49 8.64
N GLU B 34 10.18 15.03 7.47
CA GLU B 34 11.01 16.23 7.36
C GLU B 34 10.09 17.40 7.00
N ASP B 35 10.23 18.50 7.74
CA ASP B 35 9.36 19.65 7.52
C ASP B 35 10.17 20.95 7.48
N LYS B 36 11.47 20.86 7.21
CA LYS B 36 12.34 22.02 7.24
C LYS B 36 13.06 22.18 5.90
N HIS B 37 13.36 23.42 5.56
CA HIS B 37 14.13 23.74 4.36
C HIS B 37 14.90 25.03 4.61
N ASN B 38 15.93 25.25 3.80
CA ASN B 38 16.75 26.44 3.95
C ASN B 38 16.17 27.66 3.25
N GLY B 39 15.10 27.50 2.48
CA GLY B 39 14.47 28.63 1.83
C GLY B 39 15.37 29.32 0.82
N LYS B 40 16.14 28.56 0.07
CA LYS B 40 17.07 29.14 -0.89
C LYS B 40 17.37 28.13 -1.99
N LEU B 41 17.37 28.61 -3.23
CA LEU B 41 17.57 27.78 -4.41
C LEU B 41 19.06 27.63 -4.69
N CYS B 42 19.55 26.41 -4.62
CA CYS B 42 20.98 26.20 -4.82
C CYS B 42 21.19 24.96 -5.68
N LYS B 43 22.45 24.58 -5.88
CA LYS B 43 22.88 23.78 -7.03
C LYS B 43 22.61 22.30 -6.79
N LEU B 44 21.98 21.66 -7.78
CA LEU B 44 21.87 20.22 -7.81
C LEU B 44 23.08 19.62 -8.51
N ARG B 45 23.71 18.64 -7.88
CA ARG B 45 24.87 17.94 -8.45
C ARG B 45 26.01 18.91 -8.75
N GLY B 46 26.08 20.00 -8.00
CA GLY B 46 27.11 21.01 -8.21
C GLY B 46 26.78 21.98 -9.32
N VAL B 47 25.97 21.54 -10.28
CA VAL B 47 25.63 22.38 -11.43
C VAL B 47 24.64 23.45 -11.01
N ALA B 48 24.99 24.71 -11.28
CA ALA B 48 24.12 25.82 -10.97
C ALA B 48 22.89 25.79 -11.87
N PRO B 49 21.77 26.34 -11.43
CA PRO B 49 20.56 26.36 -12.26
C PRO B 49 20.50 27.60 -13.15
N LEU B 50 19.70 27.47 -14.21
CA LEU B 50 19.42 28.58 -15.12
C LEU B 50 18.31 29.42 -14.49
N HIS B 51 18.61 30.68 -14.21
CA HIS B 51 17.65 31.58 -13.60
C HIS B 51 17.20 32.62 -14.62
N LEU B 52 15.98 32.46 -15.12
CA LEU B 52 15.37 33.42 -16.04
C LEU B 52 14.58 34.41 -15.19
N GLY B 53 15.23 35.52 -14.85
CA GLY B 53 14.66 36.47 -13.92
C GLY B 53 13.35 37.08 -14.38
N LYS B 54 13.40 37.92 -15.41
CA LYS B 54 12.22 38.58 -15.92
C LYS B 54 11.69 37.95 -17.20
N CYS B 55 12.27 36.85 -17.65
CA CYS B 55 11.86 36.19 -18.88
C CYS B 55 11.30 34.81 -18.58
N ASN B 56 10.48 34.33 -19.51
CA ASN B 56 10.10 32.93 -19.55
C ASN B 56 10.97 32.24 -20.61
N ILE B 57 10.73 30.95 -20.84
CA ILE B 57 11.58 30.18 -21.75
C ILE B 57 11.45 30.72 -23.17
N ALA B 58 10.25 31.16 -23.55
CA ALA B 58 10.05 31.65 -24.91
C ALA B 58 10.92 32.87 -25.20
N GLY B 59 10.96 33.82 -24.28
CA GLY B 59 11.77 35.01 -24.46
C GLY B 59 13.25 34.72 -24.50
N TRP B 60 13.70 33.85 -23.60
CA TRP B 60 15.12 33.48 -23.55
C TRP B 60 15.54 32.75 -24.82
N ILE B 61 14.69 31.87 -25.33
CA ILE B 61 15.08 31.06 -26.49
C ILE B 61 14.90 31.83 -27.78
N LEU B 62 14.06 32.87 -27.78
CA LEU B 62 13.90 33.68 -28.98
C LEU B 62 14.84 34.87 -29.00
N GLY B 63 15.31 35.30 -27.83
CA GLY B 63 16.19 36.44 -27.75
C GLY B 63 15.46 37.75 -27.51
N ASN B 64 14.63 37.77 -26.47
CA ASN B 64 13.91 38.99 -26.13
C ASN B 64 14.90 40.10 -25.82
N PRO B 65 14.63 41.35 -26.23
CA PRO B 65 15.57 42.44 -25.96
C PRO B 65 15.88 42.63 -24.48
N GLU B 66 14.93 42.33 -23.60
CA GLU B 66 15.14 42.46 -22.16
C GLU B 66 15.60 41.16 -21.52
N CYS B 67 16.36 40.35 -22.26
CA CYS B 67 16.87 39.09 -21.72
C CYS B 67 18.31 38.83 -22.14
N GLU B 68 19.06 39.88 -22.48
CA GLU B 68 20.44 39.68 -22.96
C GLU B 68 21.34 39.12 -21.86
N SER B 69 21.09 39.53 -20.62
CA SER B 69 21.89 39.04 -19.49
C SER B 69 21.71 37.54 -19.28
N ALA B 73 25.99 29.70 -18.83
CA ALA B 73 24.88 29.43 -19.75
C ALA B 73 25.20 28.26 -20.65
N ARG B 74 25.98 27.31 -20.14
CA ARG B 74 26.36 26.11 -20.88
C ARG B 74 25.67 24.86 -20.36
N SER B 75 25.57 24.69 -19.05
CA SER B 75 24.86 23.57 -18.47
C SER B 75 24.05 24.07 -17.28
N TRP B 76 22.96 23.35 -16.99
CA TRP B 76 22.11 23.70 -15.86
C TRP B 76 21.41 22.45 -15.37
N SER B 77 21.26 22.34 -14.04
CA SER B 77 20.55 21.20 -13.46
C SER B 77 19.05 21.35 -13.64
N TYR B 78 18.53 22.56 -13.46
CA TYR B 78 17.11 22.84 -13.59
C TYR B 78 16.93 24.31 -13.92
N ILE B 79 15.73 24.64 -14.42
CA ILE B 79 15.38 26.00 -14.81
C ILE B 79 14.48 26.59 -13.73
N VAL B 80 14.73 27.85 -13.38
CA VAL B 80 13.95 28.57 -12.40
C VAL B 80 13.28 29.76 -13.09
N GLU B 81 11.97 29.81 -13.02
CA GLU B 81 11.19 30.95 -13.46
C GLU B 81 10.62 31.67 -12.24
N THR B 82 9.94 32.79 -12.49
CA THR B 82 9.42 33.61 -11.42
C THR B 82 7.98 33.99 -11.76
N SER B 83 7.21 34.30 -10.71
CA SER B 83 5.81 34.65 -10.90
C SER B 83 5.63 35.91 -11.74
N ASN B 84 6.64 36.77 -11.81
CA ASN B 84 6.57 37.98 -12.60
C ASN B 84 7.38 37.88 -13.90
N SER B 85 7.59 36.66 -14.39
CA SER B 85 8.27 36.44 -15.66
C SER B 85 7.24 36.62 -16.77
N ASP B 86 7.02 37.88 -17.16
CA ASP B 86 6.04 38.23 -18.17
C ASP B 86 6.66 38.61 -19.50
N ASN B 87 7.98 38.70 -19.59
CA ASN B 87 8.66 39.12 -20.82
C ASN B 87 8.95 37.87 -21.64
N GLY B 88 8.16 37.66 -22.68
CA GLY B 88 8.32 36.52 -23.56
C GLY B 88 8.28 36.92 -25.03
N THR B 89 7.33 36.35 -25.77
CA THR B 89 7.13 36.70 -27.17
C THR B 89 6.54 38.09 -27.22
N CYS B 90 7.39 39.09 -27.52
CA CYS B 90 6.93 40.48 -27.53
C CYS B 90 5.94 40.72 -28.67
N TYR B 91 6.28 40.31 -29.87
CA TYR B 91 5.35 40.42 -30.98
C TYR B 91 4.25 39.39 -30.81
N PRO B 92 2.98 39.76 -30.89
CA PRO B 92 1.90 38.80 -30.64
C PRO B 92 1.92 37.66 -31.63
N GLY B 93 1.52 36.48 -31.16
CA GLY B 93 1.48 35.31 -32.01
C GLY B 93 1.42 34.06 -31.18
N ASP B 94 1.35 32.93 -31.87
CA ASP B 94 1.30 31.63 -31.23
C ASP B 94 2.63 30.91 -31.37
N PHE B 95 3.15 30.43 -30.25
CA PHE B 95 4.35 29.61 -30.21
C PHE B 95 3.90 28.16 -30.28
N ILE B 96 4.09 27.54 -31.43
CA ILE B 96 3.55 26.21 -31.69
C ILE B 96 4.42 25.16 -30.99
N ASN B 97 3.77 24.22 -30.32
CA ASN B 97 4.45 23.18 -29.55
C ASN B 97 5.38 23.79 -28.50
N TYR B 98 4.85 24.78 -27.77
CA TYR B 98 5.64 25.47 -26.76
C TYR B 98 5.88 24.59 -25.54
N GLU B 99 4.84 23.89 -25.08
CA GLU B 99 5.00 23.00 -23.94
C GLU B 99 5.98 21.88 -24.25
N GLU B 100 5.94 21.37 -25.49
CA GLU B 100 6.91 20.37 -25.92
C GLU B 100 8.32 20.91 -25.84
N LEU B 101 8.52 22.16 -26.27
CA LEU B 101 9.85 22.76 -26.22
C LEU B 101 10.32 22.93 -24.79
N ARG B 102 9.42 23.33 -23.88
CA ARG B 102 9.83 23.48 -22.49
C ARG B 102 10.20 22.13 -21.87
N GLU B 103 9.41 21.10 -22.15
CA GLU B 103 9.75 19.75 -21.71
C GLU B 103 11.07 19.28 -22.29
N GLN B 104 11.39 19.68 -23.51
CA GLN B 104 12.65 19.28 -24.13
C GLN B 104 13.83 20.03 -23.52
N LEU B 105 13.64 21.31 -23.22
CA LEU B 105 14.72 22.14 -22.70
C LEU B 105 14.89 22.01 -21.19
N SER B 106 13.98 21.30 -20.52
CA SER B 106 14.11 21.10 -19.08
C SER B 106 15.41 20.38 -18.74
N SER B 107 15.75 19.35 -19.52
CA SER B 107 16.92 18.51 -19.25
C SER B 107 17.91 18.67 -20.40
N VAL B 108 18.83 19.63 -20.26
CA VAL B 108 19.88 19.84 -21.24
C VAL B 108 21.22 19.92 -20.52
N SER B 109 22.19 19.15 -21.02
CA SER B 109 23.54 19.18 -20.49
C SER B 109 24.40 20.16 -21.27
N SER B 110 24.56 19.92 -22.57
CA SER B 110 25.31 20.81 -23.44
C SER B 110 24.39 21.80 -24.17
N PHE B 111 24.74 23.08 -24.12
CA PHE B 111 23.97 24.14 -24.77
C PHE B 111 24.93 25.18 -25.32
N GLU B 112 25.05 25.25 -26.63
CA GLU B 112 25.93 26.21 -27.28
C GLU B 112 25.16 27.02 -28.31
N ARG B 113 25.25 28.34 -28.22
CA ARG B 113 24.58 29.24 -29.16
C ARG B 113 25.55 29.57 -30.28
N PHE B 114 25.20 29.21 -31.52
CA PHE B 114 26.07 29.45 -32.66
C PHE B 114 25.29 30.07 -33.80
N GLU B 115 25.97 30.85 -34.62
CA GLU B 115 25.34 31.60 -35.71
C GLU B 115 25.08 30.65 -36.87
N ILE B 116 23.82 30.23 -37.00
CA ILE B 116 23.45 29.33 -38.09
C ILE B 116 23.48 30.06 -39.43
N PHE B 117 23.06 31.32 -39.45
CA PHE B 117 23.01 32.13 -40.67
C PHE B 117 23.62 33.49 -40.36
N PRO B 118 24.85 33.75 -40.79
CA PRO B 118 25.45 35.07 -40.55
C PRO B 118 24.63 36.17 -41.19
N LYS B 119 24.49 37.28 -40.46
CA LYS B 119 23.67 38.39 -40.95
C LYS B 119 24.30 39.03 -42.19
N THR B 120 25.61 39.16 -42.21
CA THR B 120 26.31 39.91 -43.24
C THR B 120 26.59 39.11 -44.50
N SER B 121 26.35 37.80 -44.51
CA SER B 121 26.69 36.97 -45.65
C SER B 121 25.56 36.09 -46.18
N SER B 122 24.53 35.80 -45.38
CA SER B 122 23.51 34.84 -45.81
C SER B 122 22.37 35.49 -46.56
N TRP B 123 22.14 36.79 -46.40
CA TRP B 123 21.00 37.48 -47.02
C TRP B 123 21.52 38.67 -47.81
N PRO B 124 22.12 38.42 -48.98
CA PRO B 124 22.64 39.54 -49.77
C PRO B 124 21.56 40.25 -50.57
N ASN B 125 20.56 39.52 -51.07
CA ASN B 125 19.52 40.09 -51.91
C ASN B 125 18.36 40.68 -51.11
N HIS B 126 18.22 40.32 -49.85
CA HIS B 126 17.16 40.84 -49.00
C HIS B 126 17.75 41.83 -48.00
N ASP B 127 16.86 42.60 -47.37
CA ASP B 127 17.27 43.62 -46.42
C ASP B 127 16.99 43.14 -45.00
N SER B 128 18.02 43.17 -44.16
CA SER B 128 17.95 42.67 -42.80
C SER B 128 18.24 43.77 -41.79
N ASP B 129 17.74 44.97 -42.05
CA ASP B 129 17.94 46.03 -41.05
C ASP B 129 16.59 46.62 -40.71
N LYS B 130 15.76 46.89 -41.71
CA LYS B 130 14.48 47.58 -41.33
C LYS B 130 13.49 46.65 -40.62
N GLY B 131 13.87 45.44 -40.27
CA GLY B 131 12.93 44.48 -39.76
C GLY B 131 12.74 44.62 -38.27
N VAL B 132 12.36 45.82 -37.82
CA VAL B 132 12.22 46.13 -36.42
C VAL B 132 10.79 46.59 -36.15
N THR B 133 10.32 46.34 -34.94
CA THR B 133 8.95 46.63 -34.56
C THR B 133 8.94 47.35 -33.21
N ALA B 134 7.86 48.08 -32.96
CA ALA B 134 7.69 48.81 -31.71
C ALA B 134 7.11 47.93 -30.60
N ALA B 135 6.73 46.69 -30.90
CA ALA B 135 6.26 45.78 -29.85
C ALA B 135 7.40 45.19 -29.04
N CYS B 136 8.65 45.36 -29.47
CA CYS B 136 9.82 44.86 -28.77
C CYS B 136 10.80 46.01 -28.57
N PRO B 137 10.50 46.95 -27.67
CA PRO B 137 11.36 48.12 -27.51
C PRO B 137 12.59 47.78 -26.68
N HIS B 138 13.74 48.27 -27.14
CA HIS B 138 15.00 48.12 -26.42
C HIS B 138 15.56 49.51 -26.15
N ALA B 139 15.56 49.91 -24.88
CA ALA B 139 16.00 51.24 -24.47
C ALA B 139 15.24 52.35 -25.18
N GLY B 140 13.95 52.13 -25.41
CA GLY B 140 13.10 53.12 -26.02
C GLY B 140 13.14 53.17 -27.54
N ALA B 141 13.98 52.35 -28.18
CA ALA B 141 14.10 52.32 -29.62
C ALA B 141 13.50 51.04 -30.18
N LYS B 142 13.00 51.13 -31.41
CA LYS B 142 12.45 49.96 -32.09
C LYS B 142 13.53 48.91 -32.28
N SER B 143 13.20 47.67 -31.95
CA SER B 143 14.15 46.57 -32.05
C SER B 143 13.39 45.28 -32.32
N PHE B 144 14.10 44.16 -32.25
CA PHE B 144 13.53 42.85 -32.51
C PHE B 144 14.28 41.83 -31.65
N TYR B 145 14.01 40.56 -31.89
CA TYR B 145 14.72 39.50 -31.20
C TYR B 145 16.17 39.44 -31.67
N LYS B 146 17.01 38.83 -30.84
CA LYS B 146 18.42 38.67 -31.20
C LYS B 146 18.70 37.40 -31.97
N ASN B 147 17.91 36.34 -31.75
CA ASN B 147 18.10 35.07 -32.42
C ASN B 147 17.30 34.95 -33.71
N LEU B 148 16.59 35.99 -34.12
CA LEU B 148 15.78 35.97 -35.33
C LEU B 148 16.03 37.22 -36.15
N ILE B 149 15.87 37.10 -37.46
CA ILE B 149 15.98 38.24 -38.38
C ILE B 149 14.70 38.34 -39.18
N TRP B 150 14.11 39.53 -39.19
CA TRP B 150 12.90 39.82 -39.94
C TRP B 150 13.31 40.50 -41.25
N LEU B 151 13.34 39.72 -42.33
CA LEU B 151 13.75 40.25 -43.61
C LEU B 151 12.61 40.99 -44.29
N VAL B 152 12.96 42.02 -45.06
CA VAL B 152 12.01 42.79 -45.83
C VAL B 152 12.57 42.97 -47.25
N LYS B 153 11.77 43.60 -48.10
CA LYS B 153 12.19 43.88 -49.47
C LYS B 153 13.36 44.86 -49.49
N LYS B 154 14.32 44.62 -50.37
CA LYS B 154 15.43 45.56 -50.57
C LYS B 154 15.12 46.51 -51.72
N GLY B 155 13.93 47.10 -51.64
CA GLY B 155 13.55 48.15 -52.55
C GLY B 155 12.72 47.66 -53.72
N ASN B 156 11.40 47.77 -53.60
CA ASN B 156 10.47 47.40 -54.66
C ASN B 156 10.77 46.02 -55.25
N SER B 157 11.35 45.13 -54.44
CA SER B 157 11.72 43.81 -54.93
C SER B 157 12.03 42.91 -53.75
N TYR B 158 11.46 41.71 -53.77
CA TYR B 158 11.75 40.66 -52.81
C TYR B 158 12.10 39.39 -53.58
N PRO B 159 13.37 39.14 -53.87
CA PRO B 159 13.73 37.94 -54.60
C PRO B 159 13.48 36.68 -53.77
N LYS B 160 13.19 35.61 -54.48
CA LYS B 160 12.95 34.32 -53.85
C LYS B 160 14.16 33.85 -53.06
N LEU B 161 13.91 33.45 -51.82
CA LEU B 161 14.96 33.14 -50.85
C LEU B 161 15.08 31.63 -50.72
N ASN B 162 16.31 31.12 -50.79
CA ASN B 162 16.60 29.69 -50.73
C ASN B 162 17.88 29.51 -49.92
N GLN B 163 17.76 28.88 -48.75
CA GLN B 163 18.91 28.69 -47.89
C GLN B 163 18.87 27.30 -47.27
N THR B 164 20.03 26.78 -46.91
CA THR B 164 20.16 25.44 -46.35
C THR B 164 21.26 25.41 -45.31
N TYR B 165 21.11 24.52 -44.34
CA TYR B 165 22.11 24.30 -43.31
C TYR B 165 22.29 22.80 -43.10
N ILE B 166 23.54 22.35 -43.14
CA ILE B 166 23.89 20.95 -42.90
C ILE B 166 24.51 20.84 -41.51
N ASN B 167 23.99 19.92 -40.70
CA ASN B 167 24.40 19.79 -39.31
C ASN B 167 25.73 19.05 -39.26
N ASP B 168 26.81 19.83 -39.18
CA ASP B 168 28.15 19.27 -39.06
C ASP B 168 28.53 18.93 -37.63
N LYS B 169 27.75 19.39 -36.65
CA LYS B 169 28.01 19.04 -35.26
C LYS B 169 27.67 17.56 -35.02
N GLY B 170 28.08 17.06 -33.85
CA GLY B 170 27.84 15.68 -33.52
C GLY B 170 26.62 15.46 -32.66
N LYS B 171 25.77 16.49 -32.56
CA LYS B 171 24.60 16.39 -31.71
C LYS B 171 23.53 17.33 -32.24
N GLU B 172 22.33 17.20 -31.66
CA GLU B 172 21.14 17.86 -32.19
C GLU B 172 21.26 19.38 -32.15
N VAL B 173 20.60 20.02 -33.11
CA VAL B 173 20.60 21.47 -33.22
C VAL B 173 19.15 21.94 -33.20
N LEU B 174 18.80 22.79 -32.23
CA LEU B 174 17.49 23.41 -32.19
C LEU B 174 17.50 24.67 -33.05
N VAL B 175 16.51 24.77 -33.94
CA VAL B 175 16.37 25.87 -34.87
C VAL B 175 14.99 26.46 -34.71
N LEU B 176 14.91 27.79 -34.62
CA LEU B 176 13.65 28.50 -34.46
C LEU B 176 13.46 29.51 -35.58
N TRP B 177 12.25 29.58 -36.12
CA TRP B 177 11.92 30.56 -37.15
C TRP B 177 10.51 31.09 -36.88
N GLY B 178 10.10 32.05 -37.71
CA GLY B 178 8.80 32.67 -37.55
C GLY B 178 8.15 32.98 -38.88
N ILE B 179 6.83 32.99 -38.86
CA ILE B 179 6.01 33.34 -40.02
C ILE B 179 5.14 34.52 -39.64
N HIS B 180 5.20 35.59 -40.43
CA HIS B 180 4.51 36.84 -40.10
C HIS B 180 3.24 36.97 -40.93
N HIS B 181 2.13 37.26 -40.25
CA HIS B 181 0.86 37.50 -40.90
C HIS B 181 0.52 38.98 -40.76
N PRO B 182 0.60 39.77 -41.82
CA PRO B 182 0.27 41.19 -41.73
C PRO B 182 -1.23 41.39 -41.57
N PRO B 183 -1.66 42.56 -41.13
CA PRO B 183 -3.10 42.78 -40.97
C PRO B 183 -3.83 43.09 -42.27
N THR B 184 -3.16 43.73 -43.23
CA THR B 184 -3.81 44.13 -44.48
C THR B 184 -2.93 43.76 -45.65
N ILE B 185 -3.54 43.68 -46.84
CA ILE B 185 -2.80 43.36 -48.05
C ILE B 185 -1.79 44.46 -48.35
N ALA B 186 -2.13 45.71 -48.01
CA ALA B 186 -1.20 46.82 -48.19
C ALA B 186 0.07 46.61 -47.39
N ALA B 187 -0.06 46.13 -46.15
CA ALA B 187 1.13 45.84 -45.34
C ALA B 187 1.96 44.73 -45.95
N GLN B 188 1.30 43.70 -46.49
CA GLN B 188 2.01 42.62 -47.14
C GLN B 188 2.80 43.13 -48.34
N GLU B 189 2.21 44.02 -49.13
CA GLU B 189 2.89 44.55 -50.29
C GLU B 189 4.01 45.49 -49.89
N SER B 190 3.83 46.27 -48.82
CA SER B 190 4.87 47.18 -48.37
C SER B 190 6.03 46.47 -47.70
N LEU B 191 5.81 45.27 -47.17
CA LEU B 191 6.90 44.56 -46.48
C LEU B 191 7.56 43.50 -47.33
N TYR B 192 6.82 42.83 -48.21
CA TYR B 192 7.35 41.71 -48.97
C TYR B 192 7.08 41.76 -50.47
N GLN B 193 6.27 42.70 -50.96
CA GLN B 193 6.04 42.99 -52.36
C GLN B 193 5.20 41.90 -53.05
N ASN B 194 4.95 40.78 -52.38
CA ASN B 194 4.31 39.63 -53.01
C ASN B 194 3.04 39.28 -52.23
N ALA B 195 1.88 39.52 -52.86
CA ALA B 195 0.62 39.15 -52.24
C ALA B 195 0.49 37.65 -52.09
N ASP B 196 0.88 36.90 -53.13
CA ASP B 196 0.82 35.44 -53.10
C ASP B 196 2.16 34.90 -52.64
N ALA B 197 2.38 34.96 -51.34
CA ALA B 197 3.63 34.55 -50.72
C ALA B 197 3.47 33.20 -50.04
N TYR B 198 4.57 32.47 -49.93
CA TYR B 198 4.57 31.18 -49.26
C TYR B 198 5.93 30.94 -48.63
N VAL B 199 5.95 30.08 -47.62
CA VAL B 199 7.17 29.65 -46.96
C VAL B 199 7.15 28.13 -46.94
N PHE B 200 8.34 27.53 -47.02
CA PHE B 200 8.48 26.09 -46.95
C PHE B 200 9.71 25.76 -46.12
N VAL B 201 9.53 24.95 -45.08
CA VAL B 201 10.63 24.53 -44.22
C VAL B 201 10.70 23.01 -44.26
N GLY B 202 11.89 22.49 -44.56
CA GLY B 202 12.02 21.06 -44.73
C GLY B 202 13.27 20.43 -44.14
N THR B 203 13.09 19.29 -43.47
CA THR B 203 14.20 18.45 -43.04
C THR B 203 13.95 17.03 -43.52
N SER B 204 14.74 16.08 -43.03
CA SER B 204 14.50 14.68 -43.39
C SER B 204 13.14 14.20 -42.90
N ARG B 205 12.77 14.59 -41.68
CA ARG B 205 11.49 14.18 -41.10
C ARG B 205 10.44 15.29 -41.09
N TYR B 206 10.85 16.55 -41.11
CA TYR B 206 9.92 17.66 -41.06
C TYR B 206 9.81 18.34 -42.42
N SER B 207 8.57 18.60 -42.85
CA SER B 207 8.33 19.28 -44.12
C SER B 207 6.98 19.96 -44.03
N LYS B 208 6.96 21.29 -44.07
CA LYS B 208 5.72 22.02 -43.92
C LYS B 208 5.72 23.27 -44.78
N LYS B 209 4.55 23.57 -45.37
CA LYS B 209 4.34 24.75 -46.19
C LYS B 209 3.41 25.70 -45.43
N PHE B 210 3.90 26.90 -45.17
CA PHE B 210 3.15 27.95 -44.48
C PHE B 210 2.67 29.00 -45.48
N LYS B 211 1.44 29.45 -45.27
CA LYS B 211 0.83 30.48 -46.08
C LYS B 211 0.31 31.59 -45.18
N PRO B 212 0.60 32.86 -45.51
CA PRO B 212 0.16 33.95 -44.63
C PRO B 212 -1.36 34.05 -44.54
N GLU B 213 -1.84 34.41 -43.35
CA GLU B 213 -3.25 34.70 -43.11
C GLU B 213 -3.38 36.20 -42.91
N ILE B 214 -3.74 36.90 -43.97
CA ILE B 214 -3.79 38.36 -43.97
C ILE B 214 -5.19 38.79 -43.57
N ALA B 215 -5.34 39.23 -42.32
CA ALA B 215 -6.60 39.75 -41.82
C ALA B 215 -6.34 40.51 -40.53
N THR B 216 -7.22 41.48 -40.26
CA THR B 216 -7.08 42.30 -39.07
C THR B 216 -7.46 41.52 -37.82
N ARG B 217 -6.62 41.60 -36.81
CA ARG B 217 -6.80 40.95 -35.52
C ARG B 217 -7.06 41.99 -34.45
N PRO B 218 -7.62 41.58 -33.31
CA PRO B 218 -7.66 42.47 -32.16
C PRO B 218 -6.25 42.89 -31.76
N LYS B 219 -6.12 44.16 -31.40
CA LYS B 219 -4.82 44.80 -31.23
C LYS B 219 -4.29 44.55 -29.83
N VAL B 220 -3.17 43.84 -29.74
CA VAL B 220 -2.43 43.70 -28.49
C VAL B 220 -1.00 44.17 -28.74
N ARG B 221 -0.48 44.96 -27.80
CA ARG B 221 0.82 45.63 -27.94
C ARG B 221 0.91 46.44 -29.22
N ASP B 222 -0.17 47.14 -29.57
CA ASP B 222 -0.19 48.09 -30.68
C ASP B 222 0.08 47.41 -32.02
N GLN B 223 -0.19 46.11 -32.11
CA GLN B 223 0.01 45.34 -33.33
C GLN B 223 -1.32 44.72 -33.78
N GLU B 224 -1.61 44.87 -35.06
CA GLU B 224 -2.81 44.31 -35.66
C GLU B 224 -2.54 43.03 -36.44
N GLY B 225 -1.28 42.69 -36.68
CA GLY B 225 -0.91 41.43 -37.27
C GLY B 225 -0.45 40.42 -36.23
N ARG B 226 0.15 39.34 -36.71
CA ARG B 226 0.59 38.27 -35.83
C ARG B 226 1.93 37.73 -36.34
N MET B 227 2.61 36.98 -35.46
CA MET B 227 3.85 36.32 -35.85
C MET B 227 3.90 34.98 -35.12
N ASN B 228 3.74 33.90 -35.87
CA ASN B 228 3.77 32.55 -35.32
C ASN B 228 5.20 32.03 -35.27
N TYR B 229 5.54 31.37 -34.17
CA TYR B 229 6.90 30.90 -33.92
C TYR B 229 6.95 29.39 -33.98
N TYR B 230 7.91 28.86 -34.72
CA TYR B 230 8.06 27.43 -34.91
C TYR B 230 9.48 27.01 -34.55
N TRP B 231 9.61 25.78 -34.06
CA TRP B 231 10.91 25.23 -33.70
C TRP B 231 11.03 23.81 -34.25
N THR B 232 12.26 23.41 -34.51
CA THR B 232 12.55 22.07 -34.97
C THR B 232 13.91 21.63 -34.43
N LEU B 233 14.12 20.32 -34.43
CA LEU B 233 15.39 19.73 -34.02
C LEU B 233 16.00 18.99 -35.19
N VAL B 234 17.22 19.35 -35.55
CA VAL B 234 17.95 18.75 -36.67
C VAL B 234 18.97 17.79 -36.09
N GLU B 235 18.91 16.54 -36.52
CA GLU B 235 19.78 15.47 -36.10
C GLU B 235 21.16 15.63 -36.74
N PRO B 236 22.20 15.04 -36.14
CA PRO B 236 23.51 15.07 -36.79
C PRO B 236 23.48 14.42 -38.16
N GLY B 237 24.13 15.07 -39.13
CA GLY B 237 24.13 14.61 -40.49
C GLY B 237 22.92 14.99 -41.30
N ASP B 238 21.93 15.66 -40.70
CA ASP B 238 20.73 16.07 -41.39
C ASP B 238 20.82 17.56 -41.75
N LYS B 239 19.93 17.98 -42.65
CA LYS B 239 19.95 19.34 -43.17
C LYS B 239 18.57 19.95 -43.11
N ILE B 240 18.53 21.26 -42.92
CA ILE B 240 17.29 22.02 -42.88
C ILE B 240 17.31 23.04 -44.01
N THR B 241 16.18 23.17 -44.70
CA THR B 241 16.07 24.01 -45.88
C THR B 241 14.92 24.98 -45.72
N PHE B 242 15.20 26.27 -45.96
CA PHE B 242 14.21 27.34 -45.92
C PHE B 242 14.01 27.88 -47.34
N GLU B 243 12.76 27.94 -47.76
CA GLU B 243 12.37 28.44 -49.07
C GLU B 243 11.28 29.47 -48.84
N ALA B 244 11.38 30.63 -49.49
CA ALA B 244 10.43 31.68 -49.16
C ALA B 244 10.25 32.64 -50.32
N THR B 245 9.01 33.13 -50.47
CA THR B 245 8.72 34.29 -51.28
C THR B 245 8.35 35.49 -50.42
N GLY B 246 8.12 35.27 -49.13
CA GLY B 246 7.85 36.35 -48.20
C GLY B 246 7.37 35.78 -46.88
N ASN B 247 7.24 36.69 -45.91
CA ASN B 247 6.66 36.38 -44.60
C ASN B 247 7.50 35.34 -43.85
N LEU B 248 8.81 35.54 -43.79
CA LEU B 248 9.70 34.62 -43.11
C LEU B 248 10.62 35.39 -42.17
N VAL B 249 10.68 34.95 -40.92
CA VAL B 249 11.60 35.49 -39.92
C VAL B 249 12.67 34.41 -39.72
N VAL B 250 13.79 34.55 -40.41
CA VAL B 250 14.82 33.52 -40.48
C VAL B 250 15.57 33.40 -39.15
N PRO B 251 16.13 32.23 -38.85
CA PRO B 251 16.99 32.13 -37.67
C PRO B 251 18.30 32.88 -37.87
N ARG B 252 18.83 33.41 -36.77
CA ARG B 252 20.19 33.91 -36.73
C ARG B 252 21.09 33.05 -35.85
N TYR B 253 20.57 32.60 -34.70
CA TYR B 253 21.31 31.79 -33.76
C TYR B 253 20.56 30.48 -33.54
N ALA B 254 21.27 29.37 -33.73
CA ALA B 254 20.77 28.04 -33.42
C ALA B 254 21.45 27.53 -32.17
N PHE B 255 20.84 26.52 -31.55
CA PHE B 255 21.27 26.05 -30.24
C PHE B 255 21.68 24.58 -30.32
N THR B 256 22.98 24.31 -30.26
CA THR B 256 23.44 22.93 -30.16
C THR B 256 23.15 22.39 -28.78
N MET B 257 22.46 21.25 -28.73
CA MET B 257 21.91 20.69 -27.50
C MET B 257 22.41 19.27 -27.27
N GLU B 258 22.50 18.88 -26.01
CA GLU B 258 22.73 17.49 -25.62
C GLU B 258 21.97 17.23 -24.34
N ARG B 259 21.21 16.14 -24.32
CA ARG B 259 20.35 15.82 -23.19
C ARG B 259 21.10 14.95 -22.19
N ASP B 260 20.46 14.68 -21.06
CA ASP B 260 21.05 13.82 -20.03
C ASP B 260 20.18 12.59 -19.76
N SER B 263 16.68 19.38 -15.12
CA SER B 263 15.88 18.25 -14.68
C SER B 263 14.38 18.59 -14.74
N GLY B 264 14.09 19.88 -14.74
CA GLY B 264 12.73 20.36 -14.78
C GLY B 264 12.69 21.87 -14.66
N ILE B 265 11.48 22.41 -14.67
CA ILE B 265 11.25 23.84 -14.58
C ILE B 265 10.44 24.09 -13.31
N ILE B 266 10.97 24.90 -12.41
CA ILE B 266 10.29 25.25 -11.17
C ILE B 266 10.03 26.75 -11.18
N ILE B 267 8.82 27.14 -10.78
CA ILE B 267 8.42 28.54 -10.70
C ILE B 267 8.47 28.94 -9.23
N SER B 268 9.39 29.82 -8.88
CA SER B 268 9.54 30.25 -7.49
C SER B 268 10.18 31.63 -7.45
N ASP B 269 9.93 32.35 -6.36
CA ASP B 269 10.53 33.64 -6.11
C ASP B 269 11.73 33.56 -5.17
N THR B 270 12.16 32.36 -4.83
CA THR B 270 13.23 32.18 -3.86
C THR B 270 14.57 32.60 -4.47
N PRO B 271 15.43 33.29 -3.71
CA PRO B 271 16.74 33.67 -4.26
C PRO B 271 17.68 32.48 -4.40
N VAL B 272 18.76 32.70 -5.13
CA VAL B 272 19.72 31.65 -5.49
C VAL B 272 21.04 31.90 -4.77
N HIS B 273 21.63 30.83 -4.22
CA HIS B 273 22.92 30.89 -3.55
C HIS B 273 23.75 29.68 -3.94
N ASP B 274 24.92 29.55 -3.29
CA ASP B 274 25.86 28.46 -3.55
C ASP B 274 25.74 27.44 -2.42
N CYS B 275 24.93 26.40 -2.66
CA CYS B 275 24.59 25.48 -1.59
C CYS B 275 24.56 24.05 -2.11
N ASN B 276 25.57 23.64 -2.87
CA ASN B 276 25.46 22.42 -3.66
C ASN B 276 24.90 21.26 -2.84
N THR B 277 23.68 20.84 -3.18
CA THR B 277 22.89 19.93 -2.37
C THR B 277 21.82 19.30 -3.26
N THR B 278 21.29 18.18 -2.81
CA THR B 278 20.31 17.38 -3.54
C THR B 278 18.89 17.75 -3.12
N CYS B 279 17.93 17.44 -3.99
CA CYS B 279 16.49 17.51 -3.70
C CYS B 279 16.05 18.94 -3.40
N GLN B 280 16.11 19.77 -4.44
CA GLN B 280 15.58 21.12 -4.34
C GLN B 280 14.06 21.13 -4.54
N THR B 281 13.42 22.06 -3.83
CA THR B 281 11.98 22.30 -3.92
C THR B 281 11.77 23.79 -4.12
N PRO B 282 10.61 24.19 -4.68
CA PRO B 282 10.35 25.62 -4.90
C PRO B 282 10.48 26.46 -3.65
N GLU B 283 10.20 25.88 -2.49
CA GLU B 283 10.45 26.58 -1.24
C GLU B 283 11.94 26.64 -0.92
N GLY B 284 12.61 25.50 -0.92
CA GLY B 284 14.03 25.46 -0.63
C GLY B 284 14.55 24.04 -0.66
N ALA B 285 15.85 23.93 -0.43
CA ALA B 285 16.50 22.63 -0.48
C ALA B 285 16.15 21.78 0.74
N ILE B 286 16.22 20.47 0.57
CA ILE B 286 16.01 19.51 1.63
C ILE B 286 17.31 18.75 1.86
N ASN B 287 17.78 18.75 3.11
CA ASN B 287 19.01 18.05 3.49
C ASN B 287 18.63 17.05 4.58
N THR B 288 18.22 15.85 4.16
CA THR B 288 17.82 14.83 5.12
C THR B 288 17.98 13.46 4.49
N SER B 289 17.99 12.44 5.35
CA SER B 289 18.05 11.05 4.93
C SER B 289 16.73 10.33 5.19
N LEU B 290 15.72 11.02 5.71
CA LEU B 290 14.41 10.52 6.09
C LEU B 290 13.56 10.26 4.87
N PRO B 291 12.64 9.29 4.93
CA PRO B 291 11.93 8.87 3.72
C PRO B 291 10.77 9.77 3.33
N PHE B 292 10.22 10.53 4.27
CA PHE B 292 9.02 11.32 4.03
C PHE B 292 9.28 12.80 4.31
N GLN B 293 8.61 13.65 3.54
CA GLN B 293 8.68 15.09 3.75
C GLN B 293 7.34 15.70 3.35
N ASN B 294 7.07 16.89 3.88
CA ASN B 294 5.83 17.59 3.60
C ASN B 294 6.06 19.08 3.37
N VAL B 295 7.15 19.45 2.69
CA VAL B 295 7.39 20.85 2.40
C VAL B 295 6.71 21.25 1.08
N HIS B 296 6.83 20.43 0.05
CA HIS B 296 6.22 20.73 -1.24
C HIS B 296 6.15 19.48 -2.11
N PRO B 297 5.04 19.26 -2.83
CA PRO B 297 4.95 18.07 -3.68
C PRO B 297 5.81 18.13 -4.93
N ILE B 298 6.25 19.30 -5.36
CA ILE B 298 7.11 19.43 -6.54
C ILE B 298 8.55 19.34 -6.07
N THR B 299 9.31 18.41 -6.65
CA THR B 299 10.67 18.13 -6.22
C THR B 299 11.56 17.88 -7.42
N ILE B 300 12.85 18.08 -7.24
CA ILE B 300 13.83 17.80 -8.27
C ILE B 300 15.02 17.06 -7.67
N CYS B 303 15.07 12.51 -3.44
CA CYS B 303 13.99 13.25 -2.80
C CYS B 303 13.07 12.36 -1.98
N PRO B 304 12.86 12.74 -0.72
CA PRO B 304 11.90 12.01 0.12
C PRO B 304 10.48 12.18 -0.41
N LYS B 305 9.68 11.15 -0.17
CA LYS B 305 8.33 11.12 -0.70
C LYS B 305 7.44 12.12 0.04
N TYR B 306 6.41 12.59 -0.65
CA TYR B 306 5.55 13.64 -0.14
C TYR B 306 4.27 13.05 0.44
N VAL B 307 3.89 13.50 1.63
CA VAL B 307 2.66 13.11 2.29
C VAL B 307 2.01 14.36 2.88
N LYS B 308 0.71 14.26 3.17
CA LYS B 308 0.01 15.28 3.94
C LYS B 308 -0.02 14.92 5.42
N SER B 309 1.03 14.25 5.90
CA SER B 309 1.17 13.96 7.32
C SER B 309 1.70 15.18 8.03
N THR B 310 1.11 15.49 9.19
CA THR B 310 1.65 16.56 10.02
C THR B 310 2.63 16.05 11.05
N LYS B 311 2.65 14.73 11.29
CA LYS B 311 3.55 14.14 12.27
C LYS B 311 3.62 12.64 12.04
N LEU B 312 4.83 12.10 11.89
CA LEU B 312 5.04 10.65 11.68
C LEU B 312 6.18 10.21 12.61
N ARG B 313 6.09 10.12 13.84
CA ARG B 313 7.18 9.80 14.79
C ARG B 313 7.15 8.32 15.16
N LEU B 314 8.12 7.61 14.99
CA LEU B 314 8.22 6.16 15.21
C LEU B 314 8.78 5.93 16.60
N ALA B 315 8.03 5.20 17.43
CA ALA B 315 8.45 4.90 18.79
C ALA B 315 9.56 3.88 18.77
N THR B 316 10.68 4.21 19.39
CA THR B 316 11.81 3.30 19.51
C THR B 316 12.08 2.88 20.94
N GLY B 317 11.33 3.41 21.89
CA GLY B 317 11.56 3.10 23.30
C GLY B 317 10.35 2.56 24.00
N LEU B 318 10.41 2.50 25.33
CA LEU B 318 9.35 1.92 26.12
C LEU B 318 8.21 2.90 26.29
N ARG B 319 7.09 2.40 26.79
CA ARG B 319 6.02 3.27 27.24
C ARG B 319 6.43 3.96 28.54
N ASN B 320 6.56 5.28 28.49
CA ASN B 320 7.07 6.03 29.63
C ASN B 320 6.04 6.02 30.75
N VAL B 321 6.34 5.28 31.81
CA VAL B 321 5.47 5.20 32.98
C VAL B 321 6.24 5.65 34.20
N PRO B 322 5.81 6.71 34.89
CA PRO B 322 6.51 7.21 36.08
C PRO B 322 5.99 6.58 37.37
N ASP C 1 -16.96 -20.09 47.17
CA ASP C 1 -15.85 -21.01 47.38
C ASP C 1 -15.11 -21.28 46.08
N THR C 2 -15.70 -20.87 44.96
CA THR C 2 -15.07 -21.02 43.65
C THR C 2 -15.17 -19.72 42.87
N LEU C 3 -14.08 -19.29 42.23
CA LEU C 3 -14.06 -18.09 41.34
C LEU C 3 -13.49 -18.50 40.00
N CYS C 4 -14.27 -18.41 38.93
CA CYS C 4 -13.78 -18.75 37.59
C CYS C 4 -13.63 -17.49 36.73
N ILE C 5 -12.71 -17.51 35.77
CA ILE C 5 -12.51 -16.37 34.84
C ILE C 5 -13.06 -16.83 33.49
N GLY C 6 -13.73 -15.96 32.73
CA GLY C 6 -14.35 -16.44 31.52
C GLY C 6 -14.62 -15.31 30.57
N TYR C 7 -15.03 -15.66 29.35
CA TYR C 7 -15.26 -14.69 28.31
C TYR C 7 -16.65 -14.89 27.71
N HIS C 8 -17.06 -13.92 26.91
CA HIS C 8 -18.43 -13.80 26.43
C HIS C 8 -18.68 -14.70 25.23
N ALA C 9 -19.92 -15.17 25.10
CA ALA C 9 -20.38 -15.91 23.93
C ALA C 9 -21.82 -15.54 23.63
N ASN C 10 -22.22 -15.70 22.37
CA ASN C 10 -23.55 -15.29 21.94
C ASN C 10 -23.94 -16.06 20.69
N ASN C 11 -25.22 -15.97 20.34
CA ASN C 11 -25.76 -16.62 19.14
C ASN C 11 -25.61 -15.67 17.95
N SER C 12 -24.35 -15.38 17.62
CA SER C 12 -24.02 -14.54 16.48
C SER C 12 -23.30 -15.35 15.44
N THR C 13 -23.72 -15.22 14.19
CA THR C 13 -23.16 -15.97 13.07
C THR C 13 -22.34 -15.06 12.17
N ASP C 14 -21.80 -13.99 12.73
CA ASP C 14 -20.94 -13.07 11.99
C ASP C 14 -19.57 -13.68 11.80
N THR C 15 -19.11 -13.71 10.56
CA THR C 15 -17.87 -14.37 10.18
C THR C 15 -16.86 -13.35 9.66
N VAL C 16 -15.62 -13.47 10.15
CA VAL C 16 -14.52 -12.62 9.70
C VAL C 16 -13.42 -13.52 9.15
N ASP C 17 -12.52 -12.91 8.38
CA ASP C 17 -11.44 -13.61 7.71
C ASP C 17 -10.11 -13.22 8.35
N THR C 18 -9.35 -14.23 8.78
CA THR C 18 -8.04 -14.05 9.36
C THR C 18 -7.01 -14.77 8.50
N VAL C 19 -5.79 -14.26 8.47
CA VAL C 19 -4.80 -14.73 7.50
C VAL C 19 -4.36 -16.15 7.84
N LEU C 20 -4.55 -16.60 9.07
CA LEU C 20 -4.20 -17.98 9.40
C LEU C 20 -5.39 -18.92 9.25
N GLU C 21 -6.59 -18.46 9.62
CA GLU C 21 -7.77 -19.31 9.52
C GLU C 21 -8.95 -18.50 8.98
N LYS C 22 -9.70 -19.10 8.07
CA LYS C 22 -10.85 -18.43 7.44
C LYS C 22 -12.15 -18.89 8.09
N ASN C 23 -13.19 -18.07 8.08
CA ASN C 23 -14.51 -18.32 8.66
C ASN C 23 -14.45 -18.46 10.18
N VAL C 24 -14.06 -17.38 10.83
CA VAL C 24 -14.01 -17.31 12.29
C VAL C 24 -15.26 -16.58 12.76
N THR C 25 -16.10 -17.27 13.52
CA THR C 25 -17.26 -16.62 14.11
C THR C 25 -16.83 -15.73 15.25
N VAL C 26 -17.31 -14.49 15.26
CA VAL C 26 -16.93 -13.50 16.24
C VAL C 26 -18.17 -13.03 16.98
N THR C 27 -17.99 -12.63 18.23
CA THR C 27 -19.09 -12.11 19.02
C THR C 27 -19.63 -10.81 18.44
N HIS C 28 -18.74 -9.90 18.08
CA HIS C 28 -19.12 -8.62 17.51
C HIS C 28 -18.21 -8.28 16.34
N SER C 29 -18.76 -7.56 15.38
CA SER C 29 -18.00 -7.14 14.20
C SER C 29 -18.63 -5.88 13.63
N VAL C 30 -17.86 -5.19 12.79
CA VAL C 30 -18.37 -4.04 12.06
C VAL C 30 -18.09 -4.26 10.58
N ASN C 31 -18.82 -3.55 9.75
CA ASN C 31 -18.68 -3.65 8.30
C ASN C 31 -18.03 -2.37 7.79
N LEU C 32 -16.92 -2.51 7.08
CA LEU C 32 -16.21 -1.38 6.50
C LEU C 32 -16.56 -1.14 5.04
N LEU C 33 -17.53 -1.87 4.51
CA LEU C 33 -17.88 -1.82 3.10
C LEU C 33 -19.32 -1.41 2.93
N GLU C 34 -19.56 -0.45 2.03
CA GLU C 34 -20.91 -0.01 1.70
C GLU C 34 -21.31 -0.60 0.36
N ASP C 35 -22.42 -1.34 0.34
CA ASP C 35 -22.90 -1.95 -0.88
C ASP C 35 -24.35 -1.60 -1.17
N LYS C 36 -24.86 -0.51 -0.61
CA LYS C 36 -26.24 -0.11 -0.76
C LYS C 36 -26.31 1.31 -1.31
N HIS C 37 -27.31 1.56 -2.16
CA HIS C 37 -27.55 2.89 -2.67
C HIS C 37 -29.05 3.10 -2.81
N ASN C 38 -29.45 4.37 -2.79
CA ASN C 38 -30.85 4.75 -2.86
C ASN C 38 -31.43 4.66 -4.27
N GLY C 39 -30.61 4.49 -5.30
CA GLY C 39 -31.12 4.27 -6.63
C GLY C 39 -31.89 5.41 -7.23
N LYS C 40 -31.55 6.65 -6.89
CA LYS C 40 -32.16 7.83 -7.49
C LYS C 40 -31.14 8.95 -7.53
N LEU C 41 -31.12 9.70 -8.63
CA LEU C 41 -30.20 10.82 -8.73
C LEU C 41 -30.59 11.92 -7.75
N CYS C 42 -29.59 12.53 -7.14
CA CYS C 42 -29.80 13.40 -6.00
C CYS C 42 -28.92 14.62 -6.12
N LYS C 43 -29.29 15.67 -5.38
CA LYS C 43 -28.64 16.95 -5.46
C LYS C 43 -27.45 17.02 -4.51
N LEU C 44 -26.27 17.29 -5.05
CA LEU C 44 -25.13 17.64 -4.21
C LEU C 44 -25.26 19.06 -3.72
N ARG C 45 -24.98 19.24 -2.40
CA ARG C 45 -24.98 20.62 -1.86
C ARG C 45 -26.29 21.30 -2.26
N GLY C 46 -27.40 20.62 -2.15
CA GLY C 46 -28.70 21.26 -2.34
C GLY C 46 -29.06 21.59 -3.77
N VAL C 47 -28.08 22.06 -4.55
CA VAL C 47 -28.35 22.49 -5.92
C VAL C 47 -28.57 21.27 -6.80
N ALA C 48 -29.68 21.29 -7.55
CA ALA C 48 -30.02 20.18 -8.42
C ALA C 48 -29.05 20.11 -9.60
N PRO C 49 -28.86 18.92 -10.17
CA PRO C 49 -28.00 18.79 -11.35
C PRO C 49 -28.70 19.28 -12.61
N LEU C 50 -27.94 19.28 -13.70
CA LEU C 50 -28.46 19.62 -15.02
C LEU C 50 -28.72 18.33 -15.77
N HIS C 51 -29.98 18.08 -16.10
CA HIS C 51 -30.39 16.84 -16.74
C HIS C 51 -30.68 17.10 -18.20
N LEU C 52 -29.85 16.54 -19.07
CA LEU C 52 -30.03 16.64 -20.52
C LEU C 52 -30.70 15.34 -20.96
N GLY C 53 -32.03 15.36 -20.99
CA GLY C 53 -32.80 14.15 -21.21
C GLY C 53 -32.54 13.48 -22.55
N LYS C 54 -32.93 14.14 -23.64
CA LYS C 54 -32.73 13.57 -24.99
C LYS C 54 -31.62 14.33 -25.70
N CYS C 55 -30.88 15.16 -24.99
CA CYS C 55 -29.82 15.97 -25.56
C CYS C 55 -28.47 15.55 -25.00
N ASN C 56 -27.44 15.73 -25.81
CA ASN C 56 -26.08 15.68 -25.32
C ASN C 56 -25.57 17.11 -25.16
N ILE C 57 -24.32 17.25 -24.72
CA ILE C 57 -23.79 18.59 -24.47
C ILE C 57 -23.73 19.40 -25.75
N ALA C 58 -23.38 18.76 -26.87
CA ALA C 58 -23.32 19.49 -28.14
C ALA C 58 -24.68 20.05 -28.51
N GLY C 59 -25.71 19.22 -28.48
CA GLY C 59 -27.04 19.69 -28.85
C GLY C 59 -27.57 20.74 -27.89
N TRP C 60 -27.29 20.57 -26.60
CA TRP C 60 -27.77 21.53 -25.61
C TRP C 60 -27.10 22.89 -25.77
N ILE C 61 -25.79 22.89 -26.00
CA ILE C 61 -25.06 24.15 -26.08
C ILE C 61 -25.19 24.80 -27.45
N LEU C 62 -25.57 24.04 -28.48
CA LEU C 62 -25.82 24.63 -29.78
C LEU C 62 -27.25 25.14 -29.92
N GLY C 63 -28.16 24.69 -29.08
CA GLY C 63 -29.55 25.12 -29.17
C GLY C 63 -30.36 24.27 -30.13
N ASN C 64 -30.34 22.97 -29.92
CA ASN C 64 -31.07 22.05 -30.77
C ASN C 64 -32.58 22.31 -30.65
N PRO C 65 -33.31 22.23 -31.76
CA PRO C 65 -34.76 22.52 -31.71
C PRO C 65 -35.51 21.65 -30.72
N GLU C 66 -35.07 20.41 -30.53
CA GLU C 66 -35.71 19.49 -29.60
C GLU C 66 -35.13 19.56 -28.20
N CYS C 67 -34.65 20.74 -27.80
CA CYS C 67 -33.98 20.89 -26.52
C CYS C 67 -34.41 22.16 -25.79
N GLU C 68 -35.51 22.78 -26.21
CA GLU C 68 -35.93 24.06 -25.65
C GLU C 68 -36.24 23.96 -24.16
N SER C 69 -36.66 22.79 -23.69
CA SER C 69 -36.96 22.63 -22.27
C SER C 69 -35.71 22.78 -21.42
N LEU C 70 -34.54 22.67 -22.03
CA LEU C 70 -33.26 22.72 -21.32
C LEU C 70 -32.55 24.05 -21.57
N SER C 71 -33.31 25.12 -21.79
CA SER C 71 -32.76 26.44 -22.04
C SER C 71 -32.75 27.31 -20.80
N THR C 72 -33.06 26.75 -19.63
CA THR C 72 -33.12 27.53 -18.39
C THR C 72 -32.44 26.74 -17.28
N ALA C 73 -31.26 27.18 -16.84
CA ALA C 73 -30.56 26.56 -15.70
C ALA C 73 -29.42 27.51 -15.31
N ARG C 74 -29.26 27.86 -14.05
CA ARG C 74 -28.24 28.89 -13.75
C ARG C 74 -27.04 28.27 -13.03
N SER C 75 -27.24 27.18 -12.28
CA SER C 75 -26.07 26.48 -11.68
C SER C 75 -26.38 24.98 -11.53
N TRP C 76 -25.34 24.14 -11.56
CA TRP C 76 -25.44 22.71 -11.45
C TRP C 76 -24.12 22.14 -10.92
N SER C 77 -24.23 21.17 -10.02
CA SER C 77 -23.04 20.52 -9.48
C SER C 77 -22.46 19.51 -10.47
N TYR C 78 -23.33 18.80 -11.19
CA TYR C 78 -22.90 17.83 -12.18
C TYR C 78 -23.93 17.73 -13.28
N ILE C 79 -23.50 17.21 -14.43
CA ILE C 79 -24.35 17.04 -15.60
C ILE C 79 -24.69 15.56 -15.74
N VAL C 80 -25.94 15.29 -16.14
CA VAL C 80 -26.43 13.94 -16.34
C VAL C 80 -26.86 13.77 -17.78
N GLU C 81 -26.39 12.71 -18.41
CA GLU C 81 -26.80 12.32 -19.75
C GLU C 81 -27.45 10.94 -19.68
N THR C 82 -28.10 10.55 -20.78
CA THR C 82 -28.82 9.29 -20.85
C THR C 82 -28.30 8.49 -22.03
N SER C 83 -28.48 7.18 -21.98
CA SER C 83 -28.03 6.31 -23.05
C SER C 83 -28.77 6.56 -24.36
N ASN C 84 -29.94 7.20 -24.31
CA ASN C 84 -30.70 7.53 -25.51
C ASN C 84 -30.56 9.00 -25.91
N SER C 85 -29.60 9.71 -25.33
CA SER C 85 -29.37 11.12 -25.66
C SER C 85 -28.59 11.22 -26.98
N ASP C 86 -29.34 11.09 -28.07
CA ASP C 86 -28.76 11.11 -29.40
C ASP C 86 -29.07 12.39 -30.18
N ASN C 87 -29.94 13.25 -29.66
CA ASN C 87 -30.28 14.50 -30.36
C ASN C 87 -29.21 15.53 -30.02
N GLY C 88 -28.18 15.57 -30.87
CA GLY C 88 -27.10 16.53 -30.71
C GLY C 88 -26.99 17.49 -31.86
N THR C 89 -25.96 17.32 -32.68
CA THR C 89 -25.76 18.17 -33.85
C THR C 89 -26.63 17.64 -34.98
N CYS C 90 -27.71 18.37 -35.28
CA CYS C 90 -28.62 17.94 -36.33
C CYS C 90 -27.97 18.05 -37.71
N TYR C 91 -27.34 19.17 -37.99
CA TYR C 91 -26.61 19.29 -39.25
C TYR C 91 -25.27 18.58 -39.12
N PRO C 92 -24.95 17.64 -40.02
CA PRO C 92 -23.72 16.86 -39.85
C PRO C 92 -22.47 17.70 -39.95
N GLY C 93 -21.44 17.26 -39.24
CA GLY C 93 -20.18 17.96 -39.26
C GLY C 93 -19.35 17.56 -38.06
N ASP C 94 -18.19 18.20 -37.94
CA ASP C 94 -17.25 17.95 -36.86
C ASP C 94 -17.32 19.07 -35.83
N PHE C 95 -17.49 18.77 -34.59
CA PHE C 95 -17.45 19.76 -33.49
C PHE C 95 -16.04 19.71 -32.98
N ILE C 96 -15.24 20.66 -33.27
CA ILE C 96 -13.81 20.73 -32.97
C ILE C 96 -13.62 21.00 -31.48
N ASN C 97 -12.78 20.17 -30.87
CA ASN C 97 -12.51 20.24 -29.43
C ASN C 97 -13.78 20.06 -28.62
N TYR C 98 -14.53 19.01 -28.94
CA TYR C 98 -15.78 18.73 -28.24
C TYR C 98 -15.52 18.23 -26.82
N GLU C 99 -14.58 17.30 -26.66
CA GLU C 99 -14.30 16.75 -25.35
C GLU C 99 -13.75 17.80 -24.40
N GLU C 100 -12.91 18.71 -24.91
CA GLU C 100 -12.44 19.82 -24.09
C GLU C 100 -13.60 20.69 -23.64
N LEU C 101 -14.55 20.93 -24.54
CA LEU C 101 -15.74 21.71 -24.19
C LEU C 101 -16.53 21.03 -23.08
N ARG C 102 -16.68 19.71 -23.18
CA ARG C 102 -17.40 18.98 -22.14
C ARG C 102 -16.68 19.07 -20.81
N GLU C 103 -15.35 18.96 -20.83
CA GLU C 103 -14.57 19.09 -19.60
C GLU C 103 -14.72 20.46 -18.98
N GLN C 104 -14.70 21.52 -19.79
CA GLN C 104 -14.89 22.86 -19.25
C GLN C 104 -16.29 23.04 -18.70
N LEU C 105 -17.31 22.59 -19.42
CA LEU C 105 -18.72 22.80 -19.03
C LEU C 105 -19.09 21.93 -17.84
N SER C 106 -18.26 20.97 -17.50
CA SER C 106 -18.57 20.05 -16.38
C SER C 106 -18.62 20.85 -15.09
N SER C 107 -17.69 21.79 -14.93
CA SER C 107 -17.59 22.62 -13.71
C SER C 107 -18.13 24.03 -13.96
N VAL C 108 -19.41 24.31 -13.70
CA VAL C 108 -19.84 25.72 -13.91
C VAL C 108 -20.63 26.23 -12.69
N SER C 109 -20.25 27.40 -12.17
CA SER C 109 -20.90 28.00 -10.97
C SER C 109 -21.62 29.31 -11.32
N SER C 110 -21.80 29.62 -12.60
CA SER C 110 -22.58 30.81 -13.02
C SER C 110 -22.78 30.79 -14.53
N PHE C 111 -23.78 29.98 -15.02
CA PHE C 111 -24.07 30.04 -16.46
C PHE C 111 -25.12 31.09 -16.71
N GLU C 112 -25.00 31.85 -17.83
CA GLU C 112 -26.07 32.81 -18.19
C GLU C 112 -26.03 33.10 -19.69
N ARG C 113 -27.17 32.77 -20.40
CA ARG C 113 -27.28 33.05 -21.85
C ARG C 113 -27.51 34.53 -22.10
N PHE C 114 -26.66 35.13 -23.03
CA PHE C 114 -26.88 36.55 -23.38
C PHE C 114 -26.84 36.68 -24.89
N GLU C 115 -27.75 37.46 -25.45
CA GLU C 115 -27.70 37.72 -26.91
C GLU C 115 -26.42 38.51 -27.21
N ILE C 116 -25.40 37.84 -27.72
CA ILE C 116 -24.15 38.50 -28.09
C ILE C 116 -24.37 39.39 -29.31
N PHE C 117 -25.15 38.91 -30.27
CA PHE C 117 -25.48 39.67 -31.48
C PHE C 117 -26.99 39.61 -31.69
N PRO C 118 -27.71 40.71 -31.48
CA PRO C 118 -29.17 40.69 -31.71
C PRO C 118 -29.49 40.36 -33.15
N LYS C 119 -30.58 39.60 -33.33
CA LYS C 119 -30.99 39.18 -34.66
C LYS C 119 -31.53 40.34 -35.48
N THR C 120 -32.24 41.27 -34.86
CA THR C 120 -32.97 42.30 -35.58
C THR C 120 -32.14 43.54 -35.90
N SER C 121 -30.92 43.64 -35.40
CA SER C 121 -30.14 44.86 -35.55
C SER C 121 -28.70 44.66 -35.95
N SER C 122 -28.18 43.43 -35.96
CA SER C 122 -26.76 43.20 -36.18
C SER C 122 -26.41 42.70 -37.58
N TRP C 123 -27.39 42.26 -38.37
CA TRP C 123 -27.14 41.77 -39.72
C TRP C 123 -28.09 42.48 -40.68
N PRO C 124 -27.85 43.77 -40.95
CA PRO C 124 -28.76 44.51 -41.83
C PRO C 124 -28.50 44.25 -43.30
N ASN C 125 -27.24 44.00 -43.65
CA ASN C 125 -26.84 43.80 -45.04
C ASN C 125 -26.95 42.36 -45.50
N HIS C 126 -27.19 41.43 -44.57
CA HIS C 126 -27.31 40.01 -44.89
C HIS C 126 -28.68 39.52 -44.47
N ASP C 127 -29.09 38.38 -45.02
CA ASP C 127 -30.38 37.79 -44.70
C ASP C 127 -30.20 36.77 -43.58
N SER C 128 -31.12 36.79 -42.62
CA SER C 128 -31.04 35.93 -41.45
C SER C 128 -32.36 35.24 -41.20
N ASP C 129 -33.04 34.82 -42.26
CA ASP C 129 -34.34 34.19 -42.14
C ASP C 129 -34.44 32.84 -42.83
N LYS C 130 -33.84 32.66 -44.00
CA LYS C 130 -33.95 31.40 -44.73
C LYS C 130 -32.77 30.48 -44.49
N GLY C 131 -32.06 30.66 -43.39
CA GLY C 131 -31.01 29.74 -43.03
C GLY C 131 -31.54 28.53 -42.31
N VAL C 132 -32.51 27.85 -42.93
CA VAL C 132 -33.17 26.70 -42.35
C VAL C 132 -32.83 25.47 -43.17
N THR C 133 -32.90 24.30 -42.52
CA THR C 133 -32.56 23.04 -43.16
C THR C 133 -33.51 21.96 -42.69
N ALA C 134 -33.64 20.91 -43.52
CA ALA C 134 -34.49 19.78 -43.17
C ALA C 134 -33.80 18.83 -42.21
N ALA C 135 -32.48 18.96 -42.02
CA ALA C 135 -31.78 18.11 -41.07
C ALA C 135 -32.09 18.48 -39.63
N CYS C 136 -32.72 19.63 -39.39
CA CYS C 136 -33.04 20.12 -38.06
C CYS C 136 -34.53 20.44 -38.00
N PRO C 137 -35.38 19.41 -37.98
CA PRO C 137 -36.83 19.67 -38.02
C PRO C 137 -37.37 20.11 -36.67
N HIS C 138 -38.35 20.99 -36.72
CA HIS C 138 -39.04 21.47 -35.52
C HIS C 138 -40.53 21.37 -35.79
N ALA C 139 -41.19 20.37 -35.19
CA ALA C 139 -42.61 20.12 -35.39
C ALA C 139 -42.93 19.91 -36.87
N GLY C 140 -42.04 19.24 -37.58
CA GLY C 140 -42.23 18.94 -38.99
C GLY C 140 -41.82 20.05 -39.93
N ALA C 141 -41.54 21.24 -39.42
CA ALA C 141 -41.12 22.37 -40.23
C ALA C 141 -39.61 22.54 -40.17
N LYS C 142 -39.05 23.15 -41.21
CA LYS C 142 -37.62 23.37 -41.29
C LYS C 142 -37.20 24.46 -40.31
N SER C 143 -36.16 24.18 -39.53
CA SER C 143 -35.65 25.12 -38.55
C SER C 143 -34.14 24.96 -38.45
N PHE C 144 -33.56 25.55 -37.40
CA PHE C 144 -32.13 25.54 -37.19
C PHE C 144 -31.85 25.69 -35.71
N TYR C 145 -30.56 25.68 -35.35
CA TYR C 145 -30.16 25.89 -33.97
C TYR C 145 -30.62 27.26 -33.48
N LYS C 146 -31.02 27.31 -32.21
CA LYS C 146 -31.47 28.57 -31.63
C LYS C 146 -30.31 29.52 -31.35
N ASN C 147 -29.16 28.98 -30.98
CA ASN C 147 -28.02 29.79 -30.58
C ASN C 147 -27.15 30.24 -31.76
N LEU C 148 -27.51 29.86 -32.98
CA LEU C 148 -26.71 30.19 -34.15
C LEU C 148 -27.62 30.68 -35.27
N ILE C 149 -27.11 31.61 -36.08
CA ILE C 149 -27.83 32.13 -37.23
C ILE C 149 -27.04 31.83 -38.49
N TRP C 150 -27.67 31.15 -39.44
CA TRP C 150 -27.04 30.81 -40.72
C TRP C 150 -27.37 31.92 -41.71
N LEU C 151 -26.44 32.86 -41.86
CA LEU C 151 -26.62 33.97 -42.78
C LEU C 151 -26.44 33.52 -44.22
N VAL C 152 -27.22 34.13 -45.11
CA VAL C 152 -27.19 33.83 -46.53
C VAL C 152 -27.21 35.16 -47.29
N LYS C 153 -27.18 35.06 -48.62
CA LYS C 153 -27.21 36.24 -49.46
C LYS C 153 -28.55 36.95 -49.35
N LYS C 154 -28.53 38.27 -49.52
CA LYS C 154 -29.75 39.07 -49.54
C LYS C 154 -29.93 39.62 -50.95
N GLY C 155 -30.60 38.85 -51.79
CA GLY C 155 -30.87 39.29 -53.15
C GLY C 155 -29.64 39.41 -54.02
N ASN C 156 -29.00 38.28 -54.32
CA ASN C 156 -27.87 38.23 -55.24
C ASN C 156 -26.72 39.12 -54.81
N SER C 157 -26.49 39.24 -53.50
CA SER C 157 -25.39 40.03 -53.00
C SER C 157 -25.03 39.57 -51.61
N TYR C 158 -23.73 39.47 -51.32
CA TYR C 158 -23.22 39.11 -50.01
C TYR C 158 -22.09 40.07 -49.67
N PRO C 159 -22.40 41.20 -49.04
CA PRO C 159 -21.35 42.13 -48.64
C PRO C 159 -20.50 41.54 -47.52
N LYS C 160 -19.27 42.04 -47.44
CA LYS C 160 -18.34 41.59 -46.42
C LYS C 160 -18.89 41.85 -45.02
N LEU C 161 -18.88 40.82 -44.19
CA LEU C 161 -19.41 40.91 -42.83
C LEU C 161 -18.26 41.25 -41.88
N ASN C 162 -18.48 42.24 -41.02
CA ASN C 162 -17.48 42.74 -40.10
C ASN C 162 -18.17 43.01 -38.77
N GLN C 163 -17.92 42.19 -37.76
CA GLN C 163 -18.53 42.38 -36.46
C GLN C 163 -17.52 42.13 -35.36
N THR C 164 -17.74 42.77 -34.22
CA THR C 164 -16.87 42.64 -33.07
C THR C 164 -17.72 42.66 -31.80
N TYR C 165 -17.23 41.98 -30.77
CA TYR C 165 -17.86 42.00 -29.46
C TYR C 165 -16.78 42.15 -28.40
N ILE C 166 -16.95 43.12 -27.51
CA ILE C 166 -16.04 43.35 -26.40
C ILE C 166 -16.68 42.79 -25.13
N ASN C 167 -15.92 41.97 -24.41
CA ASN C 167 -16.44 41.29 -23.22
C ASN C 167 -16.54 42.31 -22.10
N ASP C 168 -17.73 42.91 -21.95
CA ASP C 168 -17.98 43.86 -20.88
C ASP C 168 -18.45 43.20 -19.59
N LYS C 169 -18.71 41.90 -19.60
CA LYS C 169 -19.04 41.19 -18.38
C LYS C 169 -17.81 41.08 -17.49
N GLY C 170 -18.03 40.63 -16.26
CA GLY C 170 -16.93 40.48 -15.34
C GLY C 170 -16.17 39.17 -15.43
N LYS C 171 -16.62 38.25 -16.27
CA LYS C 171 -16.02 36.93 -16.32
C LYS C 171 -16.04 36.40 -17.75
N GLU C 172 -15.60 35.16 -17.91
CA GLU C 172 -15.38 34.59 -19.24
C GLU C 172 -16.70 34.40 -19.98
N VAL C 173 -16.61 34.50 -21.31
CA VAL C 173 -17.76 34.32 -22.18
C VAL C 173 -17.44 33.24 -23.21
N LEU C 174 -18.27 32.21 -23.26
CA LEU C 174 -18.16 31.14 -24.25
C LEU C 174 -18.94 31.53 -25.49
N VAL C 175 -18.29 31.47 -26.64
CA VAL C 175 -18.86 31.87 -27.92
C VAL C 175 -18.73 30.71 -28.89
N LEU C 176 -19.84 30.39 -29.57
CA LEU C 176 -19.91 29.28 -30.51
C LEU C 176 -20.25 29.80 -31.90
N TRP C 177 -19.60 29.23 -32.92
CA TRP C 177 -19.93 29.57 -34.30
C TRP C 177 -19.74 28.35 -35.18
N GLY C 178 -20.05 28.50 -36.45
CA GLY C 178 -20.00 27.38 -37.38
C GLY C 178 -19.56 27.84 -38.76
N ILE C 179 -18.96 26.92 -39.49
CA ILE C 179 -18.53 27.13 -40.86
C ILE C 179 -19.21 26.09 -41.74
N HIS C 180 -19.87 26.54 -42.80
CA HIS C 180 -20.62 25.67 -43.68
C HIS C 180 -19.80 25.31 -44.91
N HIS C 181 -19.76 24.02 -45.22
CA HIS C 181 -19.09 23.52 -46.42
C HIS C 181 -20.15 22.95 -47.34
N PRO C 182 -20.53 23.67 -48.40
CA PRO C 182 -21.58 23.17 -49.30
C PRO C 182 -21.08 22.00 -50.13
N PRO C 183 -21.99 21.22 -50.70
CA PRO C 183 -21.54 20.07 -51.50
C PRO C 183 -21.03 20.45 -52.88
N THR C 184 -21.59 21.49 -53.49
CA THR C 184 -21.23 21.87 -54.85
C THR C 184 -20.98 23.37 -54.93
N ILE C 185 -20.23 23.78 -55.95
CA ILE C 185 -19.98 25.21 -56.18
C ILE C 185 -21.29 25.93 -56.47
N ALA C 186 -22.22 25.23 -57.14
CA ALA C 186 -23.52 25.81 -57.41
C ALA C 186 -24.25 26.14 -56.11
N ALA C 187 -24.20 25.25 -55.12
CA ALA C 187 -24.80 25.54 -53.83
C ALA C 187 -24.10 26.71 -53.15
N GLN C 188 -22.78 26.78 -53.29
CA GLN C 188 -22.01 27.90 -52.72
C GLN C 188 -22.47 29.22 -53.31
N GLU C 189 -22.68 29.27 -54.63
CA GLU C 189 -23.14 30.50 -55.25
C GLU C 189 -24.58 30.81 -54.90
N SER C 190 -25.42 29.78 -54.77
CA SER C 190 -26.82 30.00 -54.43
C SER C 190 -26.97 30.48 -52.99
N LEU C 191 -26.02 30.14 -52.12
CA LEU C 191 -26.12 30.54 -50.72
C LEU C 191 -25.38 31.84 -50.41
N TYR C 192 -24.19 32.03 -50.98
CA TYR C 192 -23.32 33.12 -50.56
C TYR C 192 -22.80 33.99 -51.71
N GLN C 193 -23.03 33.61 -52.97
CA GLN C 193 -22.71 34.37 -54.16
C GLN C 193 -21.21 34.49 -54.40
N ASN C 194 -20.37 34.02 -53.49
CA ASN C 194 -18.92 34.19 -53.61
C ASN C 194 -18.27 32.80 -53.62
N ALA C 195 -17.74 32.42 -54.79
CA ALA C 195 -17.08 31.13 -54.89
C ALA C 195 -15.81 31.09 -54.04
N ASP C 196 -15.04 32.18 -54.04
CA ASP C 196 -13.82 32.27 -53.23
C ASP C 196 -14.15 33.03 -51.95
N ALA C 197 -14.74 32.30 -51.00
CA ALA C 197 -15.15 32.86 -49.73
C ALA C 197 -14.11 32.54 -48.66
N TYR C 198 -14.20 33.26 -47.55
CA TYR C 198 -13.30 33.04 -46.43
C TYR C 198 -13.95 33.56 -45.16
N VAL C 199 -13.56 32.96 -44.03
CA VAL C 199 -13.98 33.42 -42.72
C VAL C 199 -12.72 33.62 -41.90
N PHE C 200 -12.74 34.65 -41.05
CA PHE C 200 -11.66 34.87 -40.11
C PHE C 200 -12.28 35.17 -38.75
N VAL C 201 -11.85 34.43 -37.74
CA VAL C 201 -12.29 34.65 -36.37
C VAL C 201 -11.07 34.94 -35.52
N GLY C 202 -11.08 36.06 -34.83
CA GLY C 202 -9.91 36.46 -34.08
C GLY C 202 -10.15 37.05 -32.70
N THR C 203 -9.38 36.61 -31.72
CA THR C 203 -9.37 37.20 -30.39
C THR C 203 -7.93 37.57 -30.06
N SER C 204 -7.67 37.91 -28.80
CA SER C 204 -6.31 38.24 -28.39
C SER C 204 -5.39 37.04 -28.52
N ARG C 205 -5.88 35.84 -28.17
CA ARG C 205 -5.08 34.63 -28.25
C ARG C 205 -5.47 33.71 -29.40
N TYR C 206 -6.70 33.80 -29.88
CA TYR C 206 -7.19 32.94 -30.95
C TYR C 206 -7.28 33.73 -32.25
N SER C 207 -6.75 33.14 -33.33
CA SER C 207 -6.79 33.76 -34.64
C SER C 207 -6.77 32.70 -35.73
N LYS C 208 -7.89 32.46 -36.38
CA LYS C 208 -7.95 31.40 -37.38
C LYS C 208 -8.66 31.89 -38.65
N LYS C 209 -8.20 31.36 -39.79
CA LYS C 209 -8.81 31.59 -41.08
C LYS C 209 -9.36 30.29 -41.62
N PHE C 210 -10.64 30.28 -41.96
CA PHE C 210 -11.33 29.11 -42.48
C PHE C 210 -11.69 29.35 -43.94
N LYS C 211 -11.50 28.31 -44.75
CA LYS C 211 -11.87 28.35 -46.16
C LYS C 211 -12.91 27.27 -46.42
N PRO C 212 -13.91 27.56 -47.25
CA PRO C 212 -14.91 26.53 -47.59
C PRO C 212 -14.26 25.33 -48.26
N GLU C 213 -14.76 24.15 -47.94
CA GLU C 213 -14.29 22.90 -48.53
C GLU C 213 -15.46 22.31 -49.32
N ILE C 214 -15.46 22.57 -50.63
CA ILE C 214 -16.60 22.27 -51.48
C ILE C 214 -16.38 20.90 -52.14
N ALA C 215 -17.11 19.90 -51.65
CA ALA C 215 -17.06 18.56 -52.24
C ALA C 215 -18.24 17.76 -51.71
N THR C 216 -18.72 16.84 -52.55
CA THR C 216 -19.83 15.98 -52.15
C THR C 216 -19.36 14.89 -51.20
N ARG C 217 -20.06 14.77 -50.08
CA ARG C 217 -19.78 13.77 -49.07
C ARG C 217 -20.88 12.72 -49.04
N PRO C 218 -20.63 11.57 -48.41
CA PRO C 218 -21.71 10.61 -48.19
C PRO C 218 -22.86 11.26 -47.44
N LYS C 219 -24.07 10.96 -47.89
CA LYS C 219 -25.27 11.66 -47.46
C LYS C 219 -25.72 11.09 -46.12
N VAL C 220 -25.61 11.88 -45.07
CA VAL C 220 -26.15 11.54 -43.76
C VAL C 220 -27.13 12.63 -43.35
N ARG C 221 -28.28 12.19 -42.84
CA ARG C 221 -29.41 13.07 -42.54
C ARG C 221 -29.82 13.90 -43.76
N ASP C 222 -29.78 13.27 -44.93
CA ASP C 222 -30.21 13.88 -46.19
C ASP C 222 -29.42 15.16 -46.49
N GLN C 223 -28.14 15.16 -46.16
CA GLN C 223 -27.27 16.30 -46.43
C GLN C 223 -25.96 15.81 -47.04
N GLU C 224 -25.55 16.44 -48.14
CA GLU C 224 -24.27 16.17 -48.75
C GLU C 224 -23.19 17.15 -48.30
N GLY C 225 -23.59 18.30 -47.74
CA GLY C 225 -22.65 19.25 -47.19
C GLY C 225 -22.35 18.96 -45.73
N ARG C 226 -21.59 19.87 -45.13
CA ARG C 226 -21.16 19.70 -43.74
C ARG C 226 -21.17 21.04 -43.03
N MET C 227 -21.09 20.99 -41.71
CA MET C 227 -21.02 22.19 -40.87
C MET C 227 -20.09 21.91 -39.71
N ASN C 228 -18.97 22.61 -39.66
CA ASN C 228 -17.98 22.46 -38.60
C ASN C 228 -18.28 23.48 -37.51
N TYR C 229 -18.34 23.01 -36.26
CA TYR C 229 -18.70 23.85 -35.12
C TYR C 229 -17.46 24.15 -34.29
N TYR C 230 -17.26 25.42 -33.97
CA TYR C 230 -16.11 25.88 -33.21
C TYR C 230 -16.58 26.67 -32.00
N TRP C 231 -15.74 26.66 -30.96
CA TRP C 231 -16.02 27.37 -29.72
C TRP C 231 -14.76 28.05 -29.22
N THR C 232 -14.95 29.16 -28.51
CA THR C 232 -13.84 29.90 -27.94
C THR C 232 -14.28 30.56 -26.64
N LEU C 233 -13.28 30.89 -25.81
CA LEU C 233 -13.49 31.58 -24.55
C LEU C 233 -12.88 32.97 -24.63
N VAL C 234 -13.68 33.98 -24.34
CA VAL C 234 -13.25 35.37 -24.33
C VAL C 234 -13.09 35.80 -22.87
N GLU C 235 -11.90 36.25 -22.52
CA GLU C 235 -11.58 36.74 -21.19
C GLU C 235 -12.19 38.12 -20.98
N PRO C 236 -12.34 38.55 -19.73
CA PRO C 236 -12.80 39.93 -19.50
C PRO C 236 -11.83 40.94 -20.10
N GLY C 237 -12.39 41.98 -20.72
CA GLY C 237 -11.60 42.98 -21.39
C GLY C 237 -11.10 42.58 -22.76
N ASP C 238 -11.43 41.39 -23.23
CA ASP C 238 -11.01 40.90 -24.53
C ASP C 238 -12.15 41.00 -25.52
N LYS C 239 -11.80 41.00 -26.81
CA LYS C 239 -12.77 41.16 -27.87
C LYS C 239 -12.63 40.04 -28.88
N ILE C 240 -13.74 39.71 -29.54
CA ILE C 240 -13.79 38.68 -30.56
C ILE C 240 -14.31 39.32 -31.84
N THR C 241 -13.65 39.04 -32.95
CA THR C 241 -13.94 39.67 -34.23
C THR C 241 -14.24 38.63 -35.28
N PHE C 242 -15.36 38.81 -35.98
CA PHE C 242 -15.78 37.95 -37.09
C PHE C 242 -15.73 38.74 -38.39
N GLU C 243 -15.00 38.21 -39.36
CA GLU C 243 -14.95 38.77 -40.71
C GLU C 243 -15.30 37.66 -41.69
N ALA C 244 -16.16 37.97 -42.66
CA ALA C 244 -16.65 36.89 -43.50
C ALA C 244 -16.98 37.39 -44.90
N THR C 245 -16.71 36.55 -45.88
CA THR C 245 -17.23 36.70 -47.23
C THR C 245 -18.26 35.64 -47.55
N GLY C 246 -18.52 34.73 -46.63
CA GLY C 246 -19.52 33.69 -46.80
C GLY C 246 -19.20 32.51 -45.92
N ASN C 247 -20.13 31.55 -45.94
CA ASN C 247 -19.95 30.26 -45.26
C ASN C 247 -19.73 30.41 -43.76
N LEU C 248 -20.41 31.36 -43.12
CA LEU C 248 -20.25 31.59 -41.69
C LEU C 248 -21.61 31.50 -41.01
N VAL C 249 -21.71 30.67 -39.98
CA VAL C 249 -22.88 30.63 -39.12
C VAL C 249 -22.54 31.40 -37.84
N VAL C 250 -23.16 32.55 -37.68
CA VAL C 250 -22.76 33.52 -36.66
C VAL C 250 -23.39 33.19 -35.31
N PRO C 251 -22.76 33.57 -34.21
CA PRO C 251 -23.39 33.42 -32.90
C PRO C 251 -24.61 34.30 -32.76
N ARG C 252 -25.57 33.81 -31.99
CA ARG C 252 -26.70 34.62 -31.55
C ARG C 252 -26.79 34.69 -30.03
N TYR C 253 -26.39 33.63 -29.34
CA TYR C 253 -26.39 33.59 -27.88
C TYR C 253 -25.03 33.12 -27.40
N ALA C 254 -24.43 33.87 -26.49
CA ALA C 254 -23.20 33.50 -25.83
C ALA C 254 -23.46 33.23 -24.36
N PHE C 255 -22.50 32.59 -23.70
CA PHE C 255 -22.73 32.08 -22.36
C PHE C 255 -21.67 32.64 -21.40
N THR C 256 -22.11 33.48 -20.49
CA THR C 256 -21.26 33.96 -19.41
C THR C 256 -21.06 32.82 -18.40
N MET C 257 -19.79 32.52 -18.10
CA MET C 257 -19.43 31.35 -17.32
C MET C 257 -18.54 31.75 -16.16
N GLU C 258 -18.82 31.20 -14.98
CA GLU C 258 -17.95 31.31 -13.82
C GLU C 258 -17.64 29.90 -13.32
N ARG C 259 -16.41 29.45 -13.57
CA ARG C 259 -16.01 28.11 -13.19
C ARG C 259 -15.63 28.05 -11.72
N ASP C 260 -15.68 26.85 -11.16
CA ASP C 260 -15.35 26.65 -9.75
C ASP C 260 -13.99 25.98 -9.58
N SER C 263 -19.21 18.47 -10.99
CA SER C 263 -17.78 18.24 -11.07
C SER C 263 -17.44 17.32 -12.22
N GLY C 264 -18.46 16.81 -12.89
CA GLY C 264 -18.27 15.91 -14.01
C GLY C 264 -19.58 15.65 -14.71
N ILE C 265 -19.52 14.75 -15.69
CA ILE C 265 -20.68 14.34 -16.47
C ILE C 265 -20.86 12.84 -16.27
N ILE C 266 -22.06 12.44 -15.86
CA ILE C 266 -22.37 11.03 -15.62
C ILE C 266 -23.48 10.61 -16.57
N ILE C 267 -23.32 9.45 -17.18
CA ILE C 267 -24.31 8.90 -18.09
C ILE C 267 -25.08 7.83 -17.33
N SER C 268 -26.35 8.10 -17.05
CA SER C 268 -27.18 7.15 -16.32
C SER C 268 -28.64 7.37 -16.70
N ASP C 269 -29.43 6.30 -16.55
CA ASP C 269 -30.87 6.36 -16.78
C ASP C 269 -31.67 6.41 -15.49
N THR C 270 -31.01 6.61 -14.36
CA THR C 270 -31.68 6.61 -13.08
C THR C 270 -32.56 7.86 -12.96
N PRO C 271 -33.80 7.73 -12.50
CA PRO C 271 -34.64 8.92 -12.32
C PRO C 271 -34.07 9.87 -11.28
N VAL C 272 -34.29 11.15 -11.49
CA VAL C 272 -33.80 12.19 -10.59
C VAL C 272 -34.89 12.56 -9.61
N HIS C 273 -34.51 12.83 -8.36
CA HIS C 273 -35.46 13.13 -7.30
C HIS C 273 -34.88 14.23 -6.41
N ASP C 274 -35.51 14.42 -5.25
CA ASP C 274 -35.07 15.38 -4.26
C ASP C 274 -34.23 14.67 -3.21
N CYS C 275 -33.12 15.30 -2.81
CA CYS C 275 -32.13 14.65 -1.97
C CYS C 275 -31.22 15.70 -1.36
N ASN C 276 -30.20 15.24 -0.64
CA ASN C 276 -29.03 16.03 -0.28
C ASN C 276 -27.91 15.04 0.02
N THR C 277 -27.06 14.79 -0.96
CA THR C 277 -26.01 13.78 -0.82
C THR C 277 -24.63 14.42 -0.89
N THR C 278 -23.63 13.55 -0.77
CA THR C 278 -22.25 14.00 -0.84
C THR C 278 -21.54 13.10 -1.81
N CYS C 279 -22.14 11.95 -2.14
CA CYS C 279 -21.55 11.13 -3.23
C CYS C 279 -22.69 10.59 -4.11
N GLN C 280 -22.64 10.91 -5.41
CA GLN C 280 -23.65 10.35 -6.33
C GLN C 280 -22.91 9.42 -7.27
N THR C 281 -23.44 8.24 -7.49
CA THR C 281 -22.84 7.28 -8.41
C THR C 281 -23.91 7.04 -9.44
N PRO C 282 -23.57 6.77 -10.71
CA PRO C 282 -24.59 6.62 -11.77
C PRO C 282 -25.71 5.68 -11.39
N GLU C 283 -25.41 4.67 -10.58
CA GLU C 283 -26.47 3.81 -10.04
C GLU C 283 -27.35 4.56 -9.06
N GLY C 284 -26.73 5.25 -8.10
CA GLY C 284 -27.49 6.01 -7.12
C GLY C 284 -26.58 6.52 -6.03
N ALA C 285 -27.09 7.46 -5.26
CA ALA C 285 -26.28 8.17 -4.28
C ALA C 285 -25.95 7.27 -3.08
N ILE C 286 -24.95 7.69 -2.33
CA ILE C 286 -24.45 6.97 -1.18
C ILE C 286 -24.48 7.87 0.04
N ASN C 287 -24.96 7.33 1.16
CA ASN C 287 -24.99 8.03 2.45
C ASN C 287 -24.36 7.09 3.48
N THR C 288 -23.05 7.20 3.66
CA THR C 288 -22.34 6.32 4.59
C THR C 288 -21.10 7.04 5.11
N SER C 289 -20.71 6.70 6.34
CA SER C 289 -19.45 7.20 6.88
C SER C 289 -18.32 6.21 6.66
N LEU C 290 -18.66 5.04 6.12
CA LEU C 290 -17.68 3.99 5.94
C LEU C 290 -16.66 4.39 4.87
N PRO C 291 -15.42 3.88 4.94
CA PRO C 291 -14.39 4.33 4.00
C PRO C 291 -14.39 3.62 2.66
N PHE C 292 -15.10 2.51 2.52
CA PHE C 292 -15.04 1.73 1.29
C PHE C 292 -16.44 1.49 0.75
N GLN C 293 -16.49 1.28 -0.57
CA GLN C 293 -17.75 1.08 -1.27
C GLN C 293 -17.49 0.29 -2.54
N ASN C 294 -18.52 -0.44 -2.99
CA ASN C 294 -18.40 -1.24 -4.20
C ASN C 294 -19.68 -1.15 -5.04
N VAL C 295 -20.23 0.05 -5.21
CA VAL C 295 -21.42 0.19 -6.03
C VAL C 295 -21.05 0.56 -7.46
N HIS C 296 -20.00 1.37 -7.65
CA HIS C 296 -19.56 1.78 -8.98
C HIS C 296 -18.22 2.48 -8.90
N PRO C 297 -17.31 2.24 -9.86
CA PRO C 297 -16.02 2.93 -9.83
C PRO C 297 -16.13 4.41 -10.13
N ILE C 298 -17.08 4.83 -10.96
CA ILE C 298 -17.25 6.23 -11.31
C ILE C 298 -18.08 6.90 -10.23
N THR C 299 -17.50 7.88 -9.56
CA THR C 299 -18.17 8.60 -8.49
C THR C 299 -17.83 10.08 -8.61
N ILE C 300 -18.82 10.92 -8.36
CA ILE C 300 -18.63 12.36 -8.40
C ILE C 300 -19.21 12.98 -7.14
N CYS C 303 -16.39 10.90 -1.00
CA CYS C 303 -16.84 9.59 -1.44
C CYS C 303 -15.90 8.48 -1.00
N PRO C 304 -16.47 7.36 -0.55
CA PRO C 304 -15.64 6.21 -0.16
C PRO C 304 -14.91 5.64 -1.35
N LYS C 305 -13.74 5.05 -1.06
CA LYS C 305 -12.94 4.42 -2.08
C LYS C 305 -13.65 3.20 -2.65
N TYR C 306 -13.33 2.88 -3.89
CA TYR C 306 -13.96 1.77 -4.59
C TYR C 306 -13.01 0.59 -4.63
N VAL C 307 -13.52 -0.59 -4.27
CA VAL C 307 -12.76 -1.83 -4.29
C VAL C 307 -13.63 -2.91 -4.92
N LYS C 308 -12.92 -3.97 -5.32
CA LYS C 308 -13.56 -5.16 -5.88
C LYS C 308 -13.68 -6.23 -4.81
N SER C 309 -13.78 -5.86 -3.53
CA SER C 309 -14.00 -6.84 -2.47
C SER C 309 -15.49 -6.96 -2.18
N THR C 310 -15.94 -8.18 -1.96
CA THR C 310 -17.35 -8.42 -1.65
C THR C 310 -17.63 -8.45 -0.15
N LYS C 311 -16.61 -8.40 0.69
CA LYS C 311 -16.81 -8.46 2.13
C LYS C 311 -15.55 -7.96 2.83
N LEU C 312 -15.68 -6.86 3.58
CA LEU C 312 -14.62 -6.34 4.42
C LEU C 312 -15.21 -6.18 5.82
N ARG C 313 -15.16 -7.25 6.60
CA ARG C 313 -15.76 -7.28 7.93
C ARG C 313 -14.65 -7.29 8.97
N LEU C 314 -14.64 -6.26 9.81
CA LEU C 314 -13.59 -6.07 10.80
C LEU C 314 -14.06 -6.63 12.14
N ALA C 315 -13.23 -7.47 12.75
CA ALA C 315 -13.58 -8.10 14.01
C ALA C 315 -13.31 -7.16 15.16
N THR C 316 -14.36 -6.86 15.92
CA THR C 316 -14.22 -6.04 17.12
C THR C 316 -14.38 -6.82 18.41
N GLY C 317 -14.88 -8.04 18.33
CA GLY C 317 -15.13 -8.84 19.52
C GLY C 317 -14.33 -10.11 19.58
N LEU C 318 -14.75 -11.02 20.45
CA LEU C 318 -14.02 -12.24 20.74
C LEU C 318 -14.25 -13.27 19.64
N ARG C 319 -13.55 -14.40 19.78
CA ARG C 319 -13.91 -15.59 19.03
C ARG C 319 -15.05 -16.31 19.73
N ASN C 320 -16.14 -16.51 19.01
CA ASN C 320 -17.37 -17.05 19.59
C ASN C 320 -17.20 -18.55 19.75
N VAL C 321 -16.87 -18.97 20.97
CA VAL C 321 -16.70 -20.38 21.29
C VAL C 321 -17.79 -20.82 22.25
N PRO C 322 -18.71 -21.72 21.83
CA PRO C 322 -19.78 -22.21 22.69
C PRO C 322 -19.26 -23.11 23.80
N LYS D 3 4.07 -35.84 -12.80
CA LYS D 3 4.59 -37.18 -13.05
C LYS D 3 6.08 -37.27 -12.74
N LEU D 4 6.62 -38.49 -12.76
CA LEU D 4 8.03 -38.72 -12.52
C LEU D 4 8.55 -39.68 -13.59
N VAL D 5 9.72 -39.37 -14.14
CA VAL D 5 10.36 -40.19 -15.15
C VAL D 5 11.79 -40.46 -14.72
N GLU D 6 12.18 -41.73 -14.77
CA GLU D 6 13.52 -42.14 -14.35
C GLU D 6 14.37 -42.43 -15.57
N SER D 7 15.67 -42.61 -15.32
CA SER D 7 16.63 -42.83 -16.39
C SER D 7 17.79 -43.64 -15.81
N GLY D 8 18.85 -43.78 -16.59
CA GLY D 8 19.98 -44.56 -16.15
C GLY D 8 19.63 -46.04 -16.08
N GLY D 9 20.52 -46.80 -15.45
CA GLY D 9 20.25 -48.20 -15.18
C GLY D 9 20.55 -49.13 -16.34
N GLY D 10 20.98 -50.34 -16.02
CA GLY D 10 21.31 -51.33 -17.03
C GLY D 10 22.14 -52.46 -16.49
N LEU D 11 23.23 -52.79 -17.17
CA LEU D 11 24.17 -53.80 -16.70
C LEU D 11 25.32 -53.13 -15.95
N VAL D 12 25.88 -53.84 -14.98
CA VAL D 12 26.99 -53.32 -14.20
C VAL D 12 27.76 -54.49 -13.63
N GLN D 13 29.07 -54.31 -13.47
CA GLN D 13 29.93 -55.33 -12.92
C GLN D 13 29.83 -55.34 -11.39
N PRO D 14 30.10 -56.48 -10.76
CA PRO D 14 30.04 -56.57 -9.29
C PRO D 14 31.19 -55.81 -8.62
N GLY D 15 31.00 -54.49 -8.51
CA GLY D 15 32.03 -53.62 -7.95
C GLY D 15 32.14 -52.32 -8.69
N GLY D 16 31.26 -52.09 -9.66
CA GLY D 16 31.23 -50.86 -10.42
C GLY D 16 30.36 -49.79 -9.78
N SER D 17 30.01 -48.79 -10.58
CA SER D 17 29.20 -47.67 -10.14
C SER D 17 28.13 -47.38 -11.18
N LEU D 18 27.01 -46.81 -10.73
CA LEU D 18 25.93 -46.48 -11.63
C LEU D 18 25.15 -45.29 -11.09
N ARG D 19 24.70 -44.43 -11.98
CA ARG D 19 23.98 -43.21 -11.61
C ARG D 19 22.58 -43.25 -12.19
N LEU D 20 21.57 -43.04 -11.34
CA LEU D 20 20.19 -42.95 -11.74
C LEU D 20 19.68 -41.54 -11.53
N SER D 21 18.87 -41.06 -12.47
CA SER D 21 18.29 -39.73 -12.40
C SER D 21 16.77 -39.80 -12.49
N CYS D 22 16.10 -38.96 -11.72
CA CYS D 22 14.66 -38.91 -11.69
C CYS D 22 14.22 -37.46 -11.89
N VAL D 23 13.33 -37.24 -12.85
CA VAL D 23 12.91 -35.90 -13.27
C VAL D 23 11.40 -35.79 -13.07
N GLY D 24 10.96 -34.67 -12.51
CA GLY D 24 9.55 -34.45 -12.24
C GLY D 24 9.07 -33.16 -12.87
N SER D 25 7.76 -33.05 -13.04
CA SER D 25 7.16 -31.89 -13.69
C SER D 25 5.77 -31.64 -13.13
N GLY D 26 5.51 -30.42 -12.70
CA GLY D 26 4.19 -29.98 -12.33
C GLY D 26 3.81 -30.10 -10.88
N PHE D 27 4.77 -30.32 -9.97
CA PHE D 27 4.41 -30.50 -8.57
C PHE D 27 5.42 -29.86 -7.63
N GLY D 28 6.09 -28.79 -8.05
CA GLY D 28 7.01 -28.10 -7.17
C GLY D 28 8.11 -28.99 -6.63
N PHE D 29 9.03 -29.39 -7.50
CA PHE D 29 10.08 -30.32 -7.13
C PHE D 29 10.96 -29.77 -6.01
N SER D 30 11.00 -28.45 -5.83
CA SER D 30 11.94 -27.86 -4.90
C SER D 30 11.46 -27.87 -3.46
N TYR D 31 10.21 -28.29 -3.21
CA TYR D 31 9.67 -28.29 -1.86
C TYR D 31 9.23 -29.68 -1.42
N THR D 32 9.86 -30.74 -1.93
CA THR D 32 9.45 -32.09 -1.62
C THR D 32 10.65 -32.95 -1.29
N TYR D 33 10.49 -33.84 -0.31
CA TYR D 33 11.46 -34.91 -0.10
C TYR D 33 11.40 -35.88 -1.26
N ILE D 34 12.55 -36.46 -1.62
CA ILE D 34 12.60 -37.48 -2.65
C ILE D 34 13.14 -38.77 -2.05
N ASN D 35 12.36 -39.85 -2.18
CA ASN D 35 12.74 -41.16 -1.68
C ASN D 35 13.13 -42.06 -2.84
N TRP D 36 14.18 -42.85 -2.64
CA TRP D 36 14.61 -43.87 -3.57
C TRP D 36 14.38 -45.23 -2.94
N VAL D 37 13.60 -46.07 -3.62
CA VAL D 37 13.19 -47.38 -3.14
C VAL D 37 13.59 -48.42 -4.19
N ARG D 38 13.65 -49.64 -3.82
CA ARG D 38 14.07 -50.73 -4.74
C ARG D 38 13.26 -51.99 -4.45
N GLN D 39 12.94 -52.77 -5.42
CA GLN D 39 12.16 -54.00 -5.33
C GLN D 39 12.92 -55.10 -6.06
N ALA D 40 13.38 -56.08 -5.31
CA ALA D 40 14.03 -57.23 -5.92
C ALA D 40 12.99 -58.13 -6.56
N PRO D 41 13.29 -58.76 -7.70
CA PRO D 41 12.34 -59.70 -8.30
C PRO D 41 12.15 -60.90 -7.39
N GLY D 42 10.89 -61.17 -7.04
CA GLY D 42 10.57 -62.23 -6.11
C GLY D 42 10.55 -61.82 -4.66
N LYS D 43 10.90 -60.58 -4.35
CA LYS D 43 10.85 -60.09 -2.97
C LYS D 43 10.01 -58.82 -2.88
N GLY D 44 9.98 -58.20 -1.71
CA GLY D 44 9.19 -57.01 -1.48
C GLY D 44 9.99 -55.73 -1.62
N LEU D 45 9.30 -54.61 -1.40
CA LEU D 45 9.92 -53.30 -1.49
C LEU D 45 10.92 -53.09 -0.37
N GLU D 46 11.98 -52.36 -0.67
CA GLU D 46 13.06 -52.10 0.28
C GLU D 46 13.48 -50.64 0.15
N TRP D 47 13.10 -49.83 1.13
CA TRP D 47 13.45 -48.42 1.14
C TRP D 47 14.97 -48.26 1.20
N LEU D 48 15.51 -47.37 0.36
CA LEU D 48 16.94 -47.19 0.24
C LEU D 48 17.40 -45.84 0.78
N ALA D 49 16.86 -44.74 0.29
CA ALA D 49 17.42 -43.45 0.66
C ALA D 49 16.37 -42.35 0.54
N ALA D 50 16.70 -41.19 1.09
CA ALA D 50 15.82 -40.04 1.03
C ALA D 50 16.65 -38.76 1.10
N ILE D 51 16.22 -37.74 0.35
CA ILE D 51 16.87 -36.44 0.33
C ILE D 51 15.83 -35.36 0.58
N SER D 52 16.28 -34.32 1.27
CA SER D 52 15.42 -33.21 1.68
C SER D 52 15.11 -32.30 0.50
N SER D 53 14.41 -31.20 0.77
CA SER D 53 14.01 -30.29 -0.29
C SER D 53 15.18 -29.46 -0.78
N SER D 54 16.15 -29.19 0.09
CA SER D 54 17.31 -28.38 -0.26
C SER D 54 18.59 -29.21 -0.36
N GLY D 55 18.50 -30.52 -0.22
CA GLY D 55 19.65 -31.39 -0.35
C GLY D 55 20.59 -31.36 0.84
N GLY D 56 20.18 -30.69 1.91
CA GLY D 56 21.03 -30.59 3.08
C GLY D 56 20.90 -31.76 4.02
N ASP D 57 19.81 -32.51 3.92
CA ASP D 57 19.53 -33.65 4.77
C ASP D 57 19.42 -34.89 3.91
N THR D 58 20.32 -35.84 4.12
CA THR D 58 20.35 -37.10 3.40
C THR D 58 20.25 -38.25 4.38
N TYR D 59 19.34 -39.18 4.11
CA TYR D 59 19.10 -40.31 5.01
C TYR D 59 19.24 -41.60 4.23
N TYR D 60 19.99 -42.55 4.78
CA TYR D 60 20.29 -43.79 4.11
C TYR D 60 19.90 -44.98 4.98
N ALA D 61 19.66 -46.11 4.34
CA ALA D 61 19.39 -47.34 5.07
C ALA D 61 20.70 -47.94 5.58
N VAL D 62 20.57 -48.80 6.58
CA VAL D 62 21.76 -49.42 7.17
C VAL D 62 22.42 -50.36 6.19
N SER D 63 21.65 -50.96 5.28
CA SER D 63 22.20 -51.92 4.34
C SER D 63 22.89 -51.28 3.14
N VAL D 64 22.69 -49.99 2.91
CA VAL D 64 23.30 -49.32 1.76
C VAL D 64 24.09 -48.10 2.23
N LYS D 65 24.22 -47.94 3.54
CA LYS D 65 24.95 -46.81 4.09
C LYS D 65 26.41 -46.87 3.66
N GLY D 66 26.94 -45.72 3.22
CA GLY D 66 28.30 -45.61 2.78
C GLY D 66 28.53 -45.94 1.32
N ARG D 67 27.75 -46.86 0.77
CA ARG D 67 27.92 -47.24 -0.63
C ARG D 67 27.17 -46.32 -1.57
N PHE D 68 26.02 -45.82 -1.15
CA PHE D 68 25.16 -45.00 -2.01
C PHE D 68 25.29 -43.53 -1.63
N THR D 69 25.02 -42.67 -2.59
CA THR D 69 25.03 -41.23 -2.37
C THR D 69 23.85 -40.62 -3.10
N VAL D 70 23.21 -39.63 -2.51
CA VAL D 70 22.02 -39.00 -3.07
C VAL D 70 22.28 -37.52 -3.25
N SER D 71 21.90 -36.99 -4.40
CA SER D 71 22.09 -35.59 -4.73
C SER D 71 20.83 -35.03 -5.37
N ARG D 72 20.74 -33.70 -5.41
CA ARG D 72 19.56 -33.02 -5.92
C ARG D 72 19.99 -31.79 -6.71
N ASP D 73 19.28 -31.52 -7.80
CA ASP D 73 19.45 -30.30 -8.58
C ASP D 73 18.06 -29.71 -8.82
N ASN D 74 17.74 -28.65 -8.08
CA ASN D 74 16.40 -28.07 -8.13
C ASN D 74 16.18 -27.28 -9.40
N SER D 75 17.24 -26.67 -9.94
CA SER D 75 17.10 -25.90 -11.17
C SER D 75 16.65 -26.79 -12.33
N GLN D 76 17.26 -27.96 -12.46
CA GLN D 76 16.92 -28.89 -13.53
C GLN D 76 15.80 -29.84 -13.14
N ASN D 77 15.31 -29.78 -11.91
CA ASN D 77 14.31 -30.72 -11.39
C ASN D 77 14.79 -32.16 -11.55
N THR D 78 15.94 -32.45 -10.96
CA THR D 78 16.52 -33.79 -11.06
C THR D 78 16.98 -34.27 -9.69
N ALA D 79 16.84 -35.57 -9.46
CA ALA D 79 17.35 -36.22 -8.27
C ALA D 79 18.24 -37.39 -8.69
N TYR D 80 19.42 -37.48 -8.10
CA TYR D 80 20.45 -38.42 -8.53
C TYR D 80 20.75 -39.40 -7.41
N LEU D 81 20.81 -40.68 -7.75
CA LEU D 81 21.27 -41.72 -6.84
C LEU D 81 22.47 -42.42 -7.46
N GLN D 82 23.59 -42.42 -6.74
CA GLN D 82 24.83 -43.00 -7.23
C GLN D 82 25.20 -44.20 -6.37
N MET D 83 25.36 -45.35 -7.02
CA MET D 83 25.76 -46.57 -6.35
C MET D 83 27.22 -46.89 -6.68
N ASN D 84 27.96 -47.14 -5.61
CA ASN D 84 29.37 -47.54 -5.76
C ASN D 84 29.46 -48.86 -4.98
N SER D 85 30.43 -49.72 -5.30
CA SER D 85 30.59 -51.05 -4.64
C SER D 85 29.34 -51.90 -4.91
N LEU D 86 28.78 -51.77 -6.11
CA LEU D 86 27.53 -52.51 -6.44
C LEU D 86 27.78 -54.01 -6.26
N ARG D 87 27.05 -54.62 -5.28
CA ARG D 87 27.19 -56.08 -5.06
C ARG D 87 26.25 -56.86 -6.00
N THR D 88 25.80 -58.04 -5.59
CA THR D 88 24.94 -58.88 -6.43
C THR D 88 23.53 -58.81 -5.91
N GLU D 89 23.37 -58.80 -4.59
CA GLU D 89 22.03 -58.61 -3.98
C GLU D 89 21.39 -57.33 -4.51
N ASP D 90 22.18 -56.41 -5.04
CA ASP D 90 21.65 -55.10 -5.52
C ASP D 90 20.99 -55.24 -6.89
N THR D 91 20.37 -56.37 -7.18
CA THR D 91 19.65 -56.55 -8.46
C THR D 91 18.20 -56.25 -8.22
N ALA D 92 17.68 -55.18 -8.80
CA ALA D 92 16.31 -54.81 -8.44
C ALA D 92 15.80 -53.74 -9.38
N ARG D 93 14.50 -53.47 -9.27
CA ARG D 93 13.87 -52.37 -9.97
C ARG D 93 13.78 -51.19 -9.02
N TYR D 94 14.26 -50.03 -9.48
CA TYR D 94 14.45 -48.86 -8.65
C TYR D 94 13.38 -47.82 -8.96
N TYR D 95 12.85 -47.19 -7.91
CA TYR D 95 11.77 -46.23 -8.00
C TYR D 95 12.16 -44.94 -7.29
N CYS D 96 11.72 -43.81 -7.85
CA CYS D 96 11.77 -42.52 -7.17
C CYS D 96 10.35 -42.10 -6.80
N ALA D 97 10.16 -41.73 -5.55
CA ALA D 97 8.85 -41.40 -5.03
C ALA D 97 8.91 -40.07 -4.29
N THR D 98 7.76 -39.39 -4.22
CA THR D 98 7.68 -38.11 -3.54
C THR D 98 6.21 -37.83 -3.21
N HIS D 99 5.99 -36.73 -2.50
CA HIS D 99 4.65 -36.25 -2.18
C HIS D 99 4.37 -35.05 -3.07
N ALA D 100 3.68 -35.29 -4.18
CA ALA D 100 3.48 -34.27 -5.21
C ALA D 100 2.38 -33.31 -4.76
N VAL D 101 2.77 -32.09 -4.39
CA VAL D 101 1.83 -31.03 -4.05
C VAL D 101 2.22 -29.78 -4.81
N ARG D 102 1.24 -28.88 -4.98
CA ARG D 102 1.47 -27.67 -5.76
C ARG D 102 2.51 -26.77 -5.10
N LEU D 103 2.37 -26.54 -3.80
CA LEU D 103 3.29 -25.66 -3.07
C LEU D 103 3.34 -26.14 -1.62
N ALA D 104 4.43 -26.80 -1.25
CA ALA D 104 4.57 -27.35 0.09
C ALA D 104 5.13 -26.28 1.01
N VAL D 105 4.43 -26.03 2.11
CA VAL D 105 4.93 -25.09 3.10
C VAL D 105 5.80 -25.78 4.15
N ALA D 106 5.70 -27.10 4.27
CA ALA D 106 6.48 -27.84 5.26
C ALA D 106 6.66 -29.26 4.74
N SER D 107 7.83 -29.54 4.20
CA SER D 107 8.17 -30.87 3.69
C SER D 107 8.95 -31.60 4.76
N PHE D 108 8.43 -32.74 5.19
CA PHE D 108 9.04 -33.54 6.24
C PHE D 108 9.44 -34.90 5.69
N PHE D 109 10.25 -35.62 6.48
CA PHE D 109 10.73 -36.93 6.07
C PHE D 109 9.62 -37.96 6.00
N VAL D 110 8.52 -37.75 6.73
CA VAL D 110 7.44 -38.72 6.81
C VAL D 110 6.32 -38.39 5.83
N ASP D 111 6.61 -37.58 4.82
CA ASP D 111 5.61 -37.28 3.80
C ASP D 111 5.26 -38.56 3.05
N PRO D 112 3.98 -38.80 2.76
CA PRO D 112 3.60 -40.04 2.07
C PRO D 112 4.14 -40.09 0.65
N MET D 113 4.40 -41.31 0.20
CA MET D 113 4.90 -41.56 -1.15
C MET D 113 3.68 -41.76 -2.06
N ASP D 114 3.24 -40.67 -2.69
CA ASP D 114 2.10 -40.71 -3.59
C ASP D 114 2.53 -40.93 -5.03
N LEU D 115 3.38 -40.06 -5.54
CA LEU D 115 3.77 -40.08 -6.95
C LEU D 115 5.00 -40.96 -7.11
N TRP D 116 4.83 -42.08 -7.82
CA TRP D 116 5.90 -43.01 -8.10
C TRP D 116 6.24 -42.99 -9.58
N GLY D 117 7.53 -43.12 -9.87
CA GLY D 117 7.98 -43.25 -11.25
C GLY D 117 7.80 -44.67 -11.74
N PRO D 118 7.81 -44.84 -13.07
CA PRO D 118 7.71 -46.21 -13.61
C PRO D 118 8.83 -47.12 -13.15
N GLY D 119 10.02 -46.58 -12.96
CA GLY D 119 11.13 -47.35 -12.42
C GLY D 119 12.16 -47.72 -13.49
N VAL D 120 13.33 -48.13 -13.02
CA VAL D 120 14.41 -48.58 -13.87
C VAL D 120 14.87 -49.95 -13.36
N GLU D 121 15.74 -50.60 -14.12
CA GLU D 121 16.21 -51.93 -13.79
C GLU D 121 17.72 -51.89 -13.55
N VAL D 122 18.19 -52.66 -12.57
CA VAL D 122 19.61 -52.74 -12.29
C VAL D 122 20.00 -54.17 -11.96
N LYS E 3 31.42 17.43 13.67
CA LYS E 3 32.29 18.34 14.40
C LYS E 3 31.52 19.14 15.45
N LEU E 4 32.25 19.66 16.43
CA LEU E 4 31.66 20.49 17.48
C LEU E 4 32.47 21.76 17.63
N VAL E 5 31.79 22.90 17.68
CA VAL E 5 32.43 24.20 17.79
C VAL E 5 31.86 24.90 19.01
N GLU E 6 32.74 25.36 19.88
CA GLU E 6 32.34 26.04 21.10
C GLU E 6 32.55 27.55 20.97
N SER E 7 31.85 28.29 21.83
CA SER E 7 31.88 29.74 21.79
C SER E 7 31.86 30.26 23.23
N GLY E 8 31.77 31.58 23.35
CA GLY E 8 31.77 32.20 24.66
C GLY E 8 33.15 32.15 25.30
N GLY E 9 33.19 32.47 26.59
CA GLY E 9 34.41 32.35 27.36
C GLY E 9 35.24 33.61 27.40
N GLY E 10 36.00 33.78 28.48
CA GLY E 10 36.80 34.98 28.63
C GLY E 10 37.11 35.23 30.09
N LEU E 11 37.27 36.51 30.41
CA LEU E 11 37.51 36.94 31.78
C LEU E 11 36.18 37.11 32.52
N VAL E 12 36.21 36.89 33.82
CA VAL E 12 35.02 37.03 34.65
C VAL E 12 35.44 37.42 36.06
N GLN E 13 34.61 38.22 36.72
CA GLN E 13 34.86 38.61 38.09
C GLN E 13 34.44 37.50 39.03
N PRO E 14 35.02 37.43 40.22
CA PRO E 14 34.66 36.36 41.16
C PRO E 14 33.27 36.52 41.73
N GLY E 15 32.26 36.09 40.97
CA GLY E 15 30.89 36.23 41.38
C GLY E 15 29.96 36.63 40.25
N GLY E 16 30.51 36.70 39.03
CA GLY E 16 29.72 37.05 37.87
C GLY E 16 29.03 35.86 37.22
N SER E 17 28.66 36.02 35.96
CA SER E 17 27.98 34.97 35.21
C SER E 17 28.54 34.90 33.80
N LEU E 18 28.42 33.72 33.19
CA LEU E 18 28.92 33.53 31.84
C LEU E 18 28.11 32.44 31.15
N ARG E 19 27.95 32.58 29.83
CA ARG E 19 27.22 31.61 29.02
C ARG E 19 28.14 31.04 27.95
N LEU E 20 28.13 29.71 27.81
CA LEU E 20 28.89 29.02 26.78
C LEU E 20 27.93 28.27 25.87
N SER E 21 28.28 28.21 24.59
CA SER E 21 27.46 27.52 23.60
C SER E 21 28.32 26.55 22.80
N CYS E 22 27.67 25.48 22.35
CA CYS E 22 28.33 24.42 21.59
C CYS E 22 27.41 24.03 20.44
N VAL E 23 27.91 24.14 19.22
CA VAL E 23 27.13 23.91 18.00
C VAL E 23 27.73 22.73 17.26
N GLY E 24 26.87 21.85 16.75
CA GLY E 24 27.30 20.66 16.06
C GLY E 24 26.69 20.57 14.68
N SER E 25 27.29 19.75 13.82
CA SER E 25 26.85 19.60 12.44
C SER E 25 27.23 18.22 11.94
N GLY E 26 26.24 17.49 11.42
CA GLY E 26 26.48 16.25 10.73
C GLY E 26 26.29 14.98 11.52
N PHE E 27 25.73 15.05 12.72
CA PHE E 27 25.63 13.85 13.54
C PHE E 27 24.32 13.77 14.32
N GLY E 28 23.24 14.33 13.79
CA GLY E 28 21.95 14.21 14.43
C GLY E 28 21.91 14.72 15.86
N PHE E 29 22.03 16.04 16.02
CA PHE E 29 22.09 16.64 17.35
C PHE E 29 20.84 16.35 18.18
N SER E 30 19.71 16.11 17.52
CA SER E 30 18.45 15.99 18.23
C SER E 30 18.30 14.68 19.00
N TYR E 31 19.18 13.71 18.81
CA TYR E 31 19.06 12.41 19.44
C TYR E 31 20.32 12.03 20.19
N THR E 32 20.99 13.00 20.82
CA THR E 32 22.22 12.72 21.53
C THR E 32 22.24 13.44 22.86
N TYR E 33 22.82 12.79 23.86
CA TYR E 33 23.16 13.45 25.12
C TYR E 33 24.32 14.40 24.90
N ILE E 34 24.34 15.52 25.61
CA ILE E 34 25.45 16.46 25.55
C ILE E 34 26.07 16.59 26.93
N ASN E 35 27.38 16.38 27.01
CA ASN E 35 28.12 16.46 28.26
C ASN E 35 29.03 17.68 28.24
N TRP E 36 29.11 18.36 29.37
CA TRP E 36 30.03 19.47 29.56
C TRP E 36 31.07 19.06 30.58
N VAL E 37 32.35 19.15 30.18
CA VAL E 37 33.48 18.72 30.98
C VAL E 37 34.45 19.89 31.08
N ARG E 38 35.29 19.87 32.12
CA ARG E 38 36.29 20.90 32.31
C ARG E 38 37.63 20.28 32.68
N GLN E 39 38.71 20.99 32.31
CA GLN E 39 40.07 20.61 32.66
C GLN E 39 40.80 21.84 33.18
N ALA E 40 41.19 21.80 34.45
CA ALA E 40 41.96 22.89 35.02
C ALA E 40 43.42 22.77 34.62
N PRO E 41 44.12 23.89 34.49
CA PRO E 41 45.56 23.82 34.20
C PRO E 41 46.33 23.24 35.37
N GLY E 42 46.88 22.04 35.17
CA GLY E 42 47.55 21.33 36.23
C GLY E 42 46.76 20.20 36.86
N LYS E 43 45.47 20.07 36.54
CA LYS E 43 44.63 19.00 37.04
C LYS E 43 43.99 18.27 35.87
N GLY E 44 43.39 17.12 36.17
CA GLY E 44 42.76 16.29 35.17
C GLY E 44 41.36 16.73 34.83
N LEU E 45 40.72 15.96 33.95
CA LEU E 45 39.38 16.28 33.50
C LEU E 45 38.38 16.10 34.64
N GLU E 46 37.35 16.95 34.65
CA GLU E 46 36.32 16.91 35.68
C GLU E 46 34.96 17.04 34.99
N TRP E 47 34.20 15.96 34.97
CA TRP E 47 32.87 15.98 34.40
C TRP E 47 31.98 16.95 35.17
N LEU E 48 31.28 17.81 34.43
CA LEU E 48 30.48 18.87 35.04
C LEU E 48 28.99 18.66 34.90
N ALA E 49 28.49 18.48 33.69
CA ALA E 49 27.05 18.43 33.51
C ALA E 49 26.67 17.60 32.30
N ALA E 50 25.40 17.25 32.21
CA ALA E 50 24.87 16.51 31.08
C ALA E 50 23.41 16.88 30.85
N ILE E 51 23.02 16.93 29.59
CA ILE E 51 21.66 17.22 29.19
C ILE E 51 21.18 16.17 28.20
N SER E 52 19.91 15.80 28.32
CA SER E 52 19.31 14.75 27.53
C SER E 52 19.02 15.23 26.11
N SER E 53 18.47 14.32 25.30
CA SER E 53 18.14 14.64 23.92
C SER E 53 17.01 15.67 23.82
N SER E 54 15.99 15.55 24.66
CA SER E 54 14.85 16.46 24.62
C SER E 54 14.94 17.59 25.64
N GLY E 55 15.99 17.61 26.46
CA GLY E 55 16.14 18.64 27.47
C GLY E 55 15.38 18.39 28.75
N GLY E 56 14.67 17.26 28.87
CA GLY E 56 13.91 17.01 30.08
C GLY E 56 14.77 16.54 31.24
N ASP E 57 15.88 15.86 30.97
CA ASP E 57 16.75 15.32 32.00
C ASP E 57 18.04 16.13 32.00
N THR E 58 18.34 16.77 33.13
CA THR E 58 19.58 17.51 33.33
C THR E 58 20.27 16.97 34.58
N TYR E 59 21.53 16.56 34.42
CA TYR E 59 22.30 15.95 35.49
C TYR E 59 23.53 16.79 35.77
N TYR E 60 23.83 16.99 37.05
CA TYR E 60 24.93 17.85 37.45
C TYR E 60 25.86 17.11 38.41
N ALA E 61 27.10 17.58 38.46
CA ALA E 61 28.04 17.08 39.42
C ALA E 61 27.75 17.66 40.80
N VAL E 62 28.27 16.99 41.83
CA VAL E 62 28.03 17.44 43.19
C VAL E 62 28.67 18.80 43.46
N SER E 63 29.82 19.08 42.85
CA SER E 63 30.56 20.32 43.11
C SER E 63 29.99 21.53 42.40
N VAL E 64 29.14 21.35 41.40
CA VAL E 64 28.57 22.46 40.64
C VAL E 64 27.05 22.49 40.70
N LYS E 65 26.43 21.65 41.53
CA LYS E 65 24.98 21.62 41.62
C LYS E 65 24.47 22.92 42.21
N GLY E 66 23.50 23.54 41.54
CA GLY E 66 22.89 24.77 41.98
C GLY E 66 23.47 26.03 41.38
N ARG E 67 24.69 25.94 40.84
CA ARG E 67 25.34 27.09 40.24
C ARG E 67 25.34 27.06 38.71
N PHE E 68 25.23 25.88 38.11
CA PHE E 68 25.31 25.71 36.67
C PHE E 68 23.95 25.29 36.14
N THR E 69 23.63 25.71 34.92
CA THR E 69 22.39 25.32 34.26
C THR E 69 22.68 24.93 32.83
N VAL E 70 22.03 23.87 32.36
CA VAL E 70 22.23 23.36 31.01
C VAL E 70 20.92 23.47 30.24
N SER E 71 21.00 23.98 29.02
CA SER E 71 19.85 24.13 28.16
C SER E 71 20.20 23.65 26.76
N ARG E 72 19.17 23.38 25.97
CA ARG E 72 19.38 22.83 24.63
C ARG E 72 18.36 23.43 23.67
N ASP E 73 18.84 23.83 22.49
CA ASP E 73 17.99 24.33 21.41
C ASP E 73 18.27 23.46 20.19
N ASN E 74 17.37 22.49 19.95
CA ASN E 74 17.58 21.54 18.87
C ASN E 74 17.37 22.18 17.50
N SER E 75 16.54 23.22 17.43
CA SER E 75 16.31 23.89 16.15
C SER E 75 17.58 24.50 15.61
N GLN E 76 18.35 25.17 16.47
CA GLN E 76 19.62 25.77 16.06
C GLN E 76 20.79 24.82 16.24
N ASN E 77 20.57 23.61 16.73
CA ASN E 77 21.64 22.66 17.05
C ASN E 77 22.66 23.28 17.98
N THR E 78 22.18 23.77 19.12
CA THR E 78 23.03 24.44 20.10
C THR E 78 22.78 23.88 21.49
N ALA E 79 23.84 23.80 22.28
CA ALA E 79 23.77 23.44 23.69
C ALA E 79 24.41 24.54 24.51
N TYR E 80 23.74 24.94 25.59
CA TYR E 80 24.16 26.09 26.38
C TYR E 80 24.46 25.67 27.80
N LEU E 81 25.55 26.18 28.35
CA LEU E 81 25.91 26.00 29.75
C LEU E 81 26.08 27.38 30.36
N GLN E 82 25.26 27.69 31.36
CA GLN E 82 25.31 28.99 32.02
C GLN E 82 25.80 28.82 33.45
N MET E 83 26.83 29.59 33.79
CA MET E 83 27.44 29.56 35.11
C MET E 83 27.16 30.86 35.83
N ASN E 84 26.67 30.74 37.06
CA ASN E 84 26.45 31.88 37.95
C ASN E 84 27.19 31.61 39.25
N SER E 85 27.54 32.70 39.94
CA SER E 85 28.36 32.62 41.16
C SER E 85 29.70 31.96 40.89
N LEU E 86 30.37 32.38 39.82
CA LEU E 86 31.67 31.82 39.47
C LEU E 86 32.70 32.14 40.55
N ARG E 87 33.57 31.18 40.83
CA ARG E 87 34.61 31.32 41.84
C ARG E 87 35.98 31.38 41.17
N THR E 88 37.02 31.43 41.99
CA THR E 88 38.39 31.41 41.49
C THR E 88 38.85 30.01 41.09
N GLU E 89 38.25 28.96 41.67
CA GLU E 89 38.62 27.60 41.34
C GLU E 89 38.04 27.12 40.02
N ASP E 90 37.16 27.90 39.39
CA ASP E 90 36.49 27.51 38.16
C ASP E 90 37.23 28.00 36.92
N THR E 91 38.54 28.25 37.04
CA THR E 91 39.36 28.64 35.90
C THR E 91 39.83 27.37 35.20
N ALA E 92 39.36 27.13 33.98
CA ALA E 92 39.69 25.89 33.29
C ALA E 92 39.31 26.02 31.82
N ARG E 93 39.62 24.97 31.07
CA ARG E 93 39.21 24.82 29.69
C ARG E 93 37.98 23.92 29.63
N TYR E 94 36.96 24.36 28.91
CA TYR E 94 35.65 23.73 28.92
C TYR E 94 35.38 23.08 27.57
N TYR E 95 34.92 21.83 27.61
CA TYR E 95 34.66 21.01 26.43
C TYR E 95 33.21 20.55 26.43
N CYS E 96 32.65 20.45 25.22
CA CYS E 96 31.36 19.82 24.99
C CYS E 96 31.60 18.51 24.25
N ALA E 97 31.02 17.43 24.76
CA ALA E 97 31.23 16.10 24.22
C ALA E 97 29.89 15.43 23.98
N THR E 98 29.88 14.48 23.04
CA THR E 98 28.65 13.77 22.69
C THR E 98 29.04 12.50 21.94
N HIS E 99 28.03 11.66 21.71
CA HIS E 99 28.19 10.43 20.94
C HIS E 99 27.63 10.70 19.54
N ALA E 100 28.53 10.93 18.59
CA ALA E 100 28.15 11.29 17.24
C ALA E 100 27.64 10.05 16.51
N VAL E 101 26.35 10.00 16.22
CA VAL E 101 25.74 8.95 15.43
C VAL E 101 24.74 9.57 14.47
N ARG E 102 24.64 9.00 13.27
CA ARG E 102 23.78 9.59 12.25
C ARG E 102 22.32 9.57 12.68
N LEU E 103 21.88 8.48 13.31
CA LEU E 103 20.51 8.40 13.81
C LEU E 103 20.52 7.48 15.02
N ALA E 104 20.26 8.03 16.20
CA ALA E 104 20.27 7.27 17.44
C ALA E 104 18.84 6.84 17.77
N VAL E 105 18.64 5.54 17.93
CA VAL E 105 17.33 5.04 18.34
C VAL E 105 17.18 5.02 19.86
N ALA E 106 18.29 5.14 20.60
CA ALA E 106 18.25 5.09 22.06
C ALA E 106 19.46 5.84 22.57
N SER E 107 19.25 7.05 23.08
CA SER E 107 20.30 7.86 23.66
C SER E 107 20.25 7.76 25.18
N PHE E 108 21.31 7.21 25.77
CA PHE E 108 21.40 7.02 27.19
C PHE E 108 22.50 7.89 27.79
N PHE E 109 22.42 8.08 29.10
CA PHE E 109 23.38 8.90 29.83
C PHE E 109 24.80 8.37 29.77
N VAL E 110 24.97 7.06 29.56
CA VAL E 110 26.29 6.44 29.59
C VAL E 110 26.86 6.24 28.18
N ASP E 111 26.28 6.91 27.19
CA ASP E 111 26.83 6.84 25.85
C ASP E 111 28.23 7.42 25.84
N PRO E 112 29.17 6.85 25.09
CA PRO E 112 30.56 7.30 25.16
C PRO E 112 30.74 8.71 24.61
N MET E 113 31.76 9.39 25.12
CA MET E 113 32.09 10.75 24.72
C MET E 113 33.07 10.68 23.55
N ASP E 114 32.55 10.55 22.34
CA ASP E 114 33.39 10.41 21.16
C ASP E 114 33.81 11.76 20.59
N LEU E 115 32.85 12.59 20.19
CA LEU E 115 33.14 13.88 19.56
C LEU E 115 33.41 14.91 20.66
N TRP E 116 34.61 15.46 20.65
CA TRP E 116 34.99 16.52 21.57
C TRP E 116 35.24 17.81 20.81
N GLY E 117 34.73 18.91 21.32
CA GLY E 117 35.00 20.20 20.76
C GLY E 117 36.36 20.72 21.20
N PRO E 118 36.90 21.71 20.50
CA PRO E 118 38.19 22.28 20.91
C PRO E 118 38.17 22.85 22.30
N GLY E 119 37.06 23.42 22.73
CA GLY E 119 36.93 23.96 24.07
C GLY E 119 37.26 25.43 24.15
N VAL E 120 36.74 26.08 25.19
CA VAL E 120 36.96 27.49 25.44
C VAL E 120 37.66 27.64 26.79
N GLU E 121 38.05 28.87 27.09
CA GLU E 121 38.79 29.17 28.31
C GLU E 121 37.94 30.01 29.25
N VAL E 122 38.06 29.75 30.55
CA VAL E 122 37.34 30.52 31.54
C VAL E 122 38.23 30.80 32.73
N THR F 2 36.09 7.52 45.47
CA THR F 2 36.42 8.16 44.21
C THR F 2 37.27 7.24 43.33
N VAL F 3 37.55 7.70 42.11
CA VAL F 3 38.32 6.89 41.16
C VAL F 3 39.80 7.02 41.47
N ILE F 4 40.48 5.88 41.59
CA ILE F 4 41.90 5.84 41.93
C ILE F 4 42.67 5.25 40.77
N GLN F 5 43.73 5.95 40.36
CA GLN F 5 44.58 5.54 39.27
C GLN F 5 46.03 5.55 39.73
N GLU F 6 46.89 4.94 38.93
CA GLU F 6 48.31 4.91 39.23
C GLU F 6 48.90 6.31 39.12
N PRO F 7 49.84 6.68 39.98
CA PRO F 7 50.41 8.04 39.90
C PRO F 7 51.17 8.29 38.61
N ALA F 8 51.95 7.31 38.16
CA ALA F 8 52.68 7.40 36.90
C ALA F 8 53.25 6.03 36.59
N MET F 9 53.36 5.71 35.30
CA MET F 9 53.92 4.45 34.86
C MET F 9 54.76 4.64 33.61
N SER F 10 55.73 3.75 33.43
CA SER F 10 56.69 3.81 32.34
C SER F 10 56.76 2.48 31.61
N VAL F 11 57.18 2.52 30.35
CA VAL F 11 57.30 1.33 29.52
C VAL F 11 58.39 1.55 28.48
N SER F 12 59.01 0.42 28.03
CA SER F 12 60.02 0.35 27.00
C SER F 12 59.39 0.10 25.65
N PRO F 13 60.00 0.58 24.56
CA PRO F 13 59.40 0.41 23.23
C PRO F 13 59.28 -1.07 22.86
N GLY F 14 58.20 -1.40 22.17
CA GLY F 14 57.93 -2.76 21.78
C GLY F 14 57.36 -3.65 22.86
N GLY F 15 57.17 -3.13 24.07
CA GLY F 15 56.65 -3.90 25.18
C GLY F 15 55.15 -3.73 25.36
N THR F 16 54.66 -4.28 26.47
CA THR F 16 53.25 -4.21 26.81
C THR F 16 53.09 -3.53 28.17
N VAL F 17 52.00 -2.76 28.28
CA VAL F 17 51.75 -1.96 29.48
C VAL F 17 50.29 -2.08 29.89
N THR F 18 50.04 -2.26 31.18
CA THR F 18 48.69 -2.37 31.72
C THR F 18 48.43 -1.26 32.72
N LEU F 19 47.32 -0.55 32.53
CA LEU F 19 46.90 0.54 33.39
C LEU F 19 45.63 0.13 34.11
N THR F 20 45.59 0.36 35.42
CA THR F 20 44.50 -0.12 36.26
C THR F 20 43.66 1.05 36.78
N CYS F 21 42.35 0.85 36.81
CA CYS F 21 41.40 1.83 37.31
C CYS F 21 40.53 1.15 38.37
N ALA F 22 40.38 1.79 39.52
CA ALA F 22 39.68 1.19 40.64
C ALA F 22 38.98 2.28 41.45
N PHE F 23 38.16 1.83 42.39
CA PHE F 23 37.41 2.71 43.28
C PHE F 23 38.11 2.82 44.64
N SER F 24 37.80 3.91 45.35
CA SER F 24 38.25 4.03 46.72
C SER F 24 37.57 3.01 47.63
N SER F 25 36.31 2.68 47.35
CA SER F 25 35.58 1.70 48.14
C SER F 25 34.56 1.05 47.21
N GLY F 26 34.86 -0.17 46.77
CA GLY F 26 33.97 -0.88 45.88
C GLY F 26 34.70 -1.70 44.84
N SER F 27 33.95 -2.37 43.97
CA SER F 27 34.52 -3.20 42.92
C SER F 27 34.01 -2.70 41.56
N VAL F 28 34.95 -2.45 40.66
CA VAL F 28 34.59 -2.01 39.31
C VAL F 28 34.11 -3.21 38.52
N THR F 29 32.93 -3.07 37.91
CA THR F 29 32.35 -4.13 37.10
C THR F 29 31.99 -3.58 35.73
N THR F 30 31.47 -4.46 34.88
CA THR F 30 31.06 -4.04 33.54
C THR F 30 29.84 -3.14 33.61
N SER F 31 29.12 -3.13 34.72
CA SER F 31 27.99 -2.24 34.89
C SER F 31 28.41 -0.81 35.20
N ASN F 32 29.69 -0.58 35.48
CA ASN F 32 30.20 0.76 35.71
C ASN F 32 30.66 1.44 34.42
N TYR F 33 30.62 0.73 33.30
CA TYR F 33 30.93 1.25 31.97
C TYR F 33 32.23 2.05 31.95
N PRO F 34 33.37 1.44 32.28
CA PRO F 34 34.64 2.18 32.25
C PRO F 34 34.97 2.67 30.86
N SER F 35 35.54 3.87 30.79
CA SER F 35 35.98 4.46 29.53
C SER F 35 37.40 4.95 29.70
N TRP F 36 38.22 4.73 28.67
CA TRP F 36 39.63 5.11 28.67
C TRP F 36 39.86 6.15 27.60
N PHE F 37 40.36 7.31 28.01
CA PHE F 37 40.65 8.46 27.15
C PHE F 37 42.15 8.70 27.09
N GLN F 38 42.61 9.31 25.99
CA GLN F 38 43.99 9.72 25.81
C GLN F 38 44.04 11.20 25.47
N GLN F 39 44.97 11.92 26.09
CA GLN F 39 45.10 13.36 25.88
C GLN F 39 46.56 13.74 25.74
N THR F 40 46.98 14.00 24.52
CA THR F 40 48.26 14.67 24.32
C THR F 40 48.11 16.16 24.64
N PRO F 41 49.14 16.76 25.21
CA PRO F 41 49.04 18.18 25.60
C PRO F 41 48.72 19.07 24.41
N GLY F 42 47.86 20.06 24.63
CA GLY F 42 47.45 20.97 23.58
C GLY F 42 46.40 20.45 22.64
N GLN F 43 45.80 19.30 22.93
CA GLN F 43 44.80 18.69 22.07
C GLN F 43 43.62 18.20 22.90
N PRO F 44 42.44 18.15 22.30
CA PRO F 44 41.27 17.59 23.01
C PRO F 44 41.46 16.11 23.27
N PRO F 45 40.86 15.59 24.34
CA PRO F 45 41.00 14.16 24.64
C PRO F 45 40.42 13.29 23.54
N ARG F 46 41.06 12.14 23.31
CA ARG F 46 40.61 11.18 22.32
C ARG F 46 40.21 9.90 23.04
N LEU F 47 39.00 9.43 22.78
CA LEU F 47 38.52 8.21 23.41
C LEU F 47 39.22 7.00 22.82
N LEU F 48 39.74 6.14 23.69
CA LEU F 48 40.39 4.90 23.26
C LEU F 48 39.48 3.70 23.45
N ILE F 49 38.89 3.54 24.63
CA ILE F 49 38.06 2.37 24.92
C ILE F 49 36.77 2.83 25.58
N TYR F 50 35.65 2.23 25.17
CA TYR F 50 34.38 2.47 25.85
C TYR F 50 33.73 1.14 26.20
N LYS F 51 33.18 1.07 27.41
CA LYS F 51 32.50 -0.12 27.92
C LYS F 51 33.43 -1.34 27.99
N THR F 52 34.71 -1.09 28.25
CA THR F 52 35.76 -2.09 28.53
C THR F 52 36.10 -2.98 27.35
N ASN F 53 35.41 -2.84 26.23
CA ASN F 53 35.75 -3.63 25.06
C ASN F 53 35.55 -2.89 23.74
N GLY F 54 35.03 -1.67 23.76
CA GLY F 54 34.73 -0.96 22.54
C GLY F 54 35.93 -0.22 21.99
N ARG F 55 36.19 -0.41 20.72
CA ARG F 55 37.28 0.28 20.02
C ARG F 55 36.70 1.15 18.92
N PRO F 56 36.67 2.47 19.08
CA PRO F 56 36.17 3.34 18.01
C PRO F 56 37.01 3.17 16.75
N THR F 57 36.35 3.33 15.60
CA THR F 57 37.04 3.22 14.32
C THR F 57 38.15 4.26 14.26
N GLY F 58 39.33 3.82 13.83
CA GLY F 58 40.51 4.66 13.84
C GLY F 58 41.42 4.47 15.03
N VAL F 59 41.20 3.43 15.83
CA VAL F 59 42.03 3.11 16.98
C VAL F 59 42.68 1.76 16.73
N PRO F 60 44.00 1.63 16.91
CA PRO F 60 44.66 0.37 16.60
C PRO F 60 44.21 -0.76 17.51
N SER F 61 44.30 -1.98 16.98
CA SER F 61 43.91 -3.16 17.75
C SER F 61 44.86 -3.44 18.89
N ARG F 62 46.00 -2.74 18.96
CA ARG F 62 46.93 -2.92 20.06
C ARG F 62 46.29 -2.56 21.39
N VAL F 63 45.50 -1.49 21.41
CA VAL F 63 44.83 -1.06 22.64
C VAL F 63 43.64 -1.98 22.89
N SER F 64 43.59 -2.55 24.10
CA SER F 64 42.50 -3.44 24.47
C SER F 64 42.10 -3.17 25.91
N GLY F 65 40.89 -3.58 26.27
CA GLY F 65 40.41 -3.39 27.63
C GLY F 65 39.79 -4.63 28.21
N ALA F 66 39.74 -4.72 29.53
CA ALA F 66 39.14 -5.86 30.22
C ALA F 66 38.87 -5.46 31.66
N ILE F 67 38.36 -6.42 32.43
CA ILE F 67 38.10 -6.23 33.85
C ILE F 67 39.00 -7.21 34.60
N SER F 68 40.12 -6.70 35.12
CA SER F 68 41.06 -7.53 35.84
C SER F 68 40.75 -7.46 37.33
N GLY F 69 40.25 -8.55 37.90
CA GLY F 69 39.91 -8.61 39.30
C GLY F 69 38.82 -7.61 39.66
N ASN F 70 39.12 -6.72 40.60
CA ASN F 70 38.19 -5.67 41.01
C ASN F 70 38.57 -4.33 40.39
N LYS F 71 39.22 -4.36 39.22
CA LYS F 71 39.66 -3.16 38.54
C LYS F 71 39.37 -3.29 37.05
N ALA F 72 39.42 -2.16 36.36
CA ALA F 72 39.34 -2.11 34.90
C ALA F 72 40.75 -1.93 34.35
N ALA F 73 41.14 -2.77 33.41
CA ALA F 73 42.50 -2.83 32.91
C ALA F 73 42.54 -2.42 31.45
N LEU F 74 43.51 -1.56 31.11
CA LEU F 74 43.78 -1.15 29.74
C LEU F 74 45.16 -1.67 29.37
N THR F 75 45.22 -2.50 28.33
CA THR F 75 46.48 -3.07 27.88
C THR F 75 46.88 -2.50 26.52
N ILE F 76 48.08 -1.94 26.46
CA ILE F 76 48.66 -1.43 25.23
C ILE F 76 49.87 -2.29 24.89
N THR F 77 49.82 -2.95 23.73
CA THR F 77 50.87 -3.86 23.30
C THR F 77 51.63 -3.27 22.13
N GLY F 78 52.95 -3.27 22.22
CA GLY F 78 53.77 -2.68 21.18
C GLY F 78 53.85 -1.17 21.31
N ALA F 79 54.36 -0.69 22.43
CA ALA F 79 54.44 0.74 22.68
C ALA F 79 55.28 1.43 21.62
N GLN F 80 54.80 2.58 21.16
CA GLN F 80 55.47 3.36 20.13
C GLN F 80 55.79 4.74 20.68
N ALA F 81 56.35 5.58 19.82
CA ALA F 81 56.72 6.94 20.21
C ALA F 81 55.53 7.87 20.33
N GLU F 82 54.44 7.61 19.60
CA GLU F 82 53.24 8.43 19.64
C GLU F 82 52.24 7.94 20.68
N ASP F 83 52.68 7.10 21.63
CA ASP F 83 51.81 6.59 22.69
C ASP F 83 52.23 7.16 24.04
N GLU F 84 52.80 8.35 24.05
CA GLU F 84 53.15 9.05 25.28
C GLU F 84 52.10 10.13 25.51
N ALA F 85 51.22 9.91 26.48
CA ALA F 85 50.16 10.85 26.78
C ALA F 85 49.65 10.58 28.19
N ASP F 86 48.70 11.39 28.63
CA ASP F 86 48.09 11.28 29.94
C ASP F 86 46.78 10.53 29.76
N TYR F 87 46.75 9.28 30.21
CA TYR F 87 45.57 8.44 30.03
C TYR F 87 44.60 8.64 31.19
N PHE F 88 43.32 8.81 30.87
CA PHE F 88 42.28 9.08 31.85
C PHE F 88 41.25 7.96 31.87
N CYS F 89 40.67 7.73 33.03
CA CYS F 89 39.67 6.70 33.24
C CYS F 89 38.39 7.32 33.77
N ALA F 90 37.27 7.03 33.11
CA ALA F 90 35.95 7.52 33.50
C ALA F 90 35.10 6.36 33.96
N LEU F 91 34.50 6.49 35.14
CA LEU F 91 33.68 5.45 35.73
C LEU F 91 32.32 6.01 36.11
N TYR F 92 31.28 5.21 35.90
CA TYR F 92 29.91 5.59 36.20
C TYR F 92 29.45 4.86 37.45
N LYS F 93 29.01 5.60 38.47
CA LYS F 93 28.73 4.99 39.75
C LYS F 93 27.28 4.52 39.86
N SER F 94 26.35 5.48 39.87
CA SER F 94 24.91 5.23 39.93
C SER F 94 24.23 6.59 39.97
N ILE F 95 22.95 6.59 39.55
CA ILE F 95 22.12 7.79 39.51
C ILE F 95 22.88 8.92 38.81
N ALA F 96 23.39 8.63 37.60
CA ALA F 96 23.98 9.64 36.72
C ALA F 96 25.14 10.38 37.38
N ASN F 97 26.22 9.63 37.64
CA ASN F 97 27.45 10.23 38.17
C ASN F 97 28.63 9.63 37.41
N ILE F 98 29.29 10.46 36.62
CA ILE F 98 30.50 10.07 35.90
C ILE F 98 31.69 10.76 36.55
N ARG F 99 32.67 9.97 36.99
CA ARG F 99 33.86 10.51 37.64
C ARG F 99 35.10 10.11 36.85
N PHE F 100 35.97 11.09 36.61
CA PHE F 100 37.23 10.88 35.92
C PHE F 100 38.34 10.58 36.92
N GLY F 101 39.34 9.85 36.45
CA GLY F 101 40.49 9.57 37.28
C GLY F 101 41.47 10.73 37.30
N ALA F 102 42.48 10.60 38.15
CA ALA F 102 43.50 11.63 38.24
C ALA F 102 44.29 11.74 36.95
N GLY F 103 44.62 10.61 36.34
CA GLY F 103 45.38 10.60 35.11
C GLY F 103 46.76 10.02 35.27
N THR F 104 47.03 8.91 34.58
CA THR F 104 48.35 8.29 34.64
C THR F 104 49.17 8.73 33.45
N PRO F 105 50.24 9.50 33.64
CA PRO F 105 51.06 9.92 32.50
C PRO F 105 52.06 8.84 32.12
N LEU F 106 51.93 8.32 30.90
CA LEU F 106 52.77 7.24 30.42
C LEU F 106 54.03 7.80 29.78
N THR F 107 55.18 7.46 30.36
CA THR F 107 56.48 7.87 29.84
C THR F 107 57.13 6.68 29.18
N VAL F 108 57.33 6.77 27.87
CA VAL F 108 57.94 5.70 27.10
C VAL F 108 59.45 5.92 27.09
N LEU F 109 60.18 5.07 27.81
CA LEU F 109 61.63 5.19 27.86
C LEU F 109 62.23 4.84 26.51
N GLY F 110 63.47 5.26 26.31
CA GLY F 110 64.17 4.99 25.06
C GLY F 110 64.54 6.23 24.28
N GLN F 111 64.86 7.31 24.96
CA GLN F 111 65.28 8.55 24.34
C GLN F 111 66.64 8.97 24.89
N PRO F 112 67.47 9.65 24.07
CA PRO F 112 68.79 10.15 24.48
C PRO F 112 68.76 10.96 25.77
N THR G 2 11.59 -55.51 13.37
CA THR G 2 11.22 -55.21 11.99
C THR G 2 9.72 -55.36 11.78
N VAL G 3 9.25 -55.00 10.59
CA VAL G 3 7.83 -55.01 10.28
C VAL G 3 7.38 -56.44 10.00
N ILE G 4 6.30 -56.86 10.66
CA ILE G 4 5.74 -58.20 10.50
C ILE G 4 4.33 -58.08 9.94
N GLN G 5 4.07 -58.81 8.86
CA GLN G 5 2.76 -58.89 8.23
C GLN G 5 2.32 -60.34 8.18
N GLU G 6 1.08 -60.55 7.78
CA GLU G 6 0.57 -61.90 7.63
C GLU G 6 1.21 -62.57 6.42
N PRO G 7 1.47 -63.87 6.48
CA PRO G 7 2.07 -64.54 5.31
C PRO G 7 1.20 -64.47 4.09
N ALA G 8 -0.11 -64.73 4.23
CA ALA G 8 -1.08 -64.63 3.16
C ALA G 8 -2.46 -64.81 3.75
N MET G 9 -3.46 -64.29 3.04
CA MET G 9 -4.84 -64.46 3.45
C MET G 9 -5.75 -64.29 2.24
N SER G 10 -6.99 -64.76 2.37
CA SER G 10 -7.96 -64.75 1.29
C SER G 10 -9.29 -64.26 1.81
N VAL G 11 -10.09 -63.69 0.91
CA VAL G 11 -11.43 -63.23 1.23
C VAL G 11 -12.38 -63.66 0.12
N SER G 12 -13.67 -63.81 0.47
CA SER G 12 -14.72 -64.08 -0.50
C SER G 12 -15.32 -62.79 -1.01
N PRO G 13 -15.76 -62.76 -2.27
CA PRO G 13 -16.30 -61.51 -2.83
C PRO G 13 -17.50 -61.01 -2.05
N GLY G 14 -17.59 -59.70 -1.88
CA GLY G 14 -18.65 -59.07 -1.13
C GLY G 14 -18.41 -59.00 0.36
N GLY G 15 -17.43 -59.75 0.87
CA GLY G 15 -17.11 -59.76 2.29
C GLY G 15 -16.09 -58.70 2.66
N THR G 16 -15.66 -58.75 3.91
CA THR G 16 -14.67 -57.82 4.43
C THR G 16 -13.44 -58.58 4.87
N VAL G 17 -12.29 -57.91 4.75
CA VAL G 17 -10.99 -58.50 5.07
C VAL G 17 -10.18 -57.48 5.84
N THR G 18 -9.43 -57.95 6.83
CA THR G 18 -8.55 -57.12 7.63
C THR G 18 -7.12 -57.63 7.56
N LEU G 19 -6.19 -56.69 7.44
CA LEU G 19 -4.77 -56.97 7.32
C LEU G 19 -4.03 -56.25 8.43
N THR G 20 -3.07 -56.94 9.05
CA THR G 20 -2.40 -56.45 10.25
C THR G 20 -0.94 -56.15 9.94
N CYS G 21 -0.44 -55.09 10.58
CA CYS G 21 0.95 -54.67 10.49
C CYS G 21 1.47 -54.48 11.90
N ALA G 22 2.53 -55.20 12.26
CA ALA G 22 3.02 -55.18 13.63
C ALA G 22 4.53 -55.07 13.63
N PHE G 23 5.09 -55.00 14.84
CA PHE G 23 6.52 -54.91 15.04
C PHE G 23 7.05 -56.20 15.65
N SER G 24 8.33 -56.50 15.37
CA SER G 24 8.97 -57.61 16.03
C SER G 24 9.10 -57.38 17.53
N SER G 25 9.40 -56.14 17.92
CA SER G 25 9.50 -55.80 19.33
C SER G 25 9.03 -54.36 19.48
N GLY G 26 7.83 -54.18 20.03
CA GLY G 26 7.26 -52.88 20.25
C GLY G 26 5.81 -52.83 19.84
N SER G 27 5.25 -51.64 19.90
CA SER G 27 3.85 -51.40 19.55
C SER G 27 3.77 -50.37 18.43
N VAL G 28 2.77 -50.54 17.57
CA VAL G 28 2.55 -49.65 16.44
C VAL G 28 1.52 -48.61 16.85
N THR G 29 1.94 -47.35 16.88
CA THR G 29 1.07 -46.25 17.26
C THR G 29 0.90 -45.29 16.10
N THR G 30 0.10 -44.25 16.33
CA THR G 30 -0.13 -43.25 15.29
C THR G 30 1.11 -42.40 15.04
N SER G 31 2.09 -42.48 15.94
CA SER G 31 3.34 -41.76 15.75
C SER G 31 4.29 -42.54 14.85
N ASN G 32 3.91 -43.75 14.48
CA ASN G 32 4.70 -44.56 13.56
C ASN G 32 4.32 -44.35 12.11
N TYR G 33 3.24 -43.60 11.85
CA TYR G 33 2.79 -43.23 10.51
C TYR G 33 2.72 -44.42 9.55
N PRO G 34 1.88 -45.42 9.82
CA PRO G 34 1.76 -46.54 8.88
C PRO G 34 1.26 -46.07 7.52
N SER G 35 1.83 -46.65 6.47
CA SER G 35 1.41 -46.39 5.10
C SER G 35 1.09 -47.72 4.44
N TRP G 36 -0.06 -47.80 3.79
CA TRP G 36 -0.53 -49.01 3.14
C TRP G 36 -0.52 -48.80 1.64
N PHE G 37 0.23 -49.66 0.94
CA PHE G 37 0.43 -49.65 -0.50
C PHE G 37 -0.15 -50.91 -1.12
N GLN G 38 -0.59 -50.78 -2.38
CA GLN G 38 -1.07 -51.91 -3.17
C GLN G 38 -0.22 -52.00 -4.44
N GLN G 39 0.21 -53.22 -4.77
CA GLN G 39 0.99 -53.44 -5.99
C GLN G 39 0.40 -54.61 -6.75
N THR G 40 -0.06 -54.34 -7.97
CA THR G 40 -0.31 -55.38 -8.94
C THR G 40 1.00 -55.73 -9.65
N PRO G 41 1.17 -56.98 -10.05
CA PRO G 41 2.46 -57.38 -10.66
C PRO G 41 2.75 -56.57 -11.91
N GLY G 42 4.00 -56.13 -12.03
CA GLY G 42 4.43 -55.34 -13.17
C GLY G 42 3.98 -53.91 -13.17
N GLN G 43 3.64 -53.34 -12.01
CA GLN G 43 3.19 -51.96 -11.95
C GLN G 43 3.81 -51.25 -10.76
N PRO G 44 3.96 -49.93 -10.82
CA PRO G 44 4.42 -49.17 -9.65
C PRO G 44 3.41 -49.27 -8.52
N PRO G 45 3.86 -49.30 -7.28
CA PRO G 45 2.93 -49.40 -6.16
C PRO G 45 2.05 -48.16 -6.04
N ARG G 46 0.84 -48.36 -5.54
CA ARG G 46 -0.13 -47.29 -5.37
C ARG G 46 -0.43 -47.13 -3.89
N LEU G 47 -0.36 -45.89 -3.40
CA LEU G 47 -0.61 -45.64 -2.00
C LEU G 47 -2.10 -45.64 -1.72
N LEU G 48 -2.53 -46.51 -0.82
CA LEU G 48 -3.92 -46.59 -0.38
C LEU G 48 -4.18 -45.76 0.86
N ILE G 49 -3.36 -45.91 1.90
CA ILE G 49 -3.59 -45.23 3.17
C ILE G 49 -2.30 -44.59 3.65
N TYR G 50 -2.39 -43.36 4.15
CA TYR G 50 -1.27 -42.71 4.82
C TYR G 50 -1.73 -42.17 6.16
N LYS G 51 -0.88 -42.33 7.18
CA LYS G 51 -1.13 -41.85 8.53
C LYS G 51 -2.37 -42.47 9.16
N THR G 52 -2.69 -43.71 8.75
CA THR G 52 -3.71 -44.58 9.33
C THR G 52 -5.14 -44.13 9.06
N ASN G 53 -5.32 -42.96 8.48
CA ASN G 53 -6.67 -42.49 8.20
C ASN G 53 -6.77 -41.65 6.93
N GLY G 54 -5.69 -41.47 6.19
CA GLY G 54 -5.70 -40.61 5.02
C GLY G 54 -5.90 -41.42 3.75
N ARG G 55 -6.87 -40.98 2.96
CA ARG G 55 -7.14 -41.59 1.67
C ARG G 55 -6.84 -40.59 0.57
N PRO G 56 -5.89 -40.88 -0.32
CA PRO G 56 -5.65 -39.96 -1.44
C PRO G 56 -6.87 -39.87 -2.34
N THR G 57 -7.05 -38.71 -2.96
CA THR G 57 -8.15 -38.53 -3.90
C THR G 57 -8.00 -39.52 -5.05
N GLY G 58 -9.00 -40.36 -5.24
CA GLY G 58 -8.95 -41.44 -6.19
C GLY G 58 -8.91 -42.83 -5.59
N VAL G 59 -9.12 -42.97 -4.30
CA VAL G 59 -9.14 -44.25 -3.61
C VAL G 59 -10.55 -44.48 -3.08
N PRO G 60 -11.15 -45.64 -3.33
CA PRO G 60 -12.54 -45.87 -2.88
C PRO G 60 -12.64 -45.85 -1.36
N SER G 61 -13.83 -45.46 -0.89
CA SER G 61 -14.10 -45.36 0.54
C SER G 61 -14.18 -46.71 1.23
N ARG G 62 -14.17 -47.81 0.48
CA ARG G 62 -14.15 -49.13 1.09
C ARG G 62 -12.89 -49.33 1.92
N VAL G 63 -11.75 -48.88 1.40
CA VAL G 63 -10.49 -49.04 2.12
C VAL G 63 -10.48 -48.11 3.32
N SER G 64 -10.16 -48.65 4.49
CA SER G 64 -10.06 -47.86 5.70
C SER G 64 -8.86 -48.34 6.52
N GLY G 65 -8.38 -47.47 7.38
CA GLY G 65 -7.27 -47.81 8.25
C GLY G 65 -7.54 -47.38 9.68
N ALA G 66 -6.89 -48.07 10.61
CA ALA G 66 -7.03 -47.76 12.02
C ALA G 66 -5.88 -48.40 12.78
N ILE G 67 -5.91 -48.27 14.10
CA ILE G 67 -4.95 -48.93 14.97
C ILE G 67 -5.74 -49.85 15.90
N SER G 68 -5.46 -51.15 15.84
CA SER G 68 -6.11 -52.15 16.67
C SER G 68 -5.08 -52.70 17.65
N GLY G 69 -5.28 -52.43 18.93
CA GLY G 69 -4.35 -52.88 19.95
C GLY G 69 -2.96 -52.31 19.75
N ASN G 70 -2.01 -53.19 19.45
CA ASN G 70 -0.63 -52.78 19.16
C ASN G 70 -0.26 -53.01 17.70
N LYS G 71 -1.25 -52.99 16.81
CA LYS G 71 -1.03 -53.22 15.39
C LYS G 71 -1.77 -52.17 14.58
N ALA G 72 -1.31 -51.96 13.35
CA ALA G 72 -2.03 -51.14 12.39
C ALA G 72 -2.90 -52.04 11.54
N ALA G 73 -4.15 -51.63 11.30
CA ALA G 73 -5.13 -52.46 10.63
C ALA G 73 -5.64 -51.78 9.38
N LEU G 74 -5.71 -52.55 8.30
CA LEU G 74 -6.27 -52.11 7.02
C LEU G 74 -7.50 -52.96 6.74
N THR G 75 -8.64 -52.33 6.55
CA THR G 75 -9.90 -53.03 6.32
C THR G 75 -10.45 -52.72 4.94
N ILE G 76 -10.75 -53.77 4.18
CA ILE G 76 -11.39 -53.66 2.87
C ILE G 76 -12.76 -54.30 2.98
N THR G 77 -13.81 -53.51 2.80
CA THR G 77 -15.18 -53.98 2.95
C THR G 77 -15.82 -54.12 1.57
N GLY G 78 -16.40 -55.28 1.30
CA GLY G 78 -16.99 -55.54 0.00
C GLY G 78 -15.94 -55.60 -1.08
N ALA G 79 -15.11 -56.62 -1.07
CA ALA G 79 -14.02 -56.73 -2.03
C ALA G 79 -14.55 -57.04 -3.43
N GLN G 80 -13.94 -56.42 -4.43
CA GLN G 80 -14.18 -56.74 -5.83
C GLN G 80 -13.19 -57.80 -6.29
N ALA G 81 -13.19 -58.06 -7.59
CA ALA G 81 -12.21 -58.94 -8.20
C ALA G 81 -10.94 -58.21 -8.64
N GLU G 82 -10.99 -56.87 -8.71
CA GLU G 82 -9.81 -56.09 -9.04
C GLU G 82 -9.00 -55.69 -7.81
N ASP G 83 -9.24 -56.35 -6.68
CA ASP G 83 -8.53 -56.11 -5.44
C ASP G 83 -7.62 -57.28 -5.10
N GLU G 84 -7.06 -57.92 -6.11
CA GLU G 84 -6.09 -58.98 -5.94
C GLU G 84 -4.72 -58.39 -6.21
N ALA G 85 -3.90 -58.26 -5.17
CA ALA G 85 -2.59 -57.64 -5.31
C ALA G 85 -1.77 -57.96 -4.07
N ASP G 86 -0.53 -57.48 -4.08
CA ASP G 86 0.35 -57.61 -2.92
C ASP G 86 0.25 -56.32 -2.13
N TYR G 87 -0.15 -56.41 -0.87
CA TYR G 87 -0.31 -55.25 -0.01
C TYR G 87 0.90 -55.10 0.89
N PHE G 88 1.46 -53.90 0.91
CA PHE G 88 2.67 -53.59 1.64
C PHE G 88 2.40 -52.55 2.73
N CYS G 89 3.19 -52.64 3.80
CA CYS G 89 3.07 -51.77 4.96
C CYS G 89 4.42 -51.10 5.22
N ALA G 90 4.38 -49.78 5.38
CA ALA G 90 5.58 -48.99 5.64
C ALA G 90 5.45 -48.33 7.01
N LEU G 91 6.46 -48.52 7.85
CA LEU G 91 6.45 -48.05 9.23
C LEU G 91 7.70 -47.24 9.51
N TYR G 92 7.52 -46.14 10.25
CA TYR G 92 8.61 -45.22 10.58
C TYR G 92 9.05 -45.48 12.02
N LYS G 93 10.33 -45.77 12.21
CA LYS G 93 10.79 -46.20 13.53
C LYS G 93 11.24 -45.04 14.40
N SER G 94 12.36 -44.41 14.02
CA SER G 94 12.96 -43.32 14.77
C SER G 94 14.20 -42.84 14.04
N ILE G 95 14.49 -41.54 14.13
CA ILE G 95 15.64 -40.94 13.47
C ILE G 95 15.65 -41.32 11.99
N ALA G 96 14.53 -41.07 11.31
CA ALA G 96 14.43 -41.19 9.86
C ALA G 96 14.76 -42.61 9.38
N ASN G 97 13.90 -43.56 9.75
CA ASN G 97 14.03 -44.94 9.29
C ASN G 97 12.65 -45.44 8.86
N ILE G 98 12.48 -45.66 7.56
CA ILE G 98 11.25 -46.23 7.02
C ILE G 98 11.51 -47.66 6.60
N ARG G 99 10.72 -48.59 7.12
CA ARG G 99 10.87 -50.01 6.82
C ARG G 99 9.59 -50.55 6.24
N PHE G 100 9.71 -51.30 5.15
CA PHE G 100 8.58 -51.94 4.48
C PHE G 100 8.39 -53.35 5.01
N GLY G 101 7.16 -53.83 4.91
CA GLY G 101 6.86 -55.19 5.29
C GLY G 101 7.18 -56.17 4.19
N ALA G 102 7.04 -57.46 4.53
CA ALA G 102 7.29 -58.50 3.55
C ALA G 102 6.25 -58.48 2.43
N GLY G 103 5.02 -58.10 2.76
CA GLY G 103 3.95 -58.05 1.79
C GLY G 103 2.99 -59.21 1.92
N THR G 104 1.70 -58.93 1.83
CA THR G 104 0.66 -59.96 1.91
C THR G 104 -0.02 -60.08 0.56
N PRO G 105 0.06 -61.23 -0.12
CA PRO G 105 -0.67 -61.40 -1.39
C PRO G 105 -2.11 -61.78 -1.11
N LEU G 106 -3.05 -60.93 -1.50
CA LEU G 106 -4.46 -61.15 -1.24
C LEU G 106 -5.09 -61.86 -2.43
N THR G 107 -5.70 -63.01 -2.16
CA THR G 107 -6.39 -63.80 -3.18
C THR G 107 -7.89 -63.70 -2.92
N VAL G 108 -8.60 -63.02 -3.80
CA VAL G 108 -10.06 -62.90 -3.71
C VAL G 108 -10.64 -64.18 -4.33
N LEU G 109 -11.38 -64.93 -3.53
CA LEU G 109 -11.94 -66.19 -3.97
C LEU G 109 -13.01 -65.98 -5.03
N GLY G 110 -13.46 -67.08 -5.62
CA GLY G 110 -14.51 -67.00 -6.61
C GLY G 110 -14.05 -67.23 -8.03
N GLN G 111 -13.05 -68.09 -8.20
CA GLN G 111 -12.55 -68.39 -9.54
C GLN G 111 -12.76 -69.87 -9.87
N PRO G 112 -13.18 -70.18 -11.11
CA PRO G 112 -13.40 -71.53 -11.64
C PRO G 112 -12.33 -72.55 -11.23
N LYS H 3 -33.76 9.39 15.96
CA LYS H 3 -35.15 9.26 16.34
C LYS H 3 -35.63 7.81 16.33
N LEU H 4 -36.82 7.57 16.88
CA LEU H 4 -37.41 6.24 16.90
C LEU H 4 -38.92 6.41 16.80
N VAL H 5 -39.51 5.86 15.73
CA VAL H 5 -40.93 6.03 15.46
C VAL H 5 -41.60 4.67 15.52
N GLU H 6 -42.68 4.58 16.28
CA GLU H 6 -43.41 3.33 16.45
C GLU H 6 -44.71 3.36 15.66
N SER H 7 -45.32 2.19 15.52
CA SER H 7 -46.54 2.02 14.76
C SER H 7 -47.37 0.91 15.39
N GLY H 8 -48.40 0.47 14.68
CA GLY H 8 -49.27 -0.54 15.23
C GLY H 8 -50.10 0.02 16.38
N GLY H 9 -50.71 -0.88 17.11
CA GLY H 9 -51.42 -0.51 18.33
C GLY H 9 -52.86 -0.09 18.10
N GLY H 10 -53.74 -0.52 19.00
CA GLY H 10 -55.15 -0.19 18.88
C GLY H 10 -56.02 -1.01 19.81
N LEU H 11 -57.12 -1.54 19.29
CA LEU H 11 -58.00 -2.38 20.08
C LEU H 11 -57.75 -3.84 19.77
N VAL H 12 -57.96 -4.70 20.75
CA VAL H 12 -57.75 -6.13 20.58
C VAL H 12 -58.65 -6.86 21.58
N GLN H 13 -59.19 -7.99 21.14
CA GLN H 13 -59.98 -8.83 22.02
C GLN H 13 -59.08 -9.70 22.88
N PRO H 14 -59.54 -10.10 24.06
CA PRO H 14 -58.72 -10.98 24.91
C PRO H 14 -58.46 -12.32 24.24
N GLY H 15 -57.20 -12.58 23.90
CA GLY H 15 -56.83 -13.75 23.15
C GLY H 15 -56.38 -13.50 21.73
N GLY H 16 -56.34 -12.24 21.30
CA GLY H 16 -55.91 -11.92 19.95
C GLY H 16 -54.41 -11.72 19.87
N SER H 17 -53.99 -11.16 18.74
CA SER H 17 -52.59 -10.92 18.46
C SER H 17 -52.42 -9.53 17.87
N LEU H 18 -51.23 -8.95 18.06
CA LEU H 18 -50.94 -7.64 17.50
C LEU H 18 -49.45 -7.49 17.27
N ARG H 19 -49.09 -6.82 16.19
CA ARG H 19 -47.69 -6.61 15.80
C ARG H 19 -47.36 -5.13 15.87
N LEU H 20 -46.32 -4.80 16.62
CA LEU H 20 -45.82 -3.43 16.75
C LEU H 20 -44.47 -3.34 16.06
N SER H 21 -44.21 -2.18 15.46
CA SER H 21 -42.97 -1.95 14.73
C SER H 21 -42.31 -0.67 15.22
N CYS H 22 -40.99 -0.66 15.18
CA CYS H 22 -40.19 0.49 15.60
C CYS H 22 -39.11 0.72 14.56
N VAL H 23 -39.10 1.92 13.98
CA VAL H 23 -38.18 2.27 12.90
C VAL H 23 -37.29 3.41 13.36
N GLY H 24 -36.00 3.29 13.07
CA GLY H 24 -35.04 4.29 13.48
C GLY H 24 -34.20 4.83 12.35
N SER H 25 -33.59 6.00 12.57
CA SER H 25 -32.80 6.64 11.52
C SER H 25 -31.73 7.52 12.15
N GLY H 26 -30.49 7.34 11.71
CA GLY H 26 -29.40 8.20 12.11
C GLY H 26 -28.49 7.68 13.20
N PHE H 27 -28.64 6.42 13.61
CA PHE H 27 -27.83 5.93 14.73
C PHE H 27 -27.34 4.50 14.56
N GLY H 28 -27.17 4.02 13.32
CA GLY H 28 -26.65 2.69 13.11
C GLY H 28 -27.50 1.61 13.76
N PHE H 29 -28.69 1.40 13.22
CA PHE H 29 -29.64 0.46 13.81
C PHE H 29 -29.10 -0.95 13.88
N SER H 30 -28.11 -1.29 13.04
CA SER H 30 -27.65 -2.66 12.94
C SER H 30 -26.64 -3.03 14.02
N TYR H 31 -26.22 -2.07 14.85
CA TYR H 31 -25.23 -2.32 15.88
C TYR H 31 -25.76 -1.99 17.27
N THR H 32 -27.06 -2.07 17.49
CA THR H 32 -27.65 -1.69 18.76
C THR H 32 -28.66 -2.73 19.22
N TYR H 33 -28.70 -2.96 20.53
CA TYR H 33 -29.78 -3.74 21.12
C TYR H 33 -31.07 -2.94 21.09
N ILE H 34 -32.19 -3.63 20.91
CA ILE H 34 -33.49 -2.98 20.94
C ILE H 34 -34.30 -3.53 22.11
N ASN H 35 -34.76 -2.64 22.97
CA ASN H 35 -35.57 -3.02 24.13
C ASN H 35 -37.00 -2.58 23.93
N TRP H 36 -37.94 -3.42 24.34
CA TRP H 36 -39.35 -3.11 24.35
C TRP H 36 -39.83 -3.03 25.79
N VAL H 37 -40.43 -1.90 26.15
CA VAL H 37 -40.89 -1.63 27.51
C VAL H 37 -42.36 -1.25 27.45
N ARG H 38 -43.05 -1.39 28.57
CA ARG H 38 -44.45 -0.98 28.67
C ARG H 38 -44.65 -0.15 29.94
N GLN H 39 -45.69 0.68 29.91
CA GLN H 39 -46.10 1.44 31.08
C GLN H 39 -47.61 1.39 31.18
N ALA H 40 -48.12 0.74 32.21
CA ALA H 40 -49.55 0.70 32.41
C ALA H 40 -50.06 2.06 32.85
N PRO H 41 -51.29 2.42 32.48
CA PRO H 41 -51.85 3.70 32.91
C PRO H 41 -51.98 3.76 34.42
N GLY H 42 -51.28 4.69 35.04
CA GLY H 42 -51.26 4.83 36.47
C GLY H 42 -50.32 3.90 37.20
N LYS H 43 -49.49 3.15 36.49
CA LYS H 43 -48.52 2.24 37.08
C LYS H 43 -47.14 2.52 36.51
N GLY H 44 -46.12 1.92 37.13
CA GLY H 44 -44.76 2.18 36.73
C GLY H 44 -44.37 1.43 35.48
N LEU H 45 -43.16 1.74 35.00
CA LEU H 45 -42.63 1.10 33.79
C LEU H 45 -42.32 -0.37 34.05
N GLU H 46 -42.44 -1.18 33.00
CA GLU H 46 -42.18 -2.61 33.10
C GLU H 46 -41.43 -3.06 31.84
N TRP H 47 -40.20 -3.50 32.03
CA TRP H 47 -39.40 -4.02 30.93
C TRP H 47 -40.01 -5.32 30.40
N LEU H 48 -40.07 -5.44 29.08
CA LEU H 48 -40.73 -6.57 28.43
C LEU H 48 -39.77 -7.46 27.66
N ALA H 49 -39.00 -6.92 26.72
CA ALA H 49 -38.20 -7.79 25.87
C ALA H 49 -36.97 -7.04 25.36
N ALA H 50 -36.04 -7.81 24.81
CA ALA H 50 -34.83 -7.24 24.22
C ALA H 50 -34.32 -8.15 23.12
N ILE H 51 -33.76 -7.54 22.08
CA ILE H 51 -33.18 -8.26 20.95
C ILE H 51 -31.79 -7.72 20.65
N SER H 52 -30.90 -8.63 20.25
CA SER H 52 -29.52 -8.28 19.93
C SER H 52 -29.46 -7.61 18.56
N SER H 53 -28.25 -7.33 18.09
CA SER H 53 -28.09 -6.65 16.81
C SER H 53 -28.35 -7.57 15.63
N SER H 54 -27.95 -8.84 15.73
CA SER H 54 -28.15 -9.79 14.65
C SER H 54 -29.43 -10.61 14.79
N GLY H 55 -30.16 -10.46 15.88
CA GLY H 55 -31.38 -11.22 16.10
C GLY H 55 -31.17 -12.60 16.67
N GLY H 56 -29.93 -13.02 16.87
CA GLY H 56 -29.68 -14.33 17.46
C GLY H 56 -30.11 -14.42 18.91
N ASP H 57 -29.88 -13.36 19.68
CA ASP H 57 -30.18 -13.34 21.10
C ASP H 57 -31.48 -12.58 21.32
N THR H 58 -32.45 -13.25 21.95
CA THR H 58 -33.71 -12.64 22.33
C THR H 58 -33.97 -12.96 23.79
N TYR H 59 -34.26 -11.94 24.58
CA TYR H 59 -34.46 -12.09 26.02
C TYR H 59 -35.83 -11.55 26.40
N TYR H 60 -36.59 -12.32 27.16
CA TYR H 60 -37.94 -11.95 27.56
C TYR H 60 -38.04 -11.88 29.07
N ALA H 61 -39.12 -11.28 29.54
CA ALA H 61 -39.44 -11.27 30.95
C ALA H 61 -40.24 -12.52 31.31
N VAL H 62 -40.32 -12.80 32.60
CA VAL H 62 -41.03 -13.99 33.06
C VAL H 62 -42.52 -13.87 32.77
N SER H 63 -43.08 -12.67 32.92
CA SER H 63 -44.51 -12.47 32.77
C SER H 63 -44.97 -12.38 31.31
N VAL H 64 -44.05 -12.30 30.35
CA VAL H 64 -44.42 -12.18 28.96
C VAL H 64 -43.76 -13.29 28.14
N LYS H 65 -43.10 -14.22 28.81
CA LYS H 65 -42.40 -15.30 28.12
C LYS H 65 -43.40 -16.22 27.42
N GLY H 66 -43.07 -16.61 26.20
CA GLY H 66 -43.91 -17.48 25.40
C GLY H 66 -45.01 -16.76 24.63
N ARG H 67 -45.61 -15.74 25.25
CA ARG H 67 -46.67 -14.99 24.61
C ARG H 67 -46.16 -13.91 23.67
N PHE H 68 -44.95 -13.43 23.88
CA PHE H 68 -44.37 -12.37 23.06
C PHE H 68 -43.20 -12.93 22.25
N THR H 69 -43.03 -12.41 21.03
CA THR H 69 -41.91 -12.78 20.18
C THR H 69 -41.34 -11.52 19.56
N VAL H 70 -40.01 -11.47 19.45
CA VAL H 70 -39.33 -10.27 18.98
C VAL H 70 -38.50 -10.64 17.76
N SER H 71 -38.55 -9.77 16.73
CA SER H 71 -37.80 -9.97 15.51
C SER H 71 -37.17 -8.66 15.06
N ARG H 72 -36.23 -8.76 14.13
CA ARG H 72 -35.50 -7.60 13.65
C ARG H 72 -35.27 -7.71 12.14
N ASP H 73 -35.36 -6.58 11.45
CA ASP H 73 -35.00 -6.47 10.04
C ASP H 73 -34.07 -5.28 9.89
N ASN H 74 -32.78 -5.57 9.77
CA ASN H 74 -31.77 -4.50 9.74
C ASN H 74 -31.75 -3.73 8.43
N SER H 75 -32.08 -4.37 7.32
CA SER H 75 -32.12 -3.67 6.04
C SER H 75 -33.20 -2.59 6.03
N GLN H 76 -34.39 -2.90 6.53
CA GLN H 76 -35.46 -1.91 6.61
C GLN H 76 -35.34 -1.03 7.83
N ASN H 77 -34.38 -1.30 8.72
CA ASN H 77 -34.25 -0.60 9.99
C ASN H 77 -35.54 -0.66 10.79
N THR H 78 -35.99 -1.88 11.06
CA THR H 78 -37.23 -2.12 11.79
C THR H 78 -37.02 -3.18 12.86
N ALA H 79 -37.72 -3.01 13.98
CA ALA H 79 -37.78 -4.00 15.04
C ALA H 79 -39.24 -4.29 15.36
N TYR H 80 -39.60 -5.57 15.41
CA TYR H 80 -40.99 -5.98 15.55
C TYR H 80 -41.20 -6.72 16.86
N LEU H 81 -42.32 -6.43 17.51
CA LEU H 81 -42.80 -7.17 18.68
C LEU H 81 -44.19 -7.70 18.37
N GLN H 82 -44.34 -9.02 18.39
CA GLN H 82 -45.63 -9.66 18.15
C GLN H 82 -46.14 -10.28 19.43
N MET H 83 -47.37 -9.93 19.80
CA MET H 83 -48.00 -10.43 21.01
C MET H 83 -49.15 -11.34 20.63
N ASN H 84 -49.15 -12.55 21.16
CA ASN H 84 -50.25 -13.49 21.04
C ASN H 84 -50.80 -13.77 22.44
N SER H 85 -52.05 -14.26 22.47
CA SER H 85 -52.74 -14.55 23.72
C SER H 85 -52.82 -13.33 24.63
N LEU H 86 -53.12 -12.17 24.04
CA LEU H 86 -53.21 -10.93 24.79
C LEU H 86 -54.28 -11.01 25.87
N ARG H 87 -53.94 -10.56 27.07
CA ARG H 87 -54.85 -10.59 28.20
C ARG H 87 -55.38 -9.19 28.47
N THR H 88 -56.15 -9.06 29.56
CA THR H 88 -56.69 -7.76 29.94
C THR H 88 -55.64 -6.88 30.60
N GLU H 89 -54.69 -7.47 31.33
CA GLU H 89 -53.66 -6.71 32.02
C GLU H 89 -52.65 -6.08 31.07
N ASP H 90 -52.68 -6.44 29.78
CA ASP H 90 -51.71 -5.93 28.82
C ASP H 90 -52.11 -4.59 28.22
N THR H 91 -52.98 -3.84 28.89
CA THR H 91 -53.35 -2.51 28.45
C THR H 91 -52.31 -1.51 28.96
N ALA H 92 -51.52 -0.96 28.05
CA ALA H 92 -50.42 -0.08 28.45
C ALA H 92 -49.91 0.68 27.24
N ARG H 93 -49.02 1.62 27.49
CA ARG H 93 -48.32 2.36 26.45
C ARG H 93 -46.96 1.69 26.24
N TYR H 94 -46.64 1.38 24.98
CA TYR H 94 -45.49 0.57 24.62
C TYR H 94 -44.41 1.43 23.98
N TYR H 95 -43.17 1.22 24.42
CA TYR H 95 -42.02 2.01 23.99
C TYR H 95 -40.94 1.09 23.44
N CYS H 96 -40.22 1.61 22.44
CA CYS H 96 -39.01 0.97 21.94
C CYS H 96 -37.82 1.87 22.28
N ALA H 97 -36.80 1.29 22.90
CA ALA H 97 -35.65 2.03 23.39
C ALA H 97 -34.37 1.38 22.88
N THR H 98 -33.31 2.18 22.81
CA THR H 98 -32.04 1.70 22.30
C THR H 98 -30.94 2.65 22.73
N HIS H 99 -29.70 2.21 22.51
CA HIS H 99 -28.52 3.03 22.74
C HIS H 99 -28.05 3.59 21.41
N ALA H 100 -28.41 4.83 21.12
CA ALA H 100 -28.16 5.45 19.82
C ALA H 100 -26.73 5.97 19.78
N VAL H 101 -25.87 5.26 19.05
CA VAL H 101 -24.50 5.71 18.81
C VAL H 101 -24.22 5.62 17.32
N ARG H 102 -23.21 6.38 16.87
CA ARG H 102 -22.87 6.42 15.45
C ARG H 102 -22.38 5.06 14.97
N LEU H 103 -21.50 4.42 15.74
CA LEU H 103 -20.91 3.15 15.34
C LEU H 103 -20.52 2.39 16.60
N ALA H 104 -21.29 1.37 16.95
CA ALA H 104 -21.03 0.59 18.15
C ALA H 104 -20.11 -0.56 17.81
N VAL H 105 -18.90 -0.55 18.38
CA VAL H 105 -17.99 -1.68 18.23
C VAL H 105 -18.51 -2.89 19.00
N ALA H 106 -19.11 -2.67 20.16
CA ALA H 106 -19.64 -3.76 20.98
C ALA H 106 -20.97 -3.32 21.56
N SER H 107 -22.03 -4.07 21.25
CA SER H 107 -23.37 -3.81 21.75
C SER H 107 -23.71 -4.88 22.77
N PHE H 108 -24.00 -4.45 24.00
CA PHE H 108 -24.26 -5.35 25.10
C PHE H 108 -25.69 -5.19 25.58
N PHE H 109 -26.19 -6.21 26.28
CA PHE H 109 -27.54 -6.20 26.81
C PHE H 109 -27.75 -5.12 27.85
N VAL H 110 -26.70 -4.71 28.55
CA VAL H 110 -26.82 -3.73 29.63
C VAL H 110 -26.49 -2.33 29.14
N ASP H 111 -26.52 -2.11 27.83
CA ASP H 111 -26.31 -0.77 27.29
C ASP H 111 -27.46 0.14 27.72
N PRO H 112 -27.19 1.42 27.98
CA PRO H 112 -28.25 2.30 28.47
C PRO H 112 -29.34 2.54 27.44
N MET H 113 -30.53 2.81 27.95
CA MET H 113 -31.70 3.12 27.14
C MET H 113 -31.76 4.64 26.97
N ASP H 114 -31.09 5.15 25.95
CA ASP H 114 -31.04 6.59 25.69
C ASP H 114 -32.19 7.07 24.81
N LEU H 115 -32.31 6.52 23.60
CA LEU H 115 -33.28 6.99 22.63
C LEU H 115 -34.59 6.23 22.83
N TRP H 116 -35.63 6.96 23.20
CA TRP H 116 -36.96 6.39 23.41
C TRP H 116 -37.91 6.90 22.34
N GLY H 117 -38.79 6.02 21.87
CA GLY H 117 -39.83 6.41 20.95
C GLY H 117 -41.02 7.00 21.69
N PRO H 118 -41.84 7.78 20.97
CA PRO H 118 -43.05 8.32 21.60
C PRO H 118 -43.95 7.26 22.19
N GLY H 119 -44.09 6.11 21.53
CA GLY H 119 -44.84 5.00 22.06
C GLY H 119 -46.22 4.87 21.45
N VAL H 120 -46.76 3.65 21.53
CA VAL H 120 -48.11 3.36 21.04
C VAL H 120 -48.96 2.91 22.21
N GLU H 121 -50.24 2.62 21.95
CA GLU H 121 -51.16 2.24 23.01
C GLU H 121 -51.78 0.89 22.69
N VAL H 122 -52.01 0.09 23.72
CA VAL H 122 -52.66 -1.21 23.52
C VAL H 122 -53.65 -1.46 24.65
N THR I 2 -36.91 -8.26 44.30
CA THR I 2 -37.42 -7.20 43.44
C THR I 2 -36.81 -5.85 43.80
N VAL I 3 -37.02 -4.86 42.94
CA VAL I 3 -36.44 -3.54 43.16
C VAL I 3 -37.35 -2.72 44.06
N ILE I 4 -36.77 -2.09 45.07
CA ILE I 4 -37.49 -1.32 46.07
C ILE I 4 -36.99 0.11 46.04
N GLN I 5 -37.93 1.06 45.93
CA GLN I 5 -37.66 2.48 45.99
C GLN I 5 -38.49 3.10 47.11
N GLU I 6 -38.25 4.38 47.36
CA GLU I 6 -39.00 5.10 48.38
C GLU I 6 -40.41 5.39 47.87
N PRO I 7 -41.45 5.26 48.71
CA PRO I 7 -42.81 5.50 48.22
C PRO I 7 -43.03 6.90 47.70
N ALA I 8 -42.45 7.91 48.35
CA ALA I 8 -42.57 9.30 47.93
C ALA I 8 -41.62 10.15 48.76
N MET I 9 -41.05 11.17 48.14
CA MET I 9 -40.19 12.11 48.84
C MET I 9 -40.48 13.52 48.35
N SER I 10 -40.17 14.50 49.20
CA SER I 10 -40.37 15.91 48.89
C SER I 10 -39.12 16.69 49.26
N VAL I 11 -38.87 17.77 48.53
CA VAL I 11 -37.71 18.60 48.73
C VAL I 11 -38.11 20.07 48.60
N SER I 12 -37.32 20.95 49.25
CA SER I 12 -37.46 22.40 49.14
C SER I 12 -36.51 22.94 48.08
N PRO I 13 -36.89 24.02 47.40
CA PRO I 13 -36.04 24.55 46.33
C PRO I 13 -34.69 25.01 46.85
N GLY I 14 -33.66 24.82 46.05
CA GLY I 14 -32.31 25.17 46.42
C GLY I 14 -31.61 24.14 47.27
N GLY I 15 -32.32 23.12 47.76
CA GLY I 15 -31.71 22.10 48.59
C GLY I 15 -31.31 20.87 47.81
N THR I 16 -30.74 19.91 48.53
CA THR I 16 -30.29 18.65 47.96
C THR I 16 -31.20 17.52 48.38
N VAL I 17 -31.39 16.57 47.47
CA VAL I 17 -32.29 15.45 47.69
C VAL I 17 -31.63 14.18 47.18
N THR I 18 -31.71 13.10 47.96
CA THR I 18 -31.15 11.82 47.58
C THR I 18 -32.25 10.77 47.53
N LEU I 19 -32.16 9.91 46.51
CA LEU I 19 -33.15 8.88 46.24
C LEU I 19 -32.43 7.54 46.24
N THR I 20 -32.99 6.57 46.95
CA THR I 20 -32.35 5.28 47.15
C THR I 20 -33.08 4.18 46.40
N CYS I 21 -32.31 3.25 45.85
CA CYS I 21 -32.84 2.13 45.09
C CYS I 21 -32.13 0.87 45.55
N ALA I 22 -32.88 -0.15 45.95
CA ALA I 22 -32.27 -1.33 46.52
C ALA I 22 -33.02 -2.58 46.09
N PHE I 23 -32.64 -3.71 46.67
CA PHE I 23 -33.26 -4.99 46.36
C PHE I 23 -34.11 -5.46 47.54
N SER I 24 -35.10 -6.31 47.23
CA SER I 24 -35.88 -6.94 48.28
C SER I 24 -35.04 -7.94 49.07
N SER I 25 -34.10 -8.61 48.41
CA SER I 25 -33.21 -9.55 49.07
C SER I 25 -31.88 -9.54 48.31
N GLY I 26 -30.92 -8.78 48.83
CA GLY I 26 -29.62 -8.69 48.20
C GLY I 26 -28.96 -7.35 48.35
N SER I 27 -27.85 -7.15 47.64
CA SER I 27 -27.10 -5.90 47.69
C SER I 27 -26.90 -5.37 46.28
N VAL I 28 -27.03 -4.06 46.13
CA VAL I 28 -26.82 -3.40 44.84
C VAL I 28 -25.37 -2.98 44.73
N THR I 29 -24.72 -3.38 43.64
CA THR I 29 -23.32 -3.06 43.39
C THR I 29 -23.18 -2.43 42.02
N THR I 30 -21.95 -2.03 41.70
CA THR I 30 -21.69 -1.42 40.40
C THR I 30 -21.88 -2.41 39.26
N SER I 31 -21.88 -3.70 39.57
CA SER I 31 -22.11 -4.73 38.57
C SER I 31 -23.59 -4.91 38.23
N ASN I 32 -24.49 -4.25 38.97
CA ASN I 32 -25.91 -4.33 38.69
C ASN I 32 -26.40 -3.19 37.79
N TYR I 33 -25.52 -2.26 37.43
CA TYR I 33 -25.79 -1.19 36.48
C TYR I 33 -27.09 -0.43 36.77
N PRO I 34 -27.17 0.30 37.89
CA PRO I 34 -28.32 1.17 38.11
C PRO I 34 -28.46 2.19 36.99
N SER I 35 -29.70 2.42 36.58
CA SER I 35 -30.01 3.43 35.57
C SER I 35 -31.18 4.25 36.07
N TRP I 36 -31.04 5.57 36.08
CA TRP I 36 -32.10 6.44 36.60
C TRP I 36 -32.83 7.12 35.46
N PHE I 37 -34.15 7.07 35.51
CA PHE I 37 -35.01 7.62 34.47
C PHE I 37 -35.95 8.66 35.07
N GLN I 38 -36.19 9.73 34.32
CA GLN I 38 -37.11 10.79 34.71
C GLN I 38 -38.26 10.84 33.73
N GLN I 39 -39.48 10.78 34.25
CA GLN I 39 -40.69 10.80 33.42
C GLN I 39 -41.62 11.89 33.93
N THR I 40 -41.83 12.92 33.10
CA THR I 40 -42.95 13.82 33.33
C THR I 40 -44.22 13.18 32.78
N PRO I 41 -45.38 13.49 33.36
CA PRO I 41 -46.63 12.85 32.91
C PRO I 41 -46.88 13.12 31.43
N GLY I 42 -47.25 12.06 30.72
CA GLY I 42 -47.53 12.16 29.30
C GLY I 42 -46.34 12.33 28.40
N GLN I 43 -45.16 11.91 28.83
CA GLN I 43 -43.95 12.02 28.02
C GLN I 43 -43.10 10.77 28.17
N PRO I 44 -42.30 10.44 27.15
CA PRO I 44 -41.40 9.30 27.28
C PRO I 44 -40.35 9.57 28.34
N PRO I 45 -39.87 8.53 29.01
CA PRO I 45 -38.86 8.73 30.06
C PRO I 45 -37.55 9.23 29.49
N ARG I 46 -36.81 9.98 30.32
CA ARG I 46 -35.52 10.51 29.97
C ARG I 46 -34.46 9.93 30.89
N LEU I 47 -33.35 9.48 30.31
CA LEU I 47 -32.29 8.86 31.09
C LEU I 47 -31.39 9.93 31.72
N LEU I 48 -31.17 9.82 33.02
CA LEU I 48 -30.33 10.74 33.76
C LEU I 48 -28.95 10.16 34.08
N ILE I 49 -28.91 8.97 34.67
CA ILE I 49 -27.67 8.34 35.08
C ILE I 49 -27.65 6.91 34.57
N TYR I 50 -26.51 6.51 33.99
CA TYR I 50 -26.29 5.13 33.59
C TYR I 50 -24.97 4.64 34.18
N LYS I 51 -24.98 3.42 34.69
CA LYS I 51 -23.80 2.79 35.31
C LYS I 51 -23.32 3.58 36.52
N THR I 52 -24.25 4.19 37.25
CA THR I 52 -24.06 4.84 38.56
C THR I 52 -23.28 6.14 38.50
N ASN I 53 -22.70 6.49 37.36
CA ASN I 53 -22.01 7.76 37.25
C ASN I 53 -22.13 8.42 35.89
N GLY I 54 -22.77 7.76 34.91
CA GLY I 54 -22.80 8.31 33.57
C GLY I 54 -23.80 9.45 33.45
N ARG I 55 -23.36 10.53 32.81
CA ARG I 55 -24.20 11.69 32.57
C ARG I 55 -24.27 11.94 31.08
N PRO I 56 -25.39 11.59 30.43
CA PRO I 56 -25.52 11.85 28.99
C PRO I 56 -25.47 13.33 28.70
N THR I 57 -25.00 13.67 27.49
CA THR I 57 -24.95 15.05 27.07
C THR I 57 -26.33 15.67 27.13
N GLY I 58 -26.42 16.86 27.72
CA GLY I 58 -27.70 17.50 27.94
C GLY I 58 -28.28 17.30 29.31
N VAL I 59 -27.52 16.76 30.25
CA VAL I 59 -27.99 16.57 31.62
C VAL I 59 -27.13 17.43 32.54
N PRO I 60 -27.73 18.24 33.41
CA PRO I 60 -26.94 19.12 34.27
C PRO I 60 -26.09 18.35 35.27
N SER I 61 -24.99 18.97 35.66
CA SER I 61 -24.08 18.37 36.64
C SER I 61 -24.67 18.31 38.04
N ARG I 62 -25.82 18.95 38.27
CA ARG I 62 -26.48 18.85 39.56
C ARG I 62 -26.89 17.41 39.85
N VAL I 63 -27.41 16.71 38.84
CA VAL I 63 -27.84 15.33 39.01
C VAL I 63 -26.62 14.43 38.97
N SER I 64 -26.41 13.65 40.03
CA SER I 64 -25.28 12.75 40.12
C SER I 64 -25.73 11.45 40.76
N GLY I 65 -24.91 10.41 40.60
CA GLY I 65 -25.23 9.11 41.14
C GLY I 65 -24.03 8.47 41.81
N ALA I 66 -24.32 7.52 42.69
CA ALA I 66 -23.27 6.79 43.40
C ALA I 66 -23.89 5.55 44.04
N ILE I 67 -23.08 4.82 44.79
CA ILE I 67 -23.51 3.65 45.53
C ILE I 67 -23.22 3.88 47.00
N SER I 68 -24.26 3.82 47.83
CA SER I 68 -24.16 4.00 49.26
C SER I 68 -24.62 2.73 49.95
N GLY I 69 -23.70 2.08 50.66
CA GLY I 69 -24.04 0.83 51.33
C GLY I 69 -24.46 -0.22 50.32
N ASN I 70 -25.62 -0.82 50.57
CA ASN I 70 -26.21 -1.78 49.64
C ASN I 70 -27.29 -1.13 48.77
N LYS I 71 -27.18 0.17 48.51
CA LYS I 71 -28.19 0.92 47.79
C LYS I 71 -27.53 1.76 46.71
N ALA I 72 -28.30 2.11 45.69
CA ALA I 72 -27.88 3.04 44.66
C ALA I 72 -28.54 4.38 44.92
N ALA I 73 -27.76 5.45 44.91
CA ALA I 73 -28.23 6.76 45.33
C ALA I 73 -28.15 7.75 44.18
N LEU I 74 -29.23 8.50 43.98
CA LEU I 74 -29.29 9.58 43.01
C LEU I 74 -29.45 10.89 43.79
N THR I 75 -28.51 11.81 43.62
CA THR I 75 -28.54 13.08 44.32
C THR I 75 -28.80 14.21 43.33
N ILE I 76 -29.81 15.02 43.63
CA ILE I 76 -30.11 16.24 42.88
C ILE I 76 -29.86 17.41 43.81
N THR I 77 -28.95 18.30 43.41
CA THR I 77 -28.55 19.43 44.24
C THR I 77 -29.17 20.71 43.70
N GLY I 78 -29.84 21.45 44.58
CA GLY I 78 -30.48 22.69 44.19
C GLY I 78 -31.63 22.47 43.22
N ALA I 79 -32.70 21.86 43.71
CA ALA I 79 -33.81 21.50 42.83
C ALA I 79 -34.56 22.73 42.34
N GLN I 80 -34.97 22.69 41.08
CA GLN I 80 -35.82 23.71 40.50
C GLN I 80 -37.27 23.22 40.50
N ALA I 81 -38.15 23.98 39.83
CA ALA I 81 -39.53 23.57 39.64
C ALA I 81 -39.70 22.66 38.43
N GLU I 82 -38.68 22.55 37.57
CA GLU I 82 -38.72 21.61 36.46
C GLU I 82 -38.19 20.23 36.84
N ASP I 83 -37.82 20.03 38.11
CA ASP I 83 -37.34 18.75 38.60
C ASP I 83 -38.45 18.01 39.35
N GLU I 84 -39.70 18.28 38.98
CA GLU I 84 -40.86 17.59 39.55
C GLU I 84 -41.33 16.58 38.51
N ALA I 85 -41.05 15.31 38.75
CA ALA I 85 -41.41 14.25 37.83
C ALA I 85 -41.44 12.94 38.62
N ASP I 86 -41.50 11.83 37.89
CA ASP I 86 -41.46 10.49 38.48
C ASP I 86 -40.10 9.89 38.16
N TYR I 87 -39.41 9.40 39.18
CA TYR I 87 -38.06 8.87 39.03
C TYR I 87 -38.07 7.36 39.16
N PHE I 88 -37.44 6.69 38.20
CA PHE I 88 -37.43 5.24 38.09
C PHE I 88 -36.00 4.73 38.16
N CYS I 89 -35.84 3.53 38.74
CA CYS I 89 -34.55 2.88 38.89
C CYS I 89 -34.58 1.54 38.18
N ALA I 90 -33.61 1.32 37.30
CA ALA I 90 -33.49 0.07 36.55
C ALA I 90 -32.24 -0.66 37.03
N LEU I 91 -32.44 -1.92 37.43
CA LEU I 91 -31.34 -2.72 37.97
C LEU I 91 -31.26 -4.05 37.23
N TYR I 92 -30.07 -4.51 36.87
CA TYR I 92 -29.82 -5.75 36.16
C TYR I 92 -29.38 -6.83 37.15
N LYS I 93 -30.10 -7.95 37.17
CA LYS I 93 -29.85 -8.95 38.20
C LYS I 93 -28.85 -10.00 37.76
N SER I 94 -29.23 -10.81 36.76
CA SER I 94 -28.41 -11.87 36.22
C SER I 94 -29.19 -12.54 35.10
N ILE I 95 -28.46 -13.09 34.13
CA ILE I 95 -29.04 -13.76 32.98
C ILE I 95 -30.08 -12.85 32.33
N ALA I 96 -29.69 -11.63 32.01
CA ALA I 96 -30.48 -10.71 31.20
C ALA I 96 -31.88 -10.47 31.81
N ASN I 97 -31.89 -9.83 32.97
CA ASN I 97 -33.14 -9.46 33.64
C ASN I 97 -33.02 -8.01 34.12
N ILE I 98 -33.69 -7.10 33.41
CA ILE I 98 -33.75 -5.71 33.83
C ILE I 98 -35.09 -5.45 34.52
N ARG I 99 -35.02 -4.96 35.75
CA ARG I 99 -36.23 -4.67 36.52
C ARG I 99 -36.26 -3.19 36.88
N PHE I 100 -37.41 -2.57 36.67
CA PHE I 100 -37.63 -1.19 37.01
C PHE I 100 -38.21 -1.08 38.42
N GLY I 101 -38.01 0.08 39.04
CA GLY I 101 -38.58 0.33 40.34
C GLY I 101 -40.03 0.78 40.25
N ALA I 102 -40.65 0.92 41.42
CA ALA I 102 -42.03 1.38 41.48
C ALA I 102 -42.16 2.81 40.98
N GLY I 103 -41.22 3.66 41.35
CA GLY I 103 -41.24 5.06 40.98
C GLY I 103 -41.52 5.93 42.18
N THR I 104 -40.69 6.95 42.37
CA THR I 104 -40.84 7.88 43.49
C THR I 104 -41.25 9.24 42.95
N PRO I 105 -42.46 9.72 43.22
CA PRO I 105 -42.83 11.06 42.77
C PRO I 105 -42.16 12.15 43.60
N LEU I 106 -41.38 13.00 42.97
CA LEU I 106 -40.68 14.08 43.67
C LEU I 106 -41.54 15.33 43.62
N THR I 107 -41.89 15.86 44.79
CA THR I 107 -42.72 17.06 44.92
C THR I 107 -41.86 18.15 45.52
N VAL I 108 -41.45 19.11 44.68
CA VAL I 108 -40.66 20.25 45.14
C VAL I 108 -41.62 21.24 45.78
N LEU I 109 -41.41 21.52 47.07
CA LEU I 109 -42.28 22.42 47.80
C LEU I 109 -42.09 23.86 47.32
N GLY I 110 -43.07 24.71 47.64
CA GLY I 110 -42.99 26.11 47.27
C GLY I 110 -44.09 26.56 46.34
N GLN I 111 -45.28 25.95 46.45
CA GLN I 111 -46.40 26.37 45.63
C GLN I 111 -47.53 26.92 46.50
N PRO I 112 -48.20 27.99 46.07
CA PRO I 112 -49.31 28.60 46.81
C PRO I 112 -50.50 27.67 46.98
N LEU J 2 7.28 -11.78 21.03
CA LEU J 2 8.24 -12.84 21.24
C LEU J 2 7.95 -13.54 22.56
N PHE J 3 7.61 -14.83 22.48
CA PHE J 3 7.15 -15.58 23.64
C PHE J 3 8.26 -16.29 24.39
N GLY J 4 9.50 -16.21 23.92
CA GLY J 4 10.64 -16.73 24.66
C GLY J 4 10.70 -18.23 24.84
N ALA J 5 10.61 -19.00 23.77
CA ALA J 5 10.78 -20.46 23.91
C ALA J 5 11.83 -20.89 22.90
N ILE J 6 11.56 -20.74 21.61
CA ILE J 6 12.61 -21.02 20.59
C ILE J 6 13.76 -20.07 20.95
N ALA J 7 14.91 -20.62 21.32
CA ALA J 7 16.06 -19.81 21.78
C ALA J 7 15.74 -19.17 23.13
N GLY J 8 15.09 -19.90 24.04
CA GLY J 8 14.69 -19.41 25.37
C GLY J 8 14.85 -20.52 26.38
N PHE J 9 13.86 -20.80 27.22
CA PHE J 9 14.12 -21.89 28.14
C PHE J 9 14.35 -23.21 27.42
N ILE J 10 14.07 -23.28 26.12
CA ILE J 10 14.50 -24.38 25.27
C ILE J 10 15.58 -23.84 24.36
N GLU J 11 16.81 -24.32 24.55
CA GLU J 11 17.98 -23.68 23.98
C GLU J 11 18.25 -24.03 22.53
N GLY J 12 17.65 -25.09 22.01
CA GLY J 12 17.92 -25.47 20.64
C GLY J 12 16.97 -26.50 20.08
N GLY J 13 17.01 -26.71 18.77
CA GLY J 13 16.16 -27.68 18.13
C GLY J 13 16.72 -29.08 18.19
N TRP J 14 15.89 -30.02 17.74
CA TRP J 14 16.25 -31.44 17.70
C TRP J 14 16.35 -31.87 16.24
N THR J 15 17.57 -32.20 15.81
CA THR J 15 17.74 -32.74 14.46
C THR J 15 17.24 -34.17 14.34
N GLY J 16 17.13 -34.88 15.47
CA GLY J 16 16.63 -36.24 15.42
C GLY J 16 15.14 -36.35 15.31
N MET J 17 14.43 -35.23 15.33
CA MET J 17 12.98 -35.21 15.21
C MET J 17 12.63 -34.75 13.80
N VAL J 18 12.47 -35.71 12.91
CA VAL J 18 12.32 -35.43 11.48
C VAL J 18 10.89 -35.56 11.01
N ASP J 19 9.94 -35.77 11.91
CA ASP J 19 8.56 -36.07 11.52
C ASP J 19 7.57 -35.00 11.93
N GLY J 20 8.05 -33.84 12.37
CA GLY J 20 7.14 -32.78 12.77
C GLY J 20 7.89 -31.57 13.26
N TRP J 21 7.13 -30.49 13.46
CA TRP J 21 7.72 -29.23 13.91
C TRP J 21 8.02 -29.27 15.40
N TYR J 22 6.99 -29.50 16.22
CA TYR J 22 7.12 -29.57 17.67
C TYR J 22 6.91 -31.01 18.11
N GLY J 23 7.24 -31.29 19.37
CA GLY J 23 6.93 -32.59 19.92
C GLY J 23 7.71 -32.88 21.19
N TYR J 24 7.87 -34.16 21.47
CA TYR J 24 8.38 -34.65 22.73
C TYR J 24 9.54 -35.61 22.50
N HIS J 25 10.40 -35.72 23.51
CA HIS J 25 11.44 -36.73 23.60
C HIS J 25 11.29 -37.38 24.96
N HIS J 26 11.03 -38.69 24.98
CA HIS J 26 10.75 -39.40 26.21
C HIS J 26 11.87 -40.39 26.51
N GLN J 27 12.24 -40.49 27.80
CA GLN J 27 13.27 -41.45 28.28
C GLN J 27 12.75 -42.21 29.50
N ASN J 28 12.36 -43.45 29.33
CA ASN J 28 11.95 -44.35 30.40
C ASN J 28 12.69 -45.68 30.25
N GLU J 29 12.41 -46.60 31.17
CA GLU J 29 13.06 -47.92 31.19
C GLU J 29 12.84 -48.67 29.89
N GLN J 30 11.70 -48.44 29.27
CA GLN J 30 11.40 -49.13 28.02
C GLN J 30 12.18 -48.60 26.84
N GLY J 31 12.83 -47.45 26.99
CA GLY J 31 13.67 -46.91 25.93
C GLY J 31 13.38 -45.46 25.59
N SER J 32 14.39 -44.77 25.06
CA SER J 32 14.28 -43.37 24.68
C SER J 32 13.66 -43.27 23.28
N GLY J 33 13.13 -42.09 22.97
CA GLY J 33 12.57 -41.88 21.64
C GLY J 33 12.07 -40.47 21.44
N TYR J 34 11.80 -40.14 20.18
CA TYR J 34 11.20 -38.88 19.77
C TYR J 34 9.79 -39.14 19.25
N ALA J 35 8.93 -38.13 19.35
CA ALA J 35 7.58 -38.23 18.82
C ALA J 35 7.00 -36.84 18.68
N ALA J 36 6.69 -36.43 17.45
CA ALA J 36 6.12 -35.10 17.24
C ALA J 36 4.67 -35.06 17.67
N ASP J 37 4.26 -33.92 18.24
CA ASP J 37 2.87 -33.71 18.61
C ASP J 37 2.04 -33.49 17.34
N LEU J 38 1.08 -34.37 17.08
CA LEU J 38 0.35 -34.33 15.83
C LEU J 38 -0.65 -33.18 15.75
N LYS J 39 -1.40 -32.96 16.82
CA LYS J 39 -2.45 -31.90 16.81
C LYS J 39 -1.84 -30.53 16.51
N SER J 40 -0.84 -30.11 17.29
CA SER J 40 -0.27 -28.79 17.11
C SER J 40 0.42 -28.65 15.76
N THR J 41 1.14 -29.69 15.32
CA THR J 41 1.81 -29.64 14.02
C THR J 41 0.81 -29.53 12.88
N GLN J 42 -0.28 -30.30 12.92
CA GLN J 42 -1.29 -30.21 11.87
C GLN J 42 -1.98 -28.86 11.87
N ASN J 43 -2.31 -28.32 13.05
CA ASN J 43 -2.92 -27.00 13.11
C ASN J 43 -2.00 -25.94 12.55
N ALA J 44 -0.71 -26.01 12.90
CA ALA J 44 0.25 -25.05 12.39
C ALA J 44 0.40 -25.16 10.88
N ILE J 45 0.45 -26.37 10.36
CA ILE J 45 0.58 -26.56 8.92
C ILE J 45 -0.63 -25.98 8.20
N ASP J 46 -1.83 -26.26 8.72
CA ASP J 46 -3.03 -25.71 8.10
C ASP J 46 -3.04 -24.19 8.11
N LYS J 47 -2.68 -23.59 9.26
CA LYS J 47 -2.71 -22.14 9.36
C LYS J 47 -1.67 -21.49 8.46
N ILE J 48 -0.47 -22.06 8.40
CA ILE J 48 0.57 -21.49 7.54
C ILE J 48 0.22 -21.65 6.08
N THR J 49 -0.39 -22.78 5.72
CA THR J 49 -0.85 -22.96 4.34
C THR J 49 -1.90 -21.92 3.99
N ASN J 50 -2.82 -21.65 4.92
CA ASN J 50 -3.81 -20.61 4.69
C ASN J 50 -3.16 -19.24 4.55
N LYS J 51 -2.10 -18.99 5.33
CA LYS J 51 -1.38 -17.71 5.21
C LYS J 51 -0.74 -17.55 3.83
N VAL J 52 -0.07 -18.60 3.36
CA VAL J 52 0.57 -18.55 2.05
C VAL J 52 -0.47 -18.36 0.96
N ASN J 53 -1.59 -19.09 1.06
CA ASN J 53 -2.65 -18.95 0.07
C ASN J 53 -3.27 -17.56 0.12
N SER J 54 -3.40 -16.98 1.31
CA SER J 54 -3.93 -15.62 1.43
C SER J 54 -3.02 -14.62 0.75
N VAL J 55 -1.70 -14.80 0.90
CA VAL J 55 -0.75 -13.92 0.24
C VAL J 55 -0.84 -14.09 -1.28
N ILE J 56 -0.93 -15.33 -1.74
CA ILE J 56 -0.85 -15.59 -3.19
C ILE J 56 -2.15 -15.18 -3.88
N GLU J 57 -3.27 -15.78 -3.47
CA GLU J 57 -4.55 -15.57 -4.14
C GLU J 57 -5.22 -14.25 -3.77
N LYS J 58 -4.49 -13.29 -3.23
CA LYS J 58 -4.98 -11.93 -3.09
C LYS J 58 -4.27 -10.97 -4.03
N MET J 59 -3.45 -11.51 -4.93
CA MET J 59 -2.72 -10.67 -5.91
C MET J 59 -3.14 -11.08 -7.33
N ASN J 60 -4.44 -11.03 -7.62
CA ASN J 60 -4.95 -11.31 -8.96
C ASN J 60 -5.28 -10.00 -9.67
N THR J 61 -4.85 -9.91 -10.93
CA THR J 61 -5.09 -8.74 -11.76
C THR J 61 -5.69 -9.20 -13.08
N GLN J 62 -6.04 -8.24 -13.93
CA GLN J 62 -6.65 -8.50 -15.22
C GLN J 62 -5.61 -8.35 -16.33
N PHE J 63 -6.02 -8.61 -17.56
CA PHE J 63 -5.15 -8.47 -18.72
C PHE J 63 -4.84 -7.01 -18.96
N THR J 64 -3.56 -6.67 -18.98
CA THR J 64 -3.14 -5.29 -19.18
C THR J 64 -1.92 -5.28 -20.09
N ALA J 65 -1.88 -4.32 -21.01
CA ALA J 65 -0.70 -4.06 -21.82
C ALA J 65 0.02 -2.84 -21.26
N VAL J 66 1.29 -3.02 -20.89
CA VAL J 66 2.02 -1.96 -20.19
C VAL J 66 2.68 -0.95 -21.13
N GLY J 67 3.26 -1.42 -22.24
CA GLY J 67 4.03 -0.56 -23.11
C GLY J 67 3.16 0.20 -24.10
N LYS J 68 3.38 1.51 -24.16
CA LYS J 68 2.76 2.37 -25.16
C LYS J 68 3.85 3.20 -25.81
N GLU J 69 3.65 3.53 -27.09
CA GLU J 69 4.66 4.23 -27.86
C GLU J 69 4.13 5.57 -28.36
N PHE J 70 4.97 6.59 -28.27
CA PHE J 70 4.61 7.97 -28.55
C PHE J 70 5.66 8.59 -29.47
N ASN J 71 5.24 9.55 -30.29
CA ASN J 71 6.17 10.22 -31.19
C ASN J 71 6.87 11.37 -30.48
N HIS J 72 7.72 12.08 -31.22
CA HIS J 72 8.57 13.11 -30.63
C HIS J 72 7.83 14.39 -30.26
N LEU J 73 6.55 14.51 -30.64
CA LEU J 73 5.73 15.64 -30.22
C LEU J 73 4.86 15.31 -29.02
N GLU J 74 5.02 14.15 -28.41
CA GLU J 74 4.28 13.73 -27.23
C GLU J 74 5.23 13.30 -26.12
N LYS J 75 6.25 14.12 -25.89
CA LYS J 75 7.17 13.84 -24.79
C LYS J 75 6.49 13.97 -23.44
N ARG J 76 5.53 14.88 -23.31
CA ARG J 76 4.83 15.05 -22.04
C ARG J 76 3.97 13.84 -21.70
N ILE J 77 3.22 13.33 -22.68
CA ILE J 77 2.40 12.14 -22.43
C ILE J 77 3.29 10.94 -22.16
N GLU J 78 4.43 10.85 -22.85
CA GLU J 78 5.36 9.76 -22.60
C GLU J 78 5.91 9.83 -21.18
N ASN J 79 6.24 11.04 -20.73
CA ASN J 79 6.73 11.21 -19.36
C ASN J 79 5.64 10.90 -18.35
N LEU J 80 4.39 11.25 -18.66
CA LEU J 80 3.27 10.90 -17.78
C LEU J 80 3.12 9.39 -17.66
N ASN J 81 3.23 8.68 -18.79
CA ASN J 81 3.15 7.22 -18.75
C ASN J 81 4.31 6.64 -17.94
N LYS J 82 5.51 7.17 -18.14
CA LYS J 82 6.66 6.70 -17.38
C LYS J 82 6.46 6.94 -15.89
N LYS J 83 5.90 8.10 -15.52
CA LYS J 83 5.61 8.39 -14.12
C LYS J 83 4.62 7.39 -13.55
N VAL J 84 3.57 7.07 -14.32
CA VAL J 84 2.56 6.11 -13.85
C VAL J 84 3.20 4.76 -13.58
N ASP J 85 3.97 4.26 -14.56
CA ASP J 85 4.60 2.95 -14.37
C ASP J 85 5.60 2.95 -13.23
N ASP J 86 6.43 3.99 -13.12
CA ASP J 86 7.40 4.03 -12.04
C ASP J 86 6.74 4.10 -10.68
N GLY J 87 5.67 4.90 -10.54
CA GLY J 87 4.95 4.95 -9.28
C GLY J 87 4.35 3.62 -8.91
N PHE J 88 3.69 2.95 -9.86
CA PHE J 88 3.12 1.64 -9.57
C PHE J 88 4.20 0.64 -9.18
N LEU J 89 5.33 0.67 -9.88
CA LEU J 89 6.44 -0.22 -9.58
C LEU J 89 6.95 -0.01 -8.15
N ASP J 90 7.16 1.25 -7.80
CA ASP J 90 7.71 1.56 -6.48
C ASP J 90 6.72 1.14 -5.39
N ILE J 91 5.43 1.43 -5.62
CA ILE J 91 4.40 1.09 -4.62
C ILE J 91 4.35 -0.42 -4.41
N TRP J 92 4.36 -1.18 -5.52
CA TRP J 92 4.24 -2.62 -5.38
C TRP J 92 5.49 -3.24 -4.77
N THR J 93 6.67 -2.72 -5.09
CA THR J 93 7.89 -3.19 -4.44
C THR J 93 7.83 -2.95 -2.94
N TYR J 94 7.40 -1.75 -2.55
CA TYR J 94 7.26 -1.44 -1.13
C TYR J 94 6.28 -2.38 -0.44
N ASN J 95 5.12 -2.59 -1.07
CA ASN J 95 4.11 -3.45 -0.47
C ASN J 95 4.63 -4.87 -0.30
N ALA J 96 5.29 -5.41 -1.34
CA ALA J 96 5.79 -6.77 -1.25
C ALA J 96 6.84 -6.91 -0.16
N GLU J 97 7.81 -6.00 -0.12
CA GLU J 97 8.87 -6.12 0.87
C GLU J 97 8.32 -6.00 2.28
N LEU J 98 7.43 -5.03 2.51
CA LEU J 98 6.89 -4.84 3.85
C LEU J 98 6.02 -6.01 4.27
N LEU J 99 5.23 -6.55 3.34
CA LEU J 99 4.40 -7.70 3.64
C LEU J 99 5.25 -8.88 4.08
N VAL J 100 6.30 -9.19 3.31
CA VAL J 100 7.16 -10.32 3.67
C VAL J 100 7.82 -10.07 5.02
N LEU J 101 8.30 -8.84 5.25
CA LEU J 101 9.00 -8.53 6.49
C LEU J 101 8.10 -8.69 7.70
N LEU J 102 6.86 -8.23 7.63
CA LEU J 102 5.96 -8.34 8.78
C LEU J 102 5.49 -9.78 8.98
N GLU J 103 5.09 -10.46 7.91
CA GLU J 103 4.60 -11.83 8.04
C GLU J 103 5.68 -12.79 8.51
N ASN J 104 6.95 -12.52 8.23
CA ASN J 104 8.01 -13.39 8.76
C ASN J 104 8.08 -13.31 10.29
N GLU J 105 8.03 -12.09 10.83
CA GLU J 105 7.95 -11.92 12.27
C GLU J 105 6.73 -12.63 12.85
N ARG J 106 5.57 -12.46 12.20
CA ARG J 106 4.37 -13.07 12.72
C ARG J 106 4.48 -14.59 12.74
N THR J 107 5.06 -15.18 11.69
CA THR J 107 5.23 -16.63 11.64
C THR J 107 6.17 -17.12 12.74
N LEU J 108 7.30 -16.43 12.91
CA LEU J 108 8.24 -16.85 13.95
C LEU J 108 7.63 -16.74 15.34
N ASP J 109 6.90 -15.65 15.61
CA ASP J 109 6.24 -15.51 16.90
C ASP J 109 5.16 -16.56 17.08
N TYR J 110 4.48 -16.94 16.00
CA TYR J 110 3.47 -17.99 16.08
C TYR J 110 4.10 -19.32 16.49
N HIS J 111 5.26 -19.64 15.92
CA HIS J 111 5.93 -20.89 16.29
C HIS J 111 6.40 -20.86 17.73
N ASP J 112 6.94 -19.72 18.17
CA ASP J 112 7.27 -19.55 19.59
C ASP J 112 6.05 -19.78 20.47
N SER J 113 4.91 -19.20 20.09
CA SER J 113 3.70 -19.35 20.88
C SER J 113 3.25 -20.81 20.94
N ASN J 114 3.37 -21.53 19.82
CA ASN J 114 2.99 -22.94 19.80
C ASN J 114 3.85 -23.76 20.75
N VAL J 115 5.17 -23.54 20.71
CA VAL J 115 6.06 -24.29 21.59
C VAL J 115 5.76 -23.97 23.05
N LYS J 116 5.56 -22.69 23.36
CA LYS J 116 5.28 -22.27 24.72
C LYS J 116 3.96 -22.86 25.21
N ASN J 117 2.94 -22.84 24.36
CA ASN J 117 1.64 -23.38 24.74
C ASN J 117 1.69 -24.88 24.97
N LEU J 118 2.45 -25.61 24.15
CA LEU J 118 2.63 -27.04 24.39
C LEU J 118 3.31 -27.29 25.73
N TYR J 119 4.37 -26.53 26.03
CA TYR J 119 5.05 -26.70 27.30
C TYR J 119 4.11 -26.43 28.48
N GLU J 120 3.35 -25.34 28.41
CA GLU J 120 2.43 -25.00 29.49
C GLU J 120 1.32 -26.02 29.62
N LYS J 121 0.83 -26.57 28.50
CA LYS J 121 -0.20 -27.60 28.58
C LYS J 121 0.31 -28.84 29.30
N VAL J 122 1.53 -29.29 28.95
CA VAL J 122 2.10 -30.44 29.64
C VAL J 122 2.31 -30.13 31.12
N ARG J 123 2.79 -28.93 31.43
CA ARG J 123 3.03 -28.56 32.82
C ARG J 123 1.74 -28.58 33.63
N ASN J 124 0.67 -28.07 33.05
CA ASN J 124 -0.59 -27.92 33.82
C ASN J 124 -1.32 -29.24 33.98
N GLN J 125 -1.01 -30.24 33.18
CA GLN J 125 -1.62 -31.57 33.43
C GLN J 125 -0.77 -32.34 34.43
N LEU J 126 0.65 -32.20 34.26
CA LEU J 126 1.39 -33.00 35.23
C LEU J 126 1.26 -32.48 36.65
N LYS J 127 1.15 -31.17 36.84
CA LYS J 127 1.08 -30.53 38.15
C LYS J 127 2.32 -30.91 38.96
N ASN J 128 2.19 -31.37 40.20
CA ASN J 128 3.35 -31.64 41.05
C ASN J 128 3.83 -33.08 40.95
N ASN J 129 3.27 -33.87 40.04
CA ASN J 129 3.78 -35.22 39.82
C ASN J 129 5.12 -35.20 39.10
N ALA J 130 5.54 -34.07 38.56
CA ALA J 130 6.79 -33.96 37.83
C ALA J 130 7.54 -32.71 38.28
N LYS J 131 8.85 -32.76 38.15
CA LYS J 131 9.73 -31.66 38.51
C LYS J 131 10.27 -30.99 37.25
N GLU J 132 10.24 -29.66 37.24
CA GLU J 132 10.70 -28.88 36.09
C GLU J 132 12.20 -28.68 36.21
N ILE J 133 12.97 -29.34 35.32
CA ILE J 133 14.42 -29.23 35.36
C ILE J 133 14.87 -27.84 34.93
N GLY J 134 14.33 -27.34 33.81
CA GLY J 134 14.68 -26.01 33.37
C GLY J 134 14.90 -25.85 31.88
N ASN J 135 15.32 -26.91 31.19
CA ASN J 135 15.55 -26.85 29.75
C ASN J 135 14.30 -27.21 28.98
N GLY J 136 13.12 -27.10 29.59
CA GLY J 136 11.93 -27.55 28.87
C GLY J 136 11.71 -29.01 29.10
N CYS J 137 12.19 -29.52 30.24
CA CYS J 137 12.13 -30.97 30.54
C CYS J 137 11.46 -31.22 31.88
N PHE J 138 10.74 -32.32 32.02
CA PHE J 138 10.01 -32.69 33.24
C PHE J 138 10.40 -34.06 33.70
N GLU J 139 10.97 -34.20 34.91
CA GLU J 139 11.37 -35.48 35.45
C GLU J 139 10.29 -36.00 36.39
N PHE J 140 9.79 -37.20 36.11
CA PHE J 140 8.67 -37.74 36.85
C PHE J 140 9.11 -38.22 38.24
N TYR J 141 8.24 -38.00 39.22
CA TYR J 141 8.42 -38.53 40.56
C TYR J 141 7.93 -39.96 40.68
N HIS J 142 7.17 -40.44 39.71
CA HIS J 142 6.64 -41.80 39.71
C HIS J 142 7.05 -42.49 38.42
N LYS J 143 7.43 -43.75 38.52
CA LYS J 143 7.75 -44.53 37.33
C LYS J 143 6.46 -44.69 36.53
N CYS J 144 6.52 -44.41 35.23
CA CYS J 144 5.35 -44.54 34.39
C CYS J 144 5.76 -44.86 32.96
N ASP J 145 5.04 -45.82 32.37
CA ASP J 145 5.44 -46.51 31.16
C ASP J 145 4.90 -45.79 29.92
N ASN J 146 4.93 -46.50 28.78
CA ASN J 146 4.52 -45.90 27.52
C ASN J 146 3.05 -45.47 27.52
N THR J 147 2.20 -46.18 28.27
CA THR J 147 0.81 -45.74 28.39
C THR J 147 0.73 -44.37 29.03
N CYS J 148 1.53 -44.16 30.08
CA CYS J 148 1.63 -42.84 30.71
C CYS J 148 2.06 -41.76 29.74
N MET J 149 3.12 -42.02 28.96
CA MET J 149 3.62 -41.01 28.04
C MET J 149 2.62 -40.73 26.94
N GLU J 150 1.95 -41.76 26.44
CA GLU J 150 0.90 -41.55 25.44
C GLU J 150 -0.26 -40.75 26.01
N SER J 151 -0.61 -40.99 27.27
CA SER J 151 -1.67 -40.22 27.90
C SER J 151 -1.28 -38.75 28.03
N VAL J 152 -0.06 -38.48 28.47
CA VAL J 152 0.35 -37.09 28.65
C VAL J 152 0.51 -36.39 27.30
N LYS J 153 0.89 -37.14 26.25
CA LYS J 153 0.95 -36.56 24.92
C LYS J 153 -0.44 -36.24 24.38
N ASN J 154 -1.39 -37.15 24.61
CA ASN J 154 -2.76 -36.98 24.13
C ASN J 154 -3.51 -35.88 24.88
N GLY J 155 -3.28 -35.76 26.18
CA GLY J 155 -3.99 -34.79 26.99
C GLY J 155 -4.90 -35.44 28.00
N THR J 156 -4.71 -36.74 28.21
CA THR J 156 -5.56 -37.54 29.08
C THR J 156 -4.77 -38.16 30.22
N TYR J 157 -3.86 -37.39 30.81
CA TYR J 157 -3.08 -37.87 31.94
C TYR J 157 -3.95 -37.93 33.19
N ASP J 158 -3.77 -38.99 33.96
CA ASP J 158 -4.58 -39.27 35.15
C ASP J 158 -3.76 -38.91 36.39
N TYR J 159 -3.95 -37.70 36.89
CA TYR J 159 -3.25 -37.21 38.07
C TYR J 159 -3.55 -38.04 39.32
N PRO J 160 -4.83 -38.29 39.66
CA PRO J 160 -5.10 -39.07 40.88
C PRO J 160 -4.59 -40.49 40.83
N LYS J 161 -4.41 -41.06 39.64
CA LYS J 161 -3.89 -42.42 39.54
C LYS J 161 -2.48 -42.53 40.10
N TYR J 162 -1.66 -41.49 39.92
CA TYR J 162 -0.27 -41.50 40.34
C TYR J 162 0.02 -40.53 41.46
N SER J 163 -0.98 -39.83 42.00
CA SER J 163 -0.73 -38.80 43.00
C SER J 163 -0.12 -39.39 44.26
N GLU J 164 -0.68 -40.50 44.74
CA GLU J 164 -0.17 -41.12 45.97
C GLU J 164 1.24 -41.63 45.79
N GLU J 165 1.53 -42.23 44.64
CA GLU J 165 2.88 -42.71 44.37
C GLU J 165 3.87 -41.55 44.31
N ALA J 166 3.48 -40.45 43.67
CA ALA J 166 4.37 -39.29 43.58
C ALA J 166 4.58 -38.63 44.93
N LYS J 167 3.58 -38.67 45.82
CA LYS J 167 3.73 -38.02 47.12
C LYS J 167 4.84 -38.67 47.94
N LEU J 168 4.98 -39.99 47.86
CA LEU J 168 6.04 -40.66 48.60
C LEU J 168 7.43 -40.26 48.14
N ASN J 169 7.63 -40.11 46.82
CA ASN J 169 8.95 -39.79 46.29
C ASN J 169 9.25 -38.30 46.31
N ARG J 170 8.31 -37.46 46.72
CA ARG J 170 8.51 -36.02 46.73
C ARG J 170 8.81 -35.52 48.14
N LEU K 2 -0.21 -7.87 24.03
CA LEU K 2 0.14 -7.21 25.29
C LEU K 2 0.46 -8.28 26.34
N PHE K 3 1.67 -8.23 26.92
CA PHE K 3 2.17 -9.33 27.77
C PHE K 3 1.96 -9.15 29.26
N GLY K 4 1.61 -7.96 29.75
CA GLY K 4 1.21 -7.78 31.15
C GLY K 4 2.30 -7.38 32.10
N ALA K 5 3.42 -6.87 31.60
CA ALA K 5 4.54 -6.51 32.47
C ALA K 5 4.60 -5.02 32.65
N ILE K 6 4.90 -4.28 31.59
CA ILE K 6 4.91 -2.80 31.65
C ILE K 6 3.49 -2.34 31.96
N ALA K 7 3.32 -1.44 32.91
CA ALA K 7 1.97 -1.03 33.37
C ALA K 7 1.18 -2.29 33.69
N GLY K 8 1.65 -3.07 34.65
CA GLY K 8 1.02 -4.37 35.00
C GLY K 8 1.69 -4.92 36.24
N PHE K 9 2.32 -6.10 36.18
CA PHE K 9 2.89 -6.66 37.42
C PHE K 9 3.87 -5.64 37.96
N ILE K 10 4.53 -4.89 37.10
CA ILE K 10 5.45 -3.81 37.40
C ILE K 10 4.71 -2.51 37.11
N GLU K 11 4.43 -1.74 38.17
CA GLU K 11 3.50 -0.62 38.07
C GLU K 11 4.12 0.64 37.53
N GLY K 12 5.44 0.71 37.38
CA GLY K 12 6.06 1.92 36.89
C GLY K 12 7.53 1.79 36.57
N GLY K 13 8.08 2.78 35.88
CA GLY K 13 9.47 2.80 35.52
C GLY K 13 10.36 3.32 36.63
N TRP K 14 11.65 3.31 36.36
CA TRP K 14 12.66 3.78 37.30
C TRP K 14 13.45 4.90 36.64
N THR K 15 13.33 6.11 37.20
CA THR K 15 14.12 7.23 36.73
C THR K 15 15.58 7.14 37.18
N GLY K 16 15.88 6.27 38.15
CA GLY K 16 17.24 6.09 38.60
C GLY K 16 18.09 5.17 37.74
N MET K 17 17.46 4.44 36.83
CA MET K 17 18.17 3.58 35.90
C MET K 17 18.29 4.31 34.57
N VAL K 18 19.47 4.91 34.34
CA VAL K 18 19.66 5.79 33.19
C VAL K 18 20.73 5.22 32.28
N ASP K 19 21.06 3.94 32.46
CA ASP K 19 22.10 3.29 31.68
C ASP K 19 21.56 2.22 30.74
N GLY K 20 20.24 2.01 30.73
CA GLY K 20 19.68 0.99 29.88
C GLY K 20 18.17 0.97 30.01
N TRP K 21 17.54 0.21 29.11
CA TRP K 21 16.08 0.09 29.08
C TRP K 21 15.55 -0.77 30.22
N TYR K 22 16.06 -1.99 30.33
CA TYR K 22 15.62 -2.95 31.33
C TYR K 22 16.76 -3.19 32.32
N GLY K 23 16.43 -3.64 33.51
CA GLY K 23 17.49 -3.95 34.46
C GLY K 23 16.99 -4.34 35.83
N TYR K 24 17.91 -4.28 36.80
CA TYR K 24 17.69 -4.77 38.15
C TYR K 24 17.97 -3.67 39.16
N HIS K 25 17.30 -3.80 40.31
CA HIS K 25 17.60 -3.02 41.50
C HIS K 25 17.84 -4.01 42.63
N HIS K 26 19.01 -3.96 43.24
CA HIS K 26 19.37 -4.91 44.28
C HIS K 26 19.57 -4.19 45.62
N GLN K 27 19.08 -4.85 46.67
CA GLN K 27 19.18 -4.38 48.05
C GLN K 27 19.85 -5.47 48.87
N ASN K 28 21.09 -5.22 49.28
CA ASN K 28 21.89 -6.14 50.07
C ASN K 28 22.36 -5.46 51.34
N GLU K 29 23.17 -6.18 52.12
CA GLU K 29 23.80 -5.56 53.28
C GLU K 29 25.05 -4.80 52.87
N GLN K 30 25.52 -4.99 51.64
CA GLN K 30 26.62 -4.19 51.11
C GLN K 30 26.15 -2.88 50.47
N GLY K 31 24.85 -2.72 50.26
CA GLY K 31 24.31 -1.49 49.71
C GLY K 31 23.25 -1.75 48.66
N SER K 32 22.57 -0.68 48.30
CA SER K 32 21.52 -0.70 47.28
C SER K 32 22.07 -0.16 45.96
N GLY K 33 21.45 -0.58 44.87
CA GLY K 33 21.91 -0.07 43.59
C GLY K 33 21.03 -0.49 42.43
N TYR K 34 21.17 0.27 41.35
CA TYR K 34 20.56 -0.05 40.06
C TYR K 34 21.63 -0.57 39.11
N ALA K 35 21.22 -1.41 38.17
CA ALA K 35 22.12 -1.93 37.16
C ALA K 35 21.32 -2.45 35.98
N ALA K 36 21.49 -1.85 34.82
CA ALA K 36 20.74 -2.30 33.64
C ALA K 36 21.32 -3.61 33.13
N ASP K 37 20.43 -4.48 32.65
CA ASP K 37 20.86 -5.72 32.01
C ASP K 37 21.48 -5.39 30.67
N LEU K 38 22.67 -5.93 30.41
CA LEU K 38 23.41 -5.55 29.23
C LEU K 38 22.94 -6.32 27.99
N LYS K 39 22.77 -7.64 28.13
CA LYS K 39 22.41 -8.47 26.98
C LYS K 39 21.06 -8.06 26.40
N SER K 40 20.05 -7.95 27.26
CA SER K 40 18.70 -7.61 26.80
C SER K 40 18.66 -6.24 26.16
N THR K 41 19.30 -5.25 26.81
CA THR K 41 19.30 -3.89 26.27
C THR K 41 20.02 -3.83 24.93
N GLN K 42 21.16 -4.50 24.83
CA GLN K 42 21.91 -4.48 23.58
C GLN K 42 21.14 -5.16 22.45
N ASN K 43 20.50 -6.30 22.76
CA ASN K 43 19.69 -6.97 21.75
C ASN K 43 18.52 -6.10 21.30
N ALA K 44 17.86 -5.45 22.25
CA ALA K 44 16.73 -4.59 21.90
C ALA K 44 17.20 -3.41 21.04
N ILE K 45 18.34 -2.82 21.39
CA ILE K 45 18.87 -1.71 20.62
C ILE K 45 19.18 -2.14 19.19
N ASP K 46 19.83 -3.31 19.04
CA ASP K 46 20.14 -3.81 17.71
C ASP K 46 18.88 -4.06 16.89
N LYS K 47 17.88 -4.70 17.49
CA LYS K 47 16.64 -4.99 16.77
C LYS K 47 15.91 -3.72 16.36
N ILE K 48 15.82 -2.74 17.27
CA ILE K 48 15.12 -1.51 16.95
C ILE K 48 15.88 -0.70 15.91
N THR K 49 17.21 -0.71 15.98
CA THR K 49 18.00 -0.07 14.93
C THR K 49 17.76 -0.72 13.58
N ASN K 50 17.66 -2.05 13.56
CA ASN K 50 17.37 -2.75 12.30
C ASN K 50 16.00 -2.36 11.77
N LYS K 51 15.01 -2.24 12.66
CA LYS K 51 13.67 -1.86 12.22
C LYS K 51 13.65 -0.46 11.63
N VAL K 52 14.30 0.50 12.30
CA VAL K 52 14.32 1.87 11.80
C VAL K 52 15.06 1.94 10.47
N ASN K 53 16.18 1.22 10.36
CA ASN K 53 16.92 1.20 9.11
C ASN K 53 16.11 0.54 7.99
N SER K 54 15.34 -0.50 8.30
CA SER K 54 14.51 -1.12 7.28
C SER K 54 13.45 -0.15 6.77
N VAL K 55 12.80 0.58 7.69
CA VAL K 55 11.80 1.56 7.28
C VAL K 55 12.44 2.64 6.42
N ILE K 56 13.63 3.11 6.81
CA ILE K 56 14.28 4.18 6.06
C ILE K 56 14.74 3.70 4.69
N GLU K 57 15.36 2.52 4.64
CA GLU K 57 16.02 2.05 3.39
C GLU K 57 15.18 1.11 2.55
N LYS K 58 13.87 1.22 2.60
CA LYS K 58 13.00 0.44 1.69
C LYS K 58 12.21 1.51 0.94
N MET K 59 12.22 2.74 1.47
CA MET K 59 11.58 3.88 0.78
C MET K 59 12.69 4.73 0.19
N ASN K 60 13.29 4.23 -0.90
CA ASN K 60 14.34 5.02 -1.58
C ASN K 60 14.45 4.61 -3.06
N THR K 61 13.96 5.43 -4.00
CA THR K 61 14.17 5.14 -5.44
C THR K 61 13.69 6.24 -6.35
N GLN K 62 14.21 6.31 -7.59
CA GLN K 62 13.71 7.22 -8.67
C GLN K 62 14.20 8.68 -8.57
N PHE K 63 14.69 9.23 -9.69
CA PHE K 63 15.04 10.68 -9.72
C PHE K 63 13.73 11.44 -9.73
N THR K 64 12.94 11.36 -10.81
CA THR K 64 11.59 11.98 -10.90
C THR K 64 11.64 13.49 -11.05
N ALA K 65 10.58 14.07 -11.63
CA ALA K 65 10.53 15.53 -11.87
C ALA K 65 9.24 16.14 -11.31
N VAL K 66 8.10 15.46 -11.42
CA VAL K 66 6.79 15.95 -10.87
C VAL K 66 6.59 17.43 -11.24
N GLY K 67 6.17 17.72 -12.47
CA GLY K 67 5.90 19.11 -12.87
C GLY K 67 5.79 19.24 -14.38
N LYS K 68 4.57 19.21 -14.91
CA LYS K 68 4.35 19.32 -16.35
C LYS K 68 3.42 20.50 -16.63
N GLU K 69 3.51 21.00 -17.85
CA GLU K 69 2.77 22.19 -18.26
C GLU K 69 1.89 21.87 -19.45
N PHE K 70 0.63 22.31 -19.39
CA PHE K 70 -0.35 22.05 -20.41
C PHE K 70 -1.12 23.34 -20.72
N ASN K 71 -1.45 23.53 -21.99
CA ASN K 71 -2.14 24.75 -22.41
C ASN K 71 -3.64 24.58 -22.19
N HIS K 72 -4.41 25.57 -22.65
CA HIS K 72 -5.84 25.63 -22.39
C HIS K 72 -6.64 24.62 -23.21
N LEU K 73 -6.02 23.96 -24.18
CA LEU K 73 -6.70 22.95 -24.98
C LEU K 73 -6.29 21.53 -24.60
N GLU K 74 -5.67 21.36 -23.44
CA GLU K 74 -5.29 20.05 -22.93
C GLU K 74 -5.70 19.92 -21.47
N LYS K 75 -6.93 20.33 -21.17
CA LYS K 75 -7.41 20.27 -19.79
C LYS K 75 -7.64 18.83 -19.34
N ARG K 76 -8.03 17.95 -20.24
CA ARG K 76 -8.22 16.54 -19.88
C ARG K 76 -6.91 15.91 -19.45
N ILE K 77 -5.83 16.19 -20.17
CA ILE K 77 -4.53 15.60 -19.84
C ILE K 77 -4.03 16.18 -18.52
N GLU K 78 -4.27 17.47 -18.31
CA GLU K 78 -3.91 18.09 -17.03
C GLU K 78 -4.69 17.47 -15.88
N ASN K 79 -5.98 17.19 -16.10
CA ASN K 79 -6.78 16.54 -15.06
C ASN K 79 -6.29 15.12 -14.80
N LEU K 80 -5.86 14.42 -15.85
CA LEU K 80 -5.31 13.08 -15.67
C LEU K 80 -4.02 13.12 -14.85
N ASN K 81 -3.16 14.11 -15.13
CA ASN K 81 -1.94 14.27 -14.34
C ASN K 81 -2.26 14.60 -12.90
N LYS K 82 -3.23 15.47 -12.66
CA LYS K 82 -3.65 15.79 -11.31
C LYS K 82 -4.20 14.57 -10.60
N LYS K 83 -4.96 13.74 -11.30
CA LYS K 83 -5.48 12.51 -10.72
C LYS K 83 -4.35 11.57 -10.33
N VAL K 84 -3.36 11.43 -11.20
CA VAL K 84 -2.22 10.55 -10.90
C VAL K 84 -1.49 11.04 -9.66
N ASP K 85 -1.24 12.35 -9.60
CA ASP K 85 -0.53 12.93 -8.46
C ASP K 85 -1.30 12.74 -7.16
N ASP K 86 -2.61 13.03 -7.18
CA ASP K 86 -3.42 12.88 -5.99
C ASP K 86 -3.51 11.42 -5.55
N GLY K 87 -3.61 10.50 -6.50
CA GLY K 87 -3.68 9.09 -6.13
C GLY K 87 -2.40 8.61 -5.48
N PHE K 88 -1.25 8.94 -6.08
CA PHE K 88 0.02 8.55 -5.48
C PHE K 88 0.16 9.17 -4.10
N LEU K 89 -0.24 10.44 -3.96
CA LEU K 89 -0.12 11.12 -2.68
C LEU K 89 -0.95 10.43 -1.61
N ASP K 90 -2.20 10.11 -1.95
CA ASP K 90 -3.10 9.49 -0.98
C ASP K 90 -2.59 8.11 -0.60
N ILE K 91 -2.13 7.33 -1.58
CA ILE K 91 -1.61 5.99 -1.28
C ILE K 91 -0.42 6.08 -0.34
N TRP K 92 0.49 7.02 -0.61
CA TRP K 92 1.69 7.10 0.22
C TRP K 92 1.40 7.63 1.61
N THR K 93 0.50 8.59 1.73
CA THR K 93 0.11 9.05 3.06
C THR K 93 -0.51 7.91 3.87
N TYR K 94 -1.40 7.14 3.24
CA TYR K 94 -2.03 6.02 3.91
C TYR K 94 -0.99 4.98 4.35
N ASN K 95 -0.04 4.67 3.46
CA ASN K 95 0.99 3.69 3.81
C ASN K 95 1.86 4.18 4.96
N ALA K 96 2.26 5.46 4.93
CA ALA K 96 3.11 5.99 5.99
C ALA K 96 2.40 5.96 7.33
N GLU K 97 1.16 6.45 7.37
CA GLU K 97 0.40 6.43 8.62
C GLU K 97 0.23 5.02 9.15
N LEU K 98 -0.17 4.08 8.28
CA LEU K 98 -0.39 2.71 8.76
C LEU K 98 0.89 2.08 9.25
N LEU K 99 2.00 2.32 8.54
CA LEU K 99 3.27 1.75 8.95
C LEU K 99 3.67 2.25 10.33
N VAL K 100 3.57 3.57 10.54
CA VAL K 100 3.94 4.12 11.85
C VAL K 100 3.03 3.54 12.94
N LEU K 101 1.73 3.48 12.66
CA LEU K 101 0.76 3.03 13.66
C LEU K 101 0.97 1.57 14.06
N LEU K 102 1.25 0.69 13.09
CA LEU K 102 1.45 -0.71 13.43
C LEU K 102 2.82 -0.94 14.06
N GLU K 103 3.86 -0.27 13.55
CA GLU K 103 5.18 -0.45 14.14
C GLU K 103 5.26 0.06 15.57
N ASN K 104 4.45 1.08 15.94
CA ASN K 104 4.46 1.52 17.32
C ASN K 104 3.91 0.45 18.25
N GLU K 105 2.77 -0.12 17.86
CA GLU K 105 2.13 -1.16 18.68
C GLU K 105 3.12 -2.30 18.90
N ARG K 106 3.74 -2.77 17.88
CA ARG K 106 4.67 -3.90 17.97
C ARG K 106 5.98 -3.52 18.67
N THR K 107 6.43 -2.24 18.60
CA THR K 107 7.62 -1.89 19.41
C THR K 107 7.24 -2.01 20.86
N LEU K 108 6.12 -1.44 21.25
CA LEU K 108 5.68 -1.47 22.65
C LEU K 108 5.49 -2.90 23.14
N ASP K 109 4.88 -3.75 22.29
CA ASP K 109 4.73 -5.16 22.64
C ASP K 109 6.09 -5.83 22.80
N TYR K 110 7.07 -5.46 21.97
CA TYR K 110 8.39 -6.05 22.07
C TYR K 110 9.06 -5.72 23.40
N HIS K 111 8.94 -4.46 23.82
CA HIS K 111 9.52 -4.07 25.11
C HIS K 111 8.83 -4.77 26.26
N ASP K 112 7.50 -4.89 26.19
CA ASP K 112 6.77 -5.64 27.20
C ASP K 112 7.25 -7.08 27.26
N SER K 113 7.44 -7.71 26.11
CA SER K 113 7.92 -9.09 26.05
C SER K 113 9.30 -9.21 26.66
N ASN K 114 10.18 -8.24 26.40
CA ASN K 114 11.53 -8.28 26.94
C ASN K 114 11.50 -8.22 28.47
N VAL K 115 10.69 -7.32 29.02
CA VAL K 115 10.58 -7.24 30.49
C VAL K 115 10.04 -8.54 31.05
N LYS K 116 8.99 -9.09 30.44
CA LYS K 116 8.40 -10.32 30.93
C LYS K 116 9.39 -11.48 30.86
N ASN K 117 10.14 -11.57 29.77
CA ASN K 117 11.10 -12.66 29.62
C ASN K 117 12.24 -12.54 30.62
N LEU K 118 12.71 -11.32 30.89
CA LEU K 118 13.74 -11.15 31.91
C LEU K 118 13.24 -11.59 33.28
N TYR K 119 12.00 -11.20 33.63
CA TYR K 119 11.45 -11.61 34.92
C TYR K 119 11.30 -13.13 35.01
N GLU K 120 10.86 -13.75 33.93
CA GLU K 120 10.66 -15.22 33.95
C GLU K 120 12.02 -15.91 33.98
N LYS K 121 13.04 -15.35 33.33
CA LYS K 121 14.38 -15.93 33.40
C LYS K 121 14.91 -15.93 34.83
N VAL K 122 14.74 -14.80 35.53
CA VAL K 122 15.19 -14.75 36.92
C VAL K 122 14.37 -15.70 37.79
N ARG K 123 13.06 -15.78 37.54
CA ARG K 123 12.23 -16.74 38.27
C ARG K 123 12.73 -18.17 38.12
N ASN K 124 12.99 -18.60 36.90
CA ASN K 124 13.38 -20.01 36.68
C ASN K 124 14.73 -20.28 37.33
N GLN K 125 15.63 -19.31 37.36
CA GLN K 125 16.98 -19.57 37.92
C GLN K 125 16.87 -19.61 39.43
N LEU K 126 16.12 -18.69 40.03
CA LEU K 126 16.14 -18.75 41.49
C LEU K 126 15.37 -19.95 42.02
N LYS K 127 14.29 -20.35 41.35
CA LYS K 127 13.40 -21.45 41.80
C LYS K 127 12.86 -21.08 43.17
N ASN K 128 12.92 -21.97 44.17
CA ASN K 128 12.30 -21.74 45.47
C ASN K 128 13.25 -21.11 46.47
N ASN K 129 14.45 -20.72 46.06
CA ASN K 129 15.36 -20.02 46.95
C ASN K 129 14.94 -18.59 47.24
N ALA K 130 14.02 -18.04 46.46
CA ALA K 130 13.55 -16.68 46.65
C ALA K 130 12.03 -16.67 46.59
N LYS K 131 11.45 -15.73 47.29
CA LYS K 131 9.99 -15.61 47.35
C LYS K 131 9.58 -14.41 46.52
N GLU K 132 8.46 -14.51 45.82
CA GLU K 132 7.92 -13.40 45.05
C GLU K 132 7.09 -12.50 45.94
N ILE K 133 7.53 -11.25 46.12
CA ILE K 133 6.81 -10.30 46.94
C ILE K 133 5.44 -10.01 46.33
N GLY K 134 5.38 -9.81 45.02
CA GLY K 134 4.12 -9.52 44.37
C GLY K 134 4.15 -8.21 43.62
N ASN K 135 4.90 -7.24 44.14
CA ASN K 135 5.10 -5.98 43.45
C ASN K 135 5.94 -6.13 42.21
N GLY K 136 6.44 -7.32 41.87
CA GLY K 136 7.34 -7.43 40.70
C GLY K 136 8.75 -7.80 41.13
N CYS K 137 8.92 -8.21 42.39
CA CYS K 137 10.28 -8.41 42.94
C CYS K 137 10.49 -9.76 43.65
N PHE K 138 11.72 -10.05 44.09
CA PHE K 138 12.06 -11.34 44.72
C PHE K 138 12.88 -11.15 45.99
N GLU K 139 12.35 -11.56 47.15
CA GLU K 139 13.11 -11.49 48.43
C GLU K 139 13.83 -12.82 48.64
N PHE K 140 15.12 -12.78 48.98
CA PHE K 140 15.89 -14.01 49.10
C PHE K 140 15.69 -14.67 50.46
N TYR K 141 15.53 -15.99 50.47
CA TYR K 141 15.52 -16.75 51.70
C TYR K 141 16.91 -16.97 52.27
N HIS K 142 17.95 -16.76 51.47
CA HIS K 142 19.33 -16.94 51.90
C HIS K 142 20.09 -15.66 51.70
N LYS K 143 20.91 -15.30 52.69
CA LYS K 143 21.74 -14.11 52.55
C LYS K 143 22.82 -14.35 51.51
N CYS K 144 22.84 -13.52 50.48
CA CYS K 144 23.84 -13.67 49.43
C CYS K 144 24.32 -12.30 48.98
N ASP K 145 25.62 -12.20 48.77
CA ASP K 145 26.35 -10.96 48.62
C ASP K 145 26.37 -10.50 47.16
N ASN K 146 27.24 -9.54 46.85
CA ASN K 146 27.28 -8.97 45.51
C ASN K 146 27.69 -9.98 44.47
N THR K 147 28.50 -10.98 44.83
CA THR K 147 28.87 -12.03 43.89
C THR K 147 27.63 -12.82 43.47
N CYS K 148 26.76 -13.14 44.43
CA CYS K 148 25.50 -13.80 44.13
C CYS K 148 24.62 -12.97 43.21
N MET K 149 24.53 -11.66 43.46
CA MET K 149 23.70 -10.81 42.62
C MET K 149 24.28 -10.70 41.21
N GLU K 150 25.60 -10.60 41.09
CA GLU K 150 26.21 -10.60 39.77
C GLU K 150 25.99 -11.92 39.06
N SER K 151 25.96 -13.02 39.80
CA SER K 151 25.68 -14.32 39.18
C SER K 151 24.25 -14.40 38.67
N VAL K 152 23.29 -13.93 39.47
CA VAL K 152 21.90 -14.01 39.04
C VAL K 152 21.63 -13.04 37.90
N LYS K 153 22.34 -11.91 37.87
CA LYS K 153 22.24 -11.01 36.73
C LYS K 153 22.88 -11.61 35.48
N ASN K 154 24.01 -12.29 35.65
CA ASN K 154 24.73 -12.87 34.53
C ASN K 154 23.99 -14.07 33.95
N GLY K 155 23.37 -14.87 34.80
CA GLY K 155 22.63 -16.04 34.35
C GLY K 155 23.28 -17.35 34.77
N THR K 156 24.14 -17.30 35.77
CA THR K 156 24.89 -18.45 36.24
C THR K 156 24.73 -18.62 37.74
N TYR K 157 23.50 -18.52 38.22
CA TYR K 157 23.21 -18.71 39.64
C TYR K 157 23.32 -20.18 40.01
N ASP K 158 23.86 -20.44 41.20
CA ASP K 158 24.13 -21.79 41.68
C ASP K 158 23.08 -22.15 42.71
N TYR K 159 22.02 -22.82 42.27
CA TYR K 159 20.94 -23.20 43.17
C TYR K 159 21.38 -24.15 44.28
N PRO K 160 22.08 -25.26 44.01
CA PRO K 160 22.46 -26.17 45.11
C PRO K 160 23.42 -25.56 46.11
N LYS K 161 24.15 -24.51 45.74
CA LYS K 161 25.06 -23.88 46.68
C LYS K 161 24.32 -23.25 47.84
N TYR K 162 23.14 -22.70 47.59
CA TYR K 162 22.36 -22.00 48.60
C TYR K 162 21.06 -22.73 48.97
N SER K 163 20.79 -23.89 48.36
CA SER K 163 19.54 -24.58 48.63
C SER K 163 19.43 -25.02 50.08
N GLU K 164 20.52 -25.54 50.64
CA GLU K 164 20.50 -26.01 52.03
C GLU K 164 20.24 -24.85 52.99
N GLU K 165 20.88 -23.70 52.75
CA GLU K 165 20.69 -22.56 53.61
C GLU K 165 19.28 -21.98 53.48
N ALA K 166 18.75 -21.99 52.25
CA ALA K 166 17.40 -21.48 52.02
C ALA K 166 16.32 -22.36 52.60
N LYS K 167 16.53 -23.69 52.66
CA LYS K 167 15.51 -24.58 53.18
C LYS K 167 15.21 -24.32 54.64
N LEU K 168 16.23 -24.00 55.45
CA LEU K 168 16.02 -23.70 56.86
C LEU K 168 15.18 -22.46 57.06
N ASN K 169 15.40 -21.42 56.26
CA ASN K 169 14.66 -20.17 56.41
C ASN K 169 13.27 -20.20 55.80
N ARG K 170 12.92 -21.27 55.11
CA ARG K 170 11.60 -21.38 54.51
C ARG K 170 10.61 -22.03 55.46
N LEU L 2 -0.55 -15.72 19.69
CA LEU L 2 -1.65 -16.42 20.34
C LEU L 2 -1.22 -16.82 21.74
N PHE L 3 -2.03 -16.47 22.75
CA PHE L 3 -1.63 -16.62 24.14
C PHE L 3 -2.26 -17.84 24.82
N GLY L 4 -3.05 -18.62 24.09
CA GLY L 4 -3.57 -19.87 24.62
C GLY L 4 -4.54 -19.75 25.77
N ALA L 5 -5.36 -18.71 25.78
CA ALA L 5 -6.37 -18.60 26.85
C ALA L 5 -7.75 -18.92 26.27
N ILE L 6 -8.16 -18.20 25.24
CA ILE L 6 -9.45 -18.45 24.56
C ILE L 6 -9.30 -19.72 23.71
N ALA L 7 -10.24 -20.65 23.81
CA ALA L 7 -10.10 -21.97 23.13
C ALA L 7 -8.84 -22.63 23.68
N GLY L 8 -8.23 -22.01 24.69
CA GLY L 8 -7.03 -22.59 25.33
C GLY L 8 -7.40 -23.22 26.66
N PHE L 9 -6.90 -22.67 27.77
CA PHE L 9 -7.24 -23.20 29.11
C PHE L 9 -8.75 -23.02 29.31
N ILE L 10 -9.30 -21.84 29.02
CA ILE L 10 -10.78 -21.69 29.07
C ILE L 10 -11.34 -22.33 27.80
N GLU L 11 -11.99 -23.49 27.94
CA GLU L 11 -12.43 -24.19 26.74
C GLU L 11 -13.64 -23.56 26.05
N GLY L 12 -14.33 -22.63 26.70
CA GLY L 12 -15.51 -22.05 26.08
C GLY L 12 -16.03 -20.80 26.73
N GLY L 13 -16.85 -20.04 26.00
CA GLY L 13 -17.42 -18.82 26.52
C GLY L 13 -18.65 -19.08 27.37
N TRP L 14 -19.15 -18.01 27.96
CA TRP L 14 -20.32 -18.05 28.83
C TRP L 14 -21.45 -17.30 28.16
N THR L 15 -22.50 -18.02 27.76
CA THR L 15 -23.67 -17.37 27.18
C THR L 15 -24.52 -16.68 28.24
N GLY L 16 -24.38 -17.07 29.50
CA GLY L 16 -25.08 -16.44 30.60
C GLY L 16 -24.47 -15.14 31.05
N MET L 17 -23.36 -14.74 30.44
CA MET L 17 -22.69 -13.49 30.74
C MET L 17 -22.88 -12.54 29.57
N VAL L 18 -23.68 -11.49 29.78
CA VAL L 18 -24.10 -10.60 28.71
C VAL L 18 -23.71 -9.15 28.97
N ASP L 19 -23.06 -8.85 30.09
CA ASP L 19 -22.75 -7.48 30.45
C ASP L 19 -21.32 -7.07 30.10
N GLY L 20 -20.54 -7.97 29.51
CA GLY L 20 -19.17 -7.62 29.19
C GLY L 20 -18.48 -8.76 28.47
N TRP L 21 -17.26 -8.47 28.00
CA TRP L 21 -16.48 -9.47 27.29
C TRP L 21 -15.87 -10.47 28.28
N TYR L 22 -15.08 -9.97 29.22
CA TYR L 22 -14.38 -10.79 30.19
C TYR L 22 -15.02 -10.61 31.56
N GLY L 23 -14.83 -11.59 32.43
CA GLY L 23 -15.31 -11.44 33.79
C GLY L 23 -15.21 -12.72 34.58
N TYR L 24 -16.02 -12.81 35.63
CA TYR L 24 -15.94 -13.85 36.63
C TYR L 24 -17.27 -14.55 36.81
N HIS L 25 -17.19 -15.80 37.25
CA HIS L 25 -18.34 -16.56 37.73
C HIS L 25 -17.96 -17.08 39.10
N HIS L 26 -18.77 -16.75 40.11
CA HIS L 26 -18.45 -17.08 41.49
C HIS L 26 -19.56 -17.96 42.08
N GLN L 27 -19.12 -18.96 42.84
CA GLN L 27 -20.01 -19.85 43.58
C GLN L 27 -19.64 -19.77 45.05
N ASN L 28 -20.58 -19.36 45.88
CA ASN L 28 -20.33 -19.21 47.34
C ASN L 28 -21.50 -19.80 48.09
N GLU L 29 -21.60 -19.54 49.38
CA GLU L 29 -22.70 -20.03 50.20
C GLU L 29 -23.93 -19.14 50.11
N GLN L 30 -23.78 -17.91 49.61
CA GLN L 30 -24.90 -17.01 49.41
C GLN L 30 -25.45 -17.04 47.99
N GLY L 31 -24.88 -17.87 47.11
CA GLY L 31 -25.39 -18.00 45.76
C GLY L 31 -24.32 -17.82 44.70
N SER L 32 -24.59 -18.39 43.52
CA SER L 32 -23.68 -18.27 42.40
C SER L 32 -24.14 -17.17 41.44
N GLY L 33 -23.21 -16.70 40.62
CA GLY L 33 -23.55 -15.65 39.67
C GLY L 33 -22.40 -15.31 38.75
N TYR L 34 -22.74 -14.57 37.71
CA TYR L 34 -21.79 -14.02 36.75
C TYR L 34 -21.62 -12.53 37.00
N ALA L 35 -20.46 -12.00 36.65
CA ALA L 35 -20.20 -10.57 36.77
C ALA L 35 -19.02 -10.21 35.89
N ALA L 36 -19.24 -9.34 34.91
CA ALA L 36 -18.16 -8.94 34.01
C ALA L 36 -17.16 -8.05 34.74
N ASP L 37 -15.89 -8.17 34.37
CA ASP L 37 -14.87 -7.30 34.91
C ASP L 37 -14.94 -5.95 34.22
N LEU L 38 -15.30 -4.91 34.97
CA LEU L 38 -15.61 -3.63 34.37
C LEU L 38 -14.39 -2.93 33.79
N LYS L 39 -13.28 -2.90 34.52
CA LYS L 39 -12.10 -2.16 34.09
C LYS L 39 -11.54 -2.68 32.77
N SER L 40 -11.28 -3.99 32.71
CA SER L 40 -10.72 -4.58 31.51
C SER L 40 -11.66 -4.50 30.32
N THR L 41 -12.96 -4.74 30.53
CA THR L 41 -13.91 -4.64 29.43
C THR L 41 -13.99 -3.22 28.90
N GLN L 42 -14.02 -2.23 29.79
CA GLN L 42 -14.06 -0.85 29.35
C GLN L 42 -12.80 -0.46 28.60
N ASN L 43 -11.63 -0.88 29.09
CA ASN L 43 -10.38 -0.58 28.41
C ASN L 43 -10.37 -1.21 27.02
N ALA L 44 -10.82 -2.46 26.92
CA ALA L 44 -10.87 -3.14 25.64
C ALA L 44 -11.81 -2.44 24.67
N ILE L 45 -12.97 -1.99 25.17
CA ILE L 45 -13.93 -1.30 24.32
C ILE L 45 -13.34 0.01 23.79
N ASP L 46 -12.69 0.76 24.67
CA ASP L 46 -12.07 2.01 24.23
C ASP L 46 -10.97 1.76 23.20
N LYS L 47 -10.12 0.76 23.45
CA LYS L 47 -9.03 0.45 22.53
C LYS L 47 -9.58 0.03 21.16
N ILE L 48 -10.62 -0.80 21.15
CA ILE L 48 -11.21 -1.23 19.90
C ILE L 48 -11.93 -0.09 19.19
N THR L 49 -12.58 0.81 19.93
CA THR L 49 -13.20 1.98 19.32
C THR L 49 -12.16 2.85 18.63
N ASN L 50 -11.03 3.06 19.29
CA ASN L 50 -9.93 3.78 18.67
C ASN L 50 -9.39 3.07 17.45
N LYS L 51 -9.27 1.74 17.52
CA LYS L 51 -8.77 0.97 16.39
C LYS L 51 -9.67 1.13 15.18
N VAL L 52 -10.98 1.04 15.39
CA VAL L 52 -11.94 1.19 14.30
C VAL L 52 -11.98 2.61 13.77
N ASN L 53 -11.89 3.60 14.64
CA ASN L 53 -11.88 4.99 14.19
C ASN L 53 -10.64 5.30 13.37
N SER L 54 -9.50 4.71 13.73
CA SER L 54 -8.26 4.99 13.00
C SER L 54 -8.35 4.56 11.55
N VAL L 55 -8.90 3.37 11.30
CA VAL L 55 -9.06 2.87 9.94
C VAL L 55 -9.98 3.76 9.13
N ILE L 56 -11.08 4.19 9.72
CA ILE L 56 -12.02 5.07 9.02
C ILE L 56 -11.39 6.44 8.75
N GLU L 57 -10.73 7.00 9.76
CA GLU L 57 -10.23 8.36 9.65
C GLU L 57 -8.93 8.47 8.84
N LYS L 58 -8.21 7.37 8.63
CA LYS L 58 -7.06 7.43 7.74
C LYS L 58 -7.50 7.69 6.30
N MET L 59 -8.69 7.24 5.93
CA MET L 59 -9.20 7.41 4.58
C MET L 59 -10.19 8.58 4.51
N ALA L 65 -15.41 13.22 -10.00
CA ALA L 65 -14.00 13.55 -9.98
C ALA L 65 -13.22 12.61 -10.90
N VAL L 66 -13.89 11.56 -11.37
CA VAL L 66 -13.27 10.56 -12.24
C VAL L 66 -14.19 10.34 -13.44
N GLY L 67 -13.62 9.85 -14.52
CA GLY L 67 -14.37 9.61 -15.74
C GLY L 67 -14.14 10.68 -16.79
N LYS L 68 -13.41 10.33 -17.84
CA LYS L 68 -13.09 11.26 -18.92
C LYS L 68 -13.51 10.64 -20.24
N GLU L 69 -13.65 11.49 -21.25
CA GLU L 69 -14.13 11.07 -22.57
C GLU L 69 -13.10 11.41 -23.62
N PHE L 70 -12.87 10.48 -24.53
CA PHE L 70 -11.89 10.61 -25.60
C PHE L 70 -12.52 10.15 -26.91
N ASN L 71 -12.11 10.78 -28.01
CA ASN L 71 -12.64 10.41 -29.31
C ASN L 71 -11.86 9.24 -29.88
N HIS L 72 -12.15 8.89 -31.14
CA HIS L 72 -11.56 7.70 -31.75
C HIS L 72 -10.08 7.84 -32.04
N LEU L 73 -9.53 9.05 -31.99
CA LEU L 73 -8.11 9.26 -32.26
C LEU L 73 -7.28 9.49 -31.01
N GLU L 74 -7.85 9.21 -29.83
CA GLU L 74 -7.10 9.32 -28.58
C GLU L 74 -7.22 8.02 -27.80
N LYS L 75 -6.97 6.90 -28.50
CA LYS L 75 -7.05 5.60 -27.84
C LYS L 75 -5.90 5.42 -26.84
N ARG L 76 -4.75 6.01 -27.12
CA ARG L 76 -3.61 5.86 -26.22
C ARG L 76 -3.86 6.54 -24.88
N ILE L 77 -4.39 7.77 -24.91
CA ILE L 77 -4.68 8.46 -23.65
C ILE L 77 -5.82 7.77 -22.92
N GLU L 78 -6.80 7.25 -23.64
CA GLU L 78 -7.86 6.47 -23.01
C GLU L 78 -7.31 5.24 -22.31
N ASN L 79 -6.39 4.53 -22.95
CA ASN L 79 -5.78 3.36 -22.33
C ASN L 79 -4.91 3.76 -21.13
N LEU L 80 -4.25 4.92 -21.21
CA LEU L 80 -3.48 5.40 -20.07
C LEU L 80 -4.38 5.70 -18.88
N ASN L 81 -5.53 6.34 -19.13
CA ASN L 81 -6.48 6.60 -18.06
C ASN L 81 -7.02 5.31 -17.48
N LYS L 82 -7.30 4.33 -18.34
CA LYS L 82 -7.75 3.03 -17.88
C LYS L 82 -6.70 2.36 -17.01
N LYS L 83 -5.44 2.46 -17.41
CA LYS L 83 -4.35 1.89 -16.63
C LYS L 83 -4.26 2.55 -15.26
N VAL L 84 -4.40 3.87 -15.22
CA VAL L 84 -4.35 4.59 -13.95
C VAL L 84 -5.47 4.12 -13.02
N ASP L 85 -6.70 4.05 -13.56
CA ASP L 85 -7.84 3.64 -12.77
C ASP L 85 -7.69 2.20 -12.27
N ASP L 86 -7.27 1.28 -13.14
CA ASP L 86 -7.11 -0.10 -12.75
C ASP L 86 -6.02 -0.27 -11.71
N GLY L 87 -4.91 0.44 -11.87
CA GLY L 87 -3.84 0.33 -10.89
C GLY L 87 -4.25 0.84 -9.52
N PHE L 88 -4.90 2.00 -9.48
CA PHE L 88 -5.37 2.51 -8.19
C PHE L 88 -6.38 1.55 -7.57
N LEU L 89 -7.28 1.01 -8.39
CA LEU L 89 -8.28 0.07 -7.89
C LEU L 89 -7.62 -1.16 -7.28
N ASP L 90 -6.66 -1.75 -7.99
CA ASP L 90 -6.00 -2.94 -7.50
C ASP L 90 -5.23 -2.66 -6.22
N ILE L 91 -4.50 -1.54 -6.18
CA ILE L 91 -3.74 -1.19 -4.99
C ILE L 91 -4.67 -1.04 -3.79
N TRP L 92 -5.80 -0.36 -3.99
CA TRP L 92 -6.68 -0.09 -2.86
C TRP L 92 -7.41 -1.34 -2.40
N THR L 93 -7.81 -2.21 -3.34
CA THR L 93 -8.41 -3.48 -2.95
C THR L 93 -7.43 -4.31 -2.13
N TYR L 94 -6.18 -4.36 -2.59
CA TYR L 94 -5.15 -5.12 -1.87
C TYR L 94 -4.93 -4.54 -0.48
N ASN L 95 -4.84 -3.21 -0.38
CA ASN L 95 -4.62 -2.57 0.91
C ASN L 95 -5.76 -2.85 1.87
N ALA L 96 -7.00 -2.71 1.41
CA ALA L 96 -8.15 -2.94 2.28
C ALA L 96 -8.19 -4.38 2.76
N GLU L 97 -7.97 -5.33 1.84
CA GLU L 97 -8.04 -6.74 2.21
C GLU L 97 -6.96 -7.09 3.22
N LEU L 98 -5.72 -6.66 2.97
CA LEU L 98 -4.64 -6.94 3.90
C LEU L 98 -4.85 -6.29 5.25
N LEU L 99 -5.33 -5.04 5.25
CA LEU L 99 -5.59 -4.35 6.51
C LEU L 99 -6.58 -5.12 7.34
N VAL L 100 -7.70 -5.53 6.74
CA VAL L 100 -8.70 -6.28 7.50
C VAL L 100 -8.12 -7.59 7.99
N LEU L 101 -7.40 -8.30 7.13
CA LEU L 101 -6.88 -9.62 7.48
C LEU L 101 -5.94 -9.55 8.68
N LEU L 102 -5.00 -8.62 8.66
CA LEU L 102 -4.07 -8.49 9.79
C LEU L 102 -4.73 -7.91 11.03
N GLU L 103 -5.64 -6.96 10.85
CA GLU L 103 -6.26 -6.30 11.99
C GLU L 103 -7.12 -7.26 12.77
N ASN L 104 -7.78 -8.19 12.08
CA ASN L 104 -8.61 -9.19 12.76
C ASN L 104 -7.76 -10.07 13.68
N GLU L 105 -6.62 -10.55 13.20
CA GLU L 105 -5.71 -11.29 14.06
C GLU L 105 -5.21 -10.49 15.24
N ARG L 106 -4.85 -9.22 15.01
CA ARG L 106 -4.37 -8.42 16.13
C ARG L 106 -5.47 -8.27 17.19
N THR L 107 -6.72 -8.10 16.76
CA THR L 107 -7.83 -7.97 17.70
C THR L 107 -8.05 -9.26 18.49
N LEU L 108 -8.06 -10.40 17.80
CA LEU L 108 -8.27 -11.67 18.49
C LEU L 108 -7.15 -11.95 19.49
N ASP L 109 -5.90 -11.68 19.10
CA ASP L 109 -4.79 -11.88 20.02
C ASP L 109 -4.86 -10.91 21.20
N TYR L 110 -5.35 -9.69 20.95
CA TYR L 110 -5.52 -8.74 22.04
C TYR L 110 -6.54 -9.25 23.06
N HIS L 111 -7.65 -9.81 22.58
CA HIS L 111 -8.64 -10.36 23.50
C HIS L 111 -8.09 -11.55 24.28
N ASP L 112 -7.33 -12.42 23.61
CA ASP L 112 -6.68 -13.52 24.32
C ASP L 112 -5.75 -13.01 25.40
N SER L 113 -4.96 -11.98 25.09
CA SER L 113 -4.06 -11.40 26.07
C SER L 113 -4.83 -10.83 27.25
N ASN L 114 -5.96 -10.18 26.98
CA ASN L 114 -6.78 -9.62 28.05
C ASN L 114 -7.26 -10.71 29.01
N VAL L 115 -7.79 -11.80 28.45
CA VAL L 115 -8.28 -12.89 29.29
C VAL L 115 -7.14 -13.50 30.10
N LYS L 116 -6.01 -13.73 29.43
CA LYS L 116 -4.85 -14.34 30.10
C LYS L 116 -4.35 -13.45 31.23
N ASN L 117 -4.29 -12.14 31.00
CA ASN L 117 -3.80 -11.22 32.01
C ASN L 117 -4.76 -11.14 33.19
N LEU L 118 -6.06 -11.19 32.94
CA LEU L 118 -7.03 -11.24 34.03
C LEU L 118 -6.81 -12.49 34.88
N TYR L 119 -6.59 -13.63 34.22
CA TYR L 119 -6.35 -14.87 34.95
C TYR L 119 -5.10 -14.75 35.82
N GLU L 120 -3.99 -14.30 35.26
CA GLU L 120 -2.77 -14.23 36.07
C GLU L 120 -2.86 -13.17 37.16
N LYS L 121 -3.62 -12.09 36.94
CA LYS L 121 -3.81 -11.11 38.00
C LYS L 121 -4.54 -11.73 39.19
N VAL L 122 -5.62 -12.47 38.92
CA VAL L 122 -6.32 -13.14 40.01
C VAL L 122 -5.41 -14.18 40.68
N ARG L 123 -4.61 -14.90 39.89
CA ARG L 123 -3.68 -15.89 40.44
C ARG L 123 -2.67 -15.24 41.38
N ASN L 124 -2.07 -14.13 40.96
CA ASN L 124 -1.04 -13.47 41.75
C ASN L 124 -1.64 -12.87 43.01
N GLN L 125 -2.90 -12.41 42.93
CA GLN L 125 -3.58 -11.97 44.14
C GLN L 125 -3.76 -13.12 45.12
N LEU L 126 -4.30 -14.24 44.64
CA LEU L 126 -4.69 -15.32 45.55
C LEU L 126 -3.49 -16.05 46.14
N LYS L 127 -2.43 -16.27 45.36
CA LYS L 127 -1.23 -16.99 45.80
C LYS L 127 -1.66 -18.40 46.22
N ASN L 128 -1.24 -18.90 47.38
CA ASN L 128 -1.54 -20.26 47.80
C ASN L 128 -2.83 -20.37 48.61
N ASN L 129 -3.57 -19.27 48.77
CA ASN L 129 -4.86 -19.35 49.43
C ASN L 129 -5.90 -20.04 48.57
N ALA L 130 -5.62 -20.24 47.28
CA ALA L 130 -6.56 -20.89 46.37
C ALA L 130 -5.83 -21.94 45.56
N LYS L 131 -6.58 -22.94 45.12
CA LYS L 131 -6.06 -24.06 44.34
C LYS L 131 -6.61 -23.99 42.93
N GLU L 132 -5.73 -24.10 41.95
CA GLU L 132 -6.11 -24.08 40.55
C GLU L 132 -6.74 -25.43 40.18
N ILE L 133 -8.02 -25.42 39.88
CA ILE L 133 -8.69 -26.65 39.45
C ILE L 133 -8.09 -27.16 38.15
N GLY L 134 -7.78 -26.24 37.24
CA GLY L 134 -7.15 -26.57 35.97
C GLY L 134 -7.99 -26.26 34.77
N ASN L 135 -9.31 -26.38 34.87
CA ASN L 135 -10.19 -26.00 33.77
C ASN L 135 -10.26 -24.49 33.59
N GLY L 136 -9.63 -23.68 34.45
CA GLY L 136 -9.76 -22.20 34.36
C GLY L 136 -10.27 -21.55 35.64
N CYS L 137 -10.56 -22.33 36.69
CA CYS L 137 -11.20 -21.85 37.93
C CYS L 137 -10.27 -21.93 39.15
N PHE L 138 -10.69 -21.38 40.29
CA PHE L 138 -9.91 -21.41 41.54
C PHE L 138 -10.81 -21.81 42.69
N GLU L 139 -10.41 -22.79 43.51
CA GLU L 139 -11.23 -23.15 44.66
C GLU L 139 -10.52 -22.64 45.90
N PHE L 140 -11.27 -21.93 46.76
CA PHE L 140 -10.68 -21.27 47.89
C PHE L 140 -10.49 -22.27 49.03
N TYR L 141 -9.27 -22.32 49.58
CA TYR L 141 -9.04 -23.11 50.77
C TYR L 141 -9.73 -22.52 51.98
N HIS L 142 -10.16 -21.27 51.92
CA HIS L 142 -10.80 -20.60 53.04
C HIS L 142 -12.19 -20.15 52.63
N LYS L 143 -13.15 -20.33 53.52
CA LYS L 143 -14.50 -19.84 53.28
C LYS L 143 -14.49 -18.32 53.28
N CYS L 144 -14.92 -17.73 52.17
CA CYS L 144 -14.96 -16.28 52.08
C CYS L 144 -16.17 -15.85 51.25
N ASP L 145 -16.81 -14.79 51.72
CA ASP L 145 -18.16 -14.41 51.30
C ASP L 145 -18.12 -13.44 50.12
N ASN L 146 -19.26 -12.79 49.86
CA ASN L 146 -19.36 -11.89 48.71
C ASN L 146 -18.41 -10.70 48.82
N THR L 147 -18.10 -10.27 50.04
CA THR L 147 -17.11 -9.21 50.22
C THR L 147 -15.74 -9.66 49.72
N CYS L 148 -15.37 -10.91 50.03
CA CYS L 148 -14.14 -11.49 49.53
C CYS L 148 -14.11 -11.54 48.00
N MET L 149 -15.21 -11.97 47.40
CA MET L 149 -15.26 -12.05 45.94
C MET L 149 -15.18 -10.67 45.31
N GLU L 150 -15.86 -9.69 45.90
CA GLU L 150 -15.78 -8.33 45.38
C GLU L 150 -14.38 -7.77 45.51
N SER L 151 -13.69 -8.10 46.61
CA SER L 151 -12.32 -7.64 46.80
C SER L 151 -11.39 -8.26 45.76
N VAL L 152 -11.52 -9.56 45.52
CA VAL L 152 -10.64 -10.21 44.55
C VAL L 152 -10.95 -9.72 43.13
N LYS L 153 -12.22 -9.41 42.84
CA LYS L 153 -12.56 -8.84 41.55
C LYS L 153 -11.97 -7.44 41.39
N ASN L 154 -12.04 -6.63 42.45
CA ASN L 154 -11.56 -5.25 42.39
C ASN L 154 -10.05 -5.17 42.28
N GLY L 155 -9.33 -6.00 43.03
CA GLY L 155 -7.88 -5.97 43.02
C GLY L 155 -7.29 -5.60 44.36
N THR L 156 -8.08 -5.79 45.43
CA THR L 156 -7.67 -5.42 46.77
C THR L 156 -7.85 -6.58 47.73
N TYR L 157 -7.54 -7.79 47.27
CA TYR L 157 -7.65 -8.97 48.12
C TYR L 157 -6.63 -8.91 49.24
N ASP L 158 -7.05 -9.28 50.44
CA ASP L 158 -6.23 -9.22 51.64
C ASP L 158 -5.72 -10.61 51.96
N TYR L 159 -4.52 -10.92 51.46
CA TYR L 159 -3.88 -12.22 51.69
C TYR L 159 -3.61 -12.51 53.16
N PRO L 160 -2.99 -11.60 53.94
CA PRO L 160 -2.72 -11.93 55.35
C PRO L 160 -3.97 -12.11 56.19
N LYS L 161 -5.11 -11.59 55.76
CA LYS L 161 -6.34 -11.76 56.51
C LYS L 161 -6.76 -13.22 56.56
N TYR L 162 -6.65 -13.92 55.45
CA TYR L 162 -7.12 -15.29 55.33
C TYR L 162 -6.00 -16.32 55.30
N SER L 163 -4.75 -15.89 55.48
CA SER L 163 -3.62 -16.81 55.33
C SER L 163 -3.66 -17.91 56.38
N GLU L 164 -3.88 -17.55 57.64
CA GLU L 164 -3.87 -18.54 58.72
C GLU L 164 -5.01 -19.54 58.54
N GLU L 165 -6.20 -19.05 58.22
CA GLU L 165 -7.35 -19.94 58.04
C GLU L 165 -7.14 -20.86 56.86
N ALA L 166 -6.56 -20.34 55.77
CA ALA L 166 -6.30 -21.17 54.60
C ALA L 166 -5.17 -22.16 54.84
N LYS L 167 -4.28 -21.88 55.79
CA LYS L 167 -3.14 -22.77 56.01
C LYS L 167 -3.58 -24.12 56.54
N LEU L 168 -4.47 -24.15 57.53
CA LEU L 168 -4.84 -25.42 58.14
C LEU L 168 -5.85 -26.20 57.31
N ASN L 169 -6.40 -25.60 56.25
CA ASN L 169 -7.20 -26.33 55.28
C ASN L 169 -6.39 -26.84 54.12
N ARG L 170 -5.09 -26.54 54.08
CA ARG L 170 -4.24 -26.94 52.97
C ARG L 170 -3.31 -28.09 53.38
#